data_3FLO
#
_entry.id   3FLO
#
_cell.length_a   85.411
_cell.length_b   142.633
_cell.length_c   175.255
_cell.angle_alpha   90.00
_cell.angle_beta   102.33
_cell.angle_gamma   90.00
#
_symmetry.space_group_name_H-M   'P 1 21 1'
#
loop_
_entity.id
_entity.type
_entity.pdbx_description
1 polymer 'DNA polymerase alpha subunit B'
2 polymer 'DNA polymerase alpha catalytic subunit A'
3 polymer 'DNA polymerase alpha catalytic subunit A'
4 non-polymer 'SULFATE ION'
5 non-polymer 'ZINC ION'
6 water water
#
loop_
_entity_poly.entity_id
_entity_poly.type
_entity_poly.pdbx_seq_one_letter_code
_entity_poly.pdbx_strand_id
1 'polypeptide(L)'
;KFRTMRQNLQEASDVLDDQIESFTKIIQNHYKLSPNDFADPTIQSQSEIYAVGRIVPDSPTYDKFLNPESLSLETSRMGG
VGRRVRLDLSQVNELSFFLGQIVAFKGKNANGDYFTVNSILPLPYPNSPVSTSQELQEFQANLEGSSLKVIVTCGPYFAN
DNFSLELLQEFIDSINNEVKPHVLIMFGPFIDITHPLIASGKLPNFPQFKTQPKTLDELFLKLFTPILKTISPHIQTVLI
PSTKDAISNHAAYPQASLIRKALQLPKRNFKCMANPSSFQINEIYFGCSNVDTFKDLKEVIKGGTTSSRYRLDRVSEHIL
QQRRYYPIFPGSIRTRIKPKDVSTKKETNDMESKEEKVYEHISGADLDVSYLGLTEFVGGFSPDIMIIPSELQHFARVVQ
NVVVINPGRFIRATGNRGSYAQITVQCPDLEDGKLTLVEGEEPVYLHNVWKRARVDLIAS
;
A,C,E,G
2 'polypeptide(L)' (UNK)(UNK)(UNK) I,J,K,L
3 'polypeptide(L)'
;NLQPLETTITDVERFKDTVTLELSCPSCDKRFPFGGIVSSNYYRVSYNGLQCKHCEQLFTPLQLTSQIEHSIRAHISLYY
AGWLQCDDSTCGIVTRQVSVFGKRCLNDGCTGVMRYKYSDKQLYNQLLYFDSLFDCEKNKKQELKPIYLPDDLDYPKEQL
TESSIKALTEQNRELMETGRSVVQKYLNDCGRRYVDMTSIFDFMLN
;
B,D,F,H
#
# COMPACT_ATOMS: atom_id res chain seq x y z
N ARG A 3 32.54 -14.17 -24.36
CA ARG A 3 31.76 -15.42 -24.03
C ARG A 3 31.19 -16.13 -25.28
N THR A 4 31.33 -17.46 -25.23
CA THR A 4 30.98 -18.35 -26.35
C THR A 4 29.51 -18.84 -26.24
N MET A 5 29.09 -19.69 -27.19
CA MET A 5 27.82 -20.43 -27.06
C MET A 5 28.02 -21.70 -26.23
N ARG A 6 28.04 -21.53 -24.92
CA ARG A 6 28.00 -22.66 -23.99
C ARG A 6 26.73 -22.50 -23.18
N GLN A 7 26.04 -23.61 -22.95
CA GLN A 7 25.00 -23.61 -21.97
C GLN A 7 25.40 -24.72 -21.04
N ASN A 8 25.47 -24.36 -19.74
CA ASN A 8 25.88 -25.22 -18.61
C ASN A 8 24.74 -25.20 -17.59
N LEU A 9 24.16 -26.36 -17.35
CA LEU A 9 23.00 -26.50 -16.48
C LEU A 9 23.27 -26.08 -15.01
N GLN A 10 24.44 -26.43 -14.48
CA GLN A 10 24.79 -26.10 -13.10
C GLN A 10 24.83 -24.60 -12.95
N GLU A 11 25.42 -23.94 -13.93
CA GLU A 11 25.63 -22.52 -13.89
C GLU A 11 24.31 -21.78 -14.07
N ALA A 12 23.45 -22.29 -14.94
CA ALA A 12 22.12 -21.71 -15.13
C ALA A 12 21.32 -21.84 -13.80
N SER A 13 21.38 -23.00 -13.19
CA SER A 13 20.69 -23.24 -11.98
C SER A 13 21.26 -22.34 -10.86
N ASP A 14 22.58 -22.16 -10.81
CA ASP A 14 23.17 -21.20 -9.86
C ASP A 14 22.48 -19.83 -9.96
N VAL A 15 22.32 -19.33 -11.18
CA VAL A 15 21.75 -18.01 -11.39
C VAL A 15 20.32 -17.98 -10.89
N LEU A 16 19.56 -19.04 -11.15
CA LEU A 16 18.17 -19.05 -10.74
C LEU A 16 18.11 -19.15 -9.21
N ASP A 17 19.02 -19.91 -8.61
CA ASP A 17 19.07 -19.98 -7.17
C ASP A 17 19.35 -18.59 -6.60
N ASP A 18 20.34 -17.89 -7.16
N ASP A 18 20.34 -17.88 -7.15
CA ASP A 18 20.78 -16.63 -6.61
CA ASP A 18 20.77 -16.59 -6.60
C ASP A 18 19.69 -15.54 -6.69
C ASP A 18 19.68 -15.54 -6.68
N GLN A 19 18.81 -15.61 -7.67
CA GLN A 19 17.73 -14.67 -7.71
C GLN A 19 16.87 -14.77 -6.42
N ILE A 20 16.59 -16.00 -6.01
CA ILE A 20 15.72 -16.21 -4.85
C ILE A 20 16.45 -15.70 -3.62
N GLU A 21 17.72 -16.04 -3.50
CA GLU A 21 18.49 -15.62 -2.32
C GLU A 21 18.66 -14.10 -2.25
N SER A 22 18.91 -13.43 -3.37
CA SER A 22 19.17 -12.01 -3.26
C SER A 22 17.86 -11.30 -2.88
N PHE A 23 16.71 -11.75 -3.38
CA PHE A 23 15.47 -11.14 -2.98
C PHE A 23 15.13 -11.42 -1.51
N THR A 24 15.58 -12.57 -1.00
CA THR A 24 15.37 -12.91 0.37
C THR A 24 16.05 -11.84 1.21
N LYS A 25 17.27 -11.45 0.87
CA LYS A 25 17.95 -10.35 1.60
C LYS A 25 17.26 -8.99 1.38
N ILE A 26 16.80 -8.67 0.17
CA ILE A 26 16.09 -7.41 -0.02
C ILE A 26 14.80 -7.32 0.85
N ILE A 27 14.06 -8.42 0.94
CA ILE A 27 12.85 -8.45 1.73
C ILE A 27 13.16 -8.30 3.24
N GLN A 28 14.18 -9.01 3.69
CA GLN A 28 14.56 -8.96 5.07
C GLN A 28 15.04 -7.57 5.51
N ASN A 29 15.86 -6.90 4.70
CA ASN A 29 16.23 -5.51 5.00
C ASN A 29 15.04 -4.55 4.91
N HIS A 30 14.24 -4.63 3.88
CA HIS A 30 13.17 -3.66 3.76
C HIS A 30 12.12 -3.73 4.90
N TYR A 31 11.68 -4.95 5.21
CA TYR A 31 10.66 -5.13 6.23
C TYR A 31 11.25 -5.38 7.63
N LYS A 32 12.58 -5.38 7.72
CA LYS A 32 13.27 -5.55 8.99
C LYS A 32 12.85 -6.85 9.68
N LEU A 33 12.95 -7.96 8.97
CA LEU A 33 12.62 -9.27 9.51
C LEU A 33 13.92 -10.03 9.75
N SER A 34 13.90 -10.95 10.69
CA SER A 34 15.08 -11.78 10.94
C SER A 34 14.96 -13.06 10.09
N PRO A 35 16.09 -13.63 9.66
CA PRO A 35 16.07 -14.90 8.92
C PRO A 35 15.34 -16.05 9.62
N ASN A 36 15.32 -16.04 10.96
CA ASN A 36 14.56 -17.00 11.74
C ASN A 36 13.06 -16.92 11.50
N ASP A 37 12.59 -15.81 10.94
CA ASP A 37 11.18 -15.71 10.56
C ASP A 37 10.90 -16.43 9.23
N PHE A 38 11.94 -16.79 8.48
CA PHE A 38 11.77 -17.51 7.21
C PHE A 38 11.98 -19.00 7.42
N ALA A 39 11.10 -19.79 6.83
CA ALA A 39 11.20 -21.23 6.96
C ALA A 39 10.76 -21.86 5.64
N ASP A 40 10.85 -23.18 5.61
CA ASP A 40 10.63 -23.96 4.44
C ASP A 40 9.13 -24.16 4.26
N PRO A 41 8.55 -23.58 3.20
CA PRO A 41 7.11 -23.70 2.98
C PRO A 41 6.69 -25.03 2.38
N THR A 42 7.65 -25.88 2.01
CA THR A 42 7.33 -27.11 1.32
C THR A 42 6.98 -28.19 2.34
N ILE A 43 7.23 -27.95 3.62
CA ILE A 43 6.87 -28.91 4.66
C ILE A 43 5.84 -28.35 5.68
N GLN A 44 5.17 -29.28 6.32
CA GLN A 44 4.16 -28.93 7.28
C GLN A 44 4.70 -28.19 8.50
N SER A 45 4.00 -27.15 8.89
CA SER A 45 4.26 -26.52 10.18
C SER A 45 2.93 -26.15 10.85
N GLN A 46 3.00 -25.91 12.15
CA GLN A 46 1.83 -25.46 12.90
C GLN A 46 1.75 -23.93 12.82
N SER A 47 2.90 -23.31 12.54
CA SER A 47 3.07 -21.88 12.64
C SER A 47 3.10 -21.21 11.25
N GLU A 48 2.60 -19.97 11.20
CA GLU A 48 2.69 -19.11 10.03
C GLU A 48 4.16 -18.73 9.86
N ILE A 49 4.60 -18.68 8.60
CA ILE A 49 5.99 -18.40 8.28
C ILE A 49 6.06 -17.40 7.12
N TYR A 50 7.22 -16.77 6.98
CA TYR A 50 7.49 -16.01 5.75
C TYR A 50 8.28 -16.90 4.83
N ALA A 51 7.99 -16.79 3.52
CA ALA A 51 8.68 -17.58 2.50
C ALA A 51 8.87 -16.76 1.22
N VAL A 52 10.00 -16.99 0.53
CA VAL A 52 10.34 -16.31 -0.72
C VAL A 52 10.64 -17.39 -1.73
N GLY A 53 10.17 -17.21 -2.95
CA GLY A 53 10.43 -18.22 -3.98
C GLY A 53 10.10 -17.76 -5.38
N ARG A 54 10.18 -18.67 -6.32
CA ARG A 54 9.87 -18.34 -7.71
C ARG A 54 8.53 -18.96 -8.08
N ILE A 55 7.69 -18.17 -8.72
CA ILE A 55 6.46 -18.70 -9.28
C ILE A 55 6.76 -19.64 -10.46
N VAL A 56 6.33 -20.89 -10.30
CA VAL A 56 6.46 -21.90 -11.34
C VAL A 56 5.11 -22.62 -11.52
N PRO A 57 4.93 -23.30 -12.65
CA PRO A 57 3.71 -24.08 -12.83
C PRO A 57 3.72 -25.25 -11.91
N ASP A 58 2.55 -25.79 -11.57
CA ASP A 58 2.56 -26.92 -10.68
C ASP A 58 2.83 -28.28 -11.37
N SER A 59 2.85 -28.35 -12.69
CA SER A 59 3.48 -29.47 -13.40
C SER A 59 4.50 -28.98 -14.41
N PRO A 60 5.60 -29.73 -14.59
CA PRO A 60 6.69 -29.31 -15.49
C PRO A 60 6.31 -29.41 -16.98
N THR A 61 5.30 -30.22 -17.28
CA THR A 61 4.72 -30.28 -18.61
C THR A 61 3.30 -29.71 -18.54
N TYR A 62 3.18 -28.40 -18.62
CA TYR A 62 1.92 -27.72 -18.26
C TYR A 62 1.22 -27.13 -19.47
N ASP A 63 -0.12 -27.15 -19.41
CA ASP A 63 -1.04 -26.37 -20.27
C ASP A 63 -0.60 -24.93 -20.56
N LYS A 64 -0.87 -24.46 -21.77
CA LYS A 64 -0.50 -23.06 -22.15
C LYS A 64 -1.11 -22.03 -21.17
N PHE A 65 -2.33 -22.32 -20.69
CA PHE A 65 -3.16 -21.37 -19.90
C PHE A 65 -3.30 -21.73 -18.40
N LEU A 66 -2.64 -20.92 -17.58
CA LEU A 66 -2.53 -21.10 -16.15
C LEU A 66 -3.62 -20.35 -15.42
N ASN A 67 -3.89 -20.74 -14.20
CA ASN A 67 -4.86 -20.02 -13.40
C ASN A 67 -4.39 -20.03 -11.95
N PRO A 68 -5.13 -19.37 -11.05
CA PRO A 68 -4.69 -19.31 -9.63
C PRO A 68 -4.72 -20.63 -8.89
N GLU A 69 -5.21 -21.69 -9.51
CA GLU A 69 -5.23 -23.00 -8.87
C GLU A 69 -4.14 -23.92 -9.41
N SER A 70 -3.26 -23.42 -10.27
CA SER A 70 -2.30 -24.32 -10.94
C SER A 70 -0.87 -23.75 -10.90
N LEU A 71 -0.53 -23.11 -9.78
CA LEU A 71 0.77 -22.50 -9.57
C LEU A 71 1.46 -23.12 -8.36
N SER A 72 2.79 -23.13 -8.39
CA SER A 72 3.60 -23.56 -7.25
C SER A 72 4.67 -22.52 -6.97
N LEU A 73 5.29 -22.66 -5.82
CA LEU A 73 6.39 -21.82 -5.40
C LEU A 73 7.62 -22.69 -5.33
N GLU A 74 8.67 -22.25 -5.99
CA GLU A 74 9.95 -22.94 -5.91
C GLU A 74 10.80 -22.24 -4.88
N THR A 75 11.39 -23.04 -3.99
CA THR A 75 12.31 -22.53 -2.97
C THR A 75 13.81 -22.60 -3.43
N SER A 76 14.66 -21.81 -2.78
CA SER A 76 16.08 -21.85 -3.03
C SER A 76 16.64 -23.12 -2.46
N ARG A 77 17.92 -23.36 -2.76
CA ARG A 77 18.57 -24.58 -2.32
C ARG A 77 18.69 -24.61 -0.80
N MET A 78 18.97 -23.46 -0.18
CA MET A 78 19.06 -23.39 1.28
C MET A 78 17.68 -23.32 1.95
N GLY A 79 16.75 -22.65 1.29
CA GLY A 79 15.42 -22.42 1.84
C GLY A 79 14.61 -23.68 1.99
N GLY A 80 14.54 -24.50 0.94
CA GLY A 80 13.74 -25.74 0.98
C GLY A 80 14.31 -26.88 0.13
N VAL A 81 15.64 -26.94 0.05
CA VAL A 81 16.34 -27.94 -0.74
C VAL A 81 15.78 -27.92 -2.16
N GLY A 82 15.44 -26.72 -2.64
CA GLY A 82 14.94 -26.55 -3.96
C GLY A 82 13.58 -27.13 -4.26
N ARG A 83 12.91 -27.66 -3.26
CA ARG A 83 11.57 -28.24 -3.49
C ARG A 83 10.55 -27.20 -3.94
N ARG A 84 9.54 -27.69 -4.66
CA ARG A 84 8.45 -26.84 -5.15
C ARG A 84 7.18 -27.24 -4.44
N VAL A 85 6.36 -26.29 -4.02
CA VAL A 85 5.13 -26.61 -3.31
C VAL A 85 3.93 -25.89 -3.94
N ARG A 86 2.84 -26.62 -4.15
CA ARG A 86 1.61 -26.01 -4.67
C ARG A 86 1.11 -24.86 -3.82
N LEU A 87 0.62 -23.83 -4.48
CA LEU A 87 0.11 -22.65 -3.81
C LEU A 87 -1.39 -22.72 -3.67
N ASP A 88 -1.87 -22.48 -2.46
CA ASP A 88 -3.30 -22.30 -2.19
C ASP A 88 -3.51 -20.80 -2.07
N LEU A 89 -4.14 -20.21 -3.09
CA LEU A 89 -4.35 -18.76 -3.14
C LEU A 89 -5.81 -18.37 -2.80
N SER A 90 -6.55 -19.26 -2.17
CA SER A 90 -7.96 -19.02 -1.93
C SER A 90 -8.26 -17.92 -0.89
N GLN A 91 -7.31 -17.65 0.00
CA GLN A 91 -7.49 -16.61 1.04
C GLN A 91 -6.98 -15.25 0.58
N VAL A 92 -6.61 -15.13 -0.69
CA VAL A 92 -6.05 -13.91 -1.21
C VAL A 92 -6.88 -13.44 -2.41
N ASN A 93 -7.53 -12.29 -2.26
CA ASN A 93 -8.49 -11.82 -3.25
C ASN A 93 -7.90 -11.03 -4.44
N GLU A 94 -6.71 -10.46 -4.25
CA GLU A 94 -6.11 -9.58 -5.27
C GLU A 94 -4.68 -9.98 -5.53
N LEU A 95 -4.39 -10.34 -6.79
CA LEU A 95 -3.03 -10.73 -7.14
C LEU A 95 -2.76 -10.70 -8.63
N SER A 96 -1.50 -10.52 -8.96
CA SER A 96 -1.01 -10.70 -10.31
C SER A 96 0.32 -11.45 -10.30
N PHE A 97 0.33 -12.68 -10.79
CA PHE A 97 1.57 -13.45 -10.86
C PHE A 97 1.93 -13.84 -12.30
N PHE A 98 3.19 -14.14 -12.50
CA PHE A 98 3.69 -14.66 -13.79
C PHE A 98 4.84 -15.63 -13.60
N LEU A 99 5.02 -16.52 -14.57
CA LEU A 99 6.10 -17.52 -14.48
C LEU A 99 7.50 -16.88 -14.49
N GLY A 100 8.26 -17.16 -13.43
CA GLY A 100 9.60 -16.58 -13.22
C GLY A 100 9.67 -15.46 -12.19
N GLN A 101 8.52 -14.97 -11.79
CA GLN A 101 8.43 -13.96 -10.76
C GLN A 101 8.97 -14.46 -9.45
N ILE A 102 9.80 -13.65 -8.82
CA ILE A 102 10.22 -13.90 -7.45
C ILE A 102 9.23 -13.20 -6.53
N VAL A 103 8.73 -13.92 -5.52
CA VAL A 103 7.68 -13.37 -4.63
C VAL A 103 7.97 -13.70 -3.20
N ALA A 104 7.36 -12.93 -2.31
CA ALA A 104 7.49 -13.12 -0.85
C ALA A 104 6.08 -13.26 -0.26
N PHE A 105 5.90 -14.31 0.57
CA PHE A 105 4.62 -14.57 1.21
C PHE A 105 4.70 -14.71 2.71
N LYS A 106 3.57 -14.43 3.35
CA LYS A 106 3.30 -14.86 4.72
C LYS A 106 2.20 -15.90 4.64
N GLY A 107 2.43 -17.08 5.20
CA GLY A 107 1.45 -18.15 5.10
C GLY A 107 1.82 -19.40 5.85
N LYS A 108 1.15 -20.49 5.53
CA LYS A 108 1.30 -21.73 6.28
C LYS A 108 1.02 -22.94 5.41
N ASN A 109 1.86 -23.97 5.55
CA ASN A 109 1.56 -25.29 5.02
C ASN A 109 0.94 -26.13 6.16
N ALA A 110 -0.39 -26.20 6.19
CA ALA A 110 -1.13 -26.78 7.33
C ALA A 110 -1.02 -28.29 7.37
N ASN A 111 -1.04 -28.93 6.21
CA ASN A 111 -1.16 -30.36 6.12
C ASN A 111 -0.09 -31.10 5.27
N GLY A 112 0.84 -30.36 4.66
CA GLY A 112 1.98 -30.97 4.00
C GLY A 112 1.98 -30.82 2.50
N ASP A 113 0.79 -30.78 1.89
CA ASP A 113 0.74 -30.75 0.43
C ASP A 113 0.37 -29.43 -0.27
N TYR A 114 0.17 -28.35 0.48
CA TYR A 114 -0.17 -27.04 -0.09
C TYR A 114 0.37 -25.95 0.83
N PHE A 115 0.75 -24.82 0.28
CA PHE A 115 1.10 -23.66 1.09
C PHE A 115 0.00 -22.65 0.91
N THR A 116 -0.70 -22.32 2.01
CA THR A 116 -1.77 -21.34 1.95
C THR A 116 -1.20 -19.97 2.16
N VAL A 117 -1.40 -19.09 1.18
CA VAL A 117 -0.94 -17.70 1.27
C VAL A 117 -1.97 -16.88 2.05
N ASN A 118 -1.50 -16.31 3.16
CA ASN A 118 -2.30 -15.37 3.94
C ASN A 118 -2.03 -13.91 3.53
N SER A 119 -0.80 -13.54 3.25
CA SER A 119 -0.57 -12.21 2.66
C SER A 119 0.63 -12.23 1.73
N ILE A 120 0.62 -11.28 0.81
CA ILE A 120 1.71 -11.11 -0.15
C ILE A 120 2.53 -9.95 0.38
N LEU A 121 3.80 -10.15 0.66
CA LEU A 121 4.67 -9.01 0.98
C LEU A 121 5.18 -8.40 -0.34
N PRO A 122 4.68 -7.22 -0.74
CA PRO A 122 5.14 -6.64 -2.03
C PRO A 122 6.65 -6.36 -1.97
N LEU A 123 7.34 -6.70 -3.05
CA LEU A 123 8.74 -6.34 -3.20
C LEU A 123 8.83 -4.81 -3.32
N PRO A 124 9.83 -4.23 -2.67
CA PRO A 124 9.93 -2.77 -2.66
C PRO A 124 10.51 -2.27 -3.95
N TYR A 125 10.10 -1.09 -4.37
CA TYR A 125 10.62 -0.48 -5.59
C TYR A 125 12.05 -0.08 -5.37
N PRO A 126 12.92 -0.29 -6.37
CA PRO A 126 14.32 0.13 -6.23
C PRO A 126 14.47 1.65 -6.15
N ASN A 127 15.56 2.08 -5.54
CA ASN A 127 15.87 3.50 -5.41
C ASN A 127 16.12 4.18 -6.74
N SER A 128 15.92 5.48 -6.77
CA SER A 128 16.18 6.28 -7.92
C SER A 128 17.56 6.90 -7.82
N PRO A 129 18.21 7.09 -8.97
CA PRO A 129 19.50 7.78 -8.95
C PRO A 129 19.39 9.24 -8.53
N VAL A 130 20.49 9.76 -8.01
CA VAL A 130 20.57 11.13 -7.56
C VAL A 130 21.81 11.81 -8.13
N SER A 131 21.86 13.13 -8.04
CA SER A 131 22.99 13.91 -8.55
C SER A 131 23.34 15.03 -7.60
N THR A 132 24.60 15.45 -7.65
CA THR A 132 25.04 16.56 -6.83
C THR A 132 24.66 17.85 -7.53
N SER A 133 24.65 18.94 -6.77
CA SER A 133 24.35 20.27 -7.31
C SER A 133 25.35 20.67 -8.39
N GLN A 134 26.64 20.45 -8.16
CA GLN A 134 27.66 20.69 -9.21
C GLN A 134 27.36 19.96 -10.51
N GLU A 135 27.01 18.68 -10.42
CA GLU A 135 26.78 17.92 -11.65
C GLU A 135 25.59 18.49 -12.41
N LEU A 136 24.55 18.87 -11.68
CA LEU A 136 23.33 19.37 -12.29
C LEU A 136 23.56 20.75 -12.92
N GLN A 137 24.44 21.55 -12.32
CA GLN A 137 24.81 22.83 -12.90
C GLN A 137 25.58 22.71 -14.22
N GLU A 138 26.48 21.72 -14.31
CA GLU A 138 27.20 21.45 -15.57
C GLU A 138 26.20 21.07 -16.67
N PHE A 139 25.34 20.12 -16.35
CA PHE A 139 24.27 19.72 -17.25
C PHE A 139 23.45 20.93 -17.70
N GLN A 140 23.16 21.82 -16.77
CA GLN A 140 22.46 23.07 -17.10
C GLN A 140 23.25 23.92 -18.11
N ALA A 141 24.57 24.04 -17.90
CA ALA A 141 25.44 24.74 -18.84
C ALA A 141 25.53 24.02 -20.22
N ASN A 142 25.64 22.69 -20.25
CA ASN A 142 25.68 21.96 -21.52
C ASN A 142 24.61 22.43 -22.48
N LEU A 143 23.40 22.56 -21.95
CA LEU A 143 22.21 22.76 -22.78
C LEU A 143 21.99 24.23 -23.12
N GLU A 144 22.72 25.12 -22.47
CA GLU A 144 22.63 26.53 -22.81
C GLU A 144 21.17 27.02 -22.68
N GLY A 145 20.57 26.80 -21.50
CA GLY A 145 19.15 27.09 -21.28
C GLY A 145 18.20 26.02 -21.83
N SER A 146 18.14 25.91 -23.17
CA SER A 146 17.22 24.99 -23.90
C SER A 146 17.04 23.55 -23.37
N SER A 147 16.01 22.89 -23.86
CA SER A 147 15.61 21.57 -23.37
C SER A 147 16.33 20.42 -24.05
N LEU A 148 16.37 19.27 -23.37
CA LEU A 148 17.03 18.11 -23.87
C LEU A 148 16.05 17.34 -24.77
N LYS A 149 16.52 16.95 -25.96
CA LYS A 149 15.71 16.23 -26.92
C LYS A 149 16.38 14.91 -27.26
N VAL A 150 15.63 13.83 -27.12
CA VAL A 150 16.10 12.52 -27.42
C VAL A 150 15.03 11.85 -28.28
N ILE A 151 15.45 11.30 -29.42
CA ILE A 151 14.51 10.63 -30.30
C ILE A 151 14.80 9.14 -30.20
N VAL A 152 13.75 8.32 -30.26
CA VAL A 152 13.92 6.88 -30.13
C VAL A 152 13.14 6.16 -31.20
N THR A 153 13.82 5.26 -31.92
CA THR A 153 13.17 4.47 -32.97
C THR A 153 13.44 3.02 -32.76
N CYS A 154 12.62 2.19 -33.36
N CYS A 154 12.61 2.20 -33.37
CA CYS A 154 12.80 0.78 -33.23
CA CYS A 154 12.70 0.76 -33.22
C CYS A 154 12.41 0.08 -34.51
C CYS A 154 12.42 0.10 -34.55
N GLY A 155 13.23 -0.89 -34.91
CA GLY A 155 13.00 -1.59 -36.13
C GLY A 155 11.79 -2.47 -36.00
N PRO A 156 11.35 -3.09 -37.10
CA PRO A 156 11.97 -3.06 -38.45
C PRO A 156 11.88 -1.68 -39.09
N TYR A 157 12.80 -1.40 -40.01
CA TYR A 157 12.86 -0.12 -40.73
C TYR A 157 12.41 -0.20 -42.17
N PHE A 158 12.34 -1.43 -42.69
CA PHE A 158 11.69 -1.64 -43.97
C PHE A 158 10.56 -2.66 -43.92
N ALA A 159 9.64 -2.53 -44.84
CA ALA A 159 8.48 -3.37 -44.91
C ALA A 159 8.82 -4.83 -45.32
N ASN A 160 7.80 -5.68 -45.29
CA ASN A 160 7.95 -7.11 -45.57
C ASN A 160 8.08 -7.47 -47.06
N ASP A 161 7.59 -6.60 -47.92
CA ASP A 161 7.57 -6.92 -49.32
C ASP A 161 8.51 -6.04 -50.19
N ASN A 162 9.44 -5.30 -49.58
CA ASN A 162 10.40 -4.54 -50.33
C ASN A 162 11.60 -4.14 -49.49
N PHE A 163 12.51 -3.32 -50.02
CA PHE A 163 13.72 -2.92 -49.31
C PHE A 163 13.84 -1.41 -49.25
N SER A 164 12.69 -0.75 -49.25
CA SER A 164 12.66 0.70 -49.22
C SER A 164 12.94 1.23 -47.84
N LEU A 165 13.85 2.21 -47.80
CA LEU A 165 14.19 3.00 -46.61
C LEU A 165 13.83 4.44 -46.90
N GLU A 166 12.92 4.65 -47.84
CA GLU A 166 12.45 5.99 -48.15
C GLU A 166 11.88 6.74 -46.92
N LEU A 167 11.14 6.01 -46.11
CA LEU A 167 10.56 6.58 -44.86
C LEU A 167 11.66 6.97 -43.87
N LEU A 168 12.63 6.11 -43.68
CA LEU A 168 13.81 6.45 -42.86
C LEU A 168 14.53 7.69 -43.39
N GLN A 169 14.64 7.83 -44.73
CA GLN A 169 15.30 9.02 -45.30
C GLN A 169 14.52 10.30 -44.99
N GLU A 170 13.22 10.23 -45.18
CA GLU A 170 12.32 11.31 -44.82
C GLU A 170 12.51 11.70 -43.33
N PHE A 171 12.53 10.70 -42.46
CA PHE A 171 12.74 10.87 -41.02
C PHE A 171 14.09 11.54 -40.74
N ILE A 172 15.18 11.00 -41.32
CA ILE A 172 16.52 11.60 -41.12
C ILE A 172 16.54 13.09 -41.55
N ASP A 173 15.79 13.43 -42.59
CA ASP A 173 15.83 14.79 -43.07
C ASP A 173 15.16 15.70 -42.06
N SER A 174 14.11 15.16 -41.48
CA SER A 174 13.37 15.84 -40.47
C SER A 174 14.13 16.10 -39.18
N ILE A 175 14.84 15.09 -38.70
CA ILE A 175 15.64 15.29 -37.50
C ILE A 175 16.85 16.17 -37.73
N ASN A 176 17.52 16.03 -38.88
CA ASN A 176 18.65 16.88 -39.21
C ASN A 176 18.25 18.36 -39.30
N ASN A 177 17.14 18.64 -39.96
CA ASN A 177 16.84 20.03 -40.35
C ASN A 177 15.66 20.68 -39.61
N GLU A 178 14.91 19.92 -38.82
CA GLU A 178 13.79 20.52 -38.07
C GLU A 178 13.83 20.21 -36.58
N VAL A 179 13.84 18.94 -36.22
CA VAL A 179 13.73 18.54 -34.83
C VAL A 179 15.05 18.79 -34.09
N LYS A 180 16.17 18.41 -34.66
CA LYS A 180 17.51 18.72 -34.13
C LYS A 180 17.70 18.23 -32.71
N PRO A 181 17.53 16.92 -32.48
CA PRO A 181 17.64 16.43 -31.13
C PRO A 181 19.09 16.30 -30.76
N HIS A 182 19.38 16.14 -29.47
CA HIS A 182 20.72 15.87 -29.00
C HIS A 182 21.19 14.43 -29.19
N VAL A 183 20.27 13.48 -29.09
CA VAL A 183 20.65 12.08 -29.14
C VAL A 183 19.55 11.31 -29.87
N LEU A 184 19.95 10.32 -30.66
CA LEU A 184 18.99 9.43 -31.29
C LEU A 184 19.30 7.99 -30.89
N ILE A 185 18.30 7.29 -30.41
CA ILE A 185 18.51 5.92 -29.98
C ILE A 185 17.76 5.06 -30.93
N MET A 186 18.46 4.13 -31.59
CA MET A 186 17.84 3.28 -32.58
C MET A 186 17.98 1.83 -32.15
N PHE A 187 16.85 1.15 -31.98
CA PHE A 187 16.84 -0.26 -31.65
C PHE A 187 16.67 -1.10 -32.90
N GLY A 188 17.38 -2.20 -32.98
CA GLY A 188 17.15 -3.19 -33.99
C GLY A 188 15.80 -3.89 -33.82
N PRO A 189 15.45 -4.79 -34.74
CA PRO A 189 16.31 -5.30 -35.84
C PRO A 189 16.48 -4.32 -36.98
N PHE A 190 17.69 -4.29 -37.57
CA PHE A 190 17.98 -3.51 -38.77
C PHE A 190 17.73 -4.41 -39.97
N ILE A 191 18.50 -5.49 -40.13
CA ILE A 191 18.15 -6.57 -41.04
C ILE A 191 17.64 -7.69 -40.17
N ASP A 192 16.33 -7.87 -40.18
CA ASP A 192 15.68 -8.89 -39.37
C ASP A 192 15.78 -10.21 -40.07
N ILE A 193 16.45 -11.16 -39.42
CA ILE A 193 16.63 -12.51 -39.97
C ILE A 193 15.34 -13.27 -40.25
N THR A 194 14.23 -12.80 -39.67
CA THR A 194 12.92 -13.45 -39.87
C THR A 194 12.09 -12.66 -40.85
N HIS A 195 12.61 -11.57 -41.40
CA HIS A 195 11.93 -10.93 -42.53
C HIS A 195 11.66 -12.01 -43.60
N PRO A 196 10.43 -12.06 -44.11
CA PRO A 196 10.06 -13.19 -44.96
C PRO A 196 10.83 -13.34 -46.28
N LEU A 197 11.31 -12.25 -46.86
CA LEU A 197 12.13 -12.37 -48.06
C LEU A 197 13.54 -12.85 -47.68
N ILE A 198 14.05 -12.37 -46.55
CA ILE A 198 15.37 -12.81 -46.04
C ILE A 198 15.27 -14.27 -45.69
N ALA A 199 14.22 -14.63 -44.98
CA ALA A 199 14.01 -16.02 -44.56
C ALA A 199 13.93 -16.91 -45.73
N SER A 200 13.19 -16.55 -46.77
CA SER A 200 13.02 -17.47 -47.90
C SER A 200 14.18 -17.40 -48.91
N GLY A 201 15.11 -16.46 -48.74
CA GLY A 201 16.15 -16.25 -49.75
C GLY A 201 15.70 -15.57 -51.03
N LYS A 202 14.50 -15.00 -51.03
CA LYS A 202 13.98 -14.29 -52.22
C LYS A 202 14.57 -12.91 -52.18
N LEU A 203 15.86 -12.81 -52.41
CA LEU A 203 16.54 -11.54 -52.39
C LEU A 203 16.90 -11.13 -53.84
N PRO A 204 16.50 -9.92 -54.21
CA PRO A 204 16.65 -9.49 -55.57
C PRO A 204 18.00 -8.86 -55.84
N ASN A 205 18.24 -8.68 -57.13
CA ASN A 205 19.30 -7.86 -57.62
C ASN A 205 18.99 -6.41 -57.33
N PHE A 206 19.95 -5.69 -56.79
CA PHE A 206 19.78 -4.24 -56.51
C PHE A 206 20.48 -3.39 -57.56
N PRO A 207 19.70 -2.77 -58.44
CA PRO A 207 20.35 -2.02 -59.51
C PRO A 207 21.05 -0.75 -59.05
N GLN A 208 20.81 -0.32 -57.82
CA GLN A 208 21.39 0.90 -57.31
C GLN A 208 22.69 0.63 -56.56
N PHE A 209 23.17 -0.63 -56.60
CA PHE A 209 24.46 -0.99 -56.05
C PHE A 209 25.37 -1.44 -57.20
N LYS A 210 26.58 -0.91 -57.25
CA LYS A 210 27.48 -1.28 -58.29
C LYS A 210 27.86 -2.77 -58.15
N THR A 211 28.20 -3.21 -56.94
CA THR A 211 28.51 -4.59 -56.68
C THR A 211 27.49 -5.08 -55.66
N GLN A 212 26.84 -6.18 -56.02
CA GLN A 212 25.83 -6.81 -55.25
C GLN A 212 26.44 -7.37 -53.98
N PRO A 213 25.71 -7.28 -52.88
CA PRO A 213 26.11 -7.94 -51.66
C PRO A 213 26.05 -9.45 -51.78
N LYS A 214 26.97 -10.15 -51.13
CA LYS A 214 27.00 -11.62 -51.19
C LYS A 214 26.47 -12.25 -49.89
N THR A 215 26.33 -11.42 -48.85
CA THR A 215 25.92 -11.91 -47.51
C THR A 215 25.01 -10.91 -46.86
N LEU A 216 24.32 -11.29 -45.80
CA LEU A 216 23.47 -10.28 -45.13
C LEU A 216 24.30 -9.16 -44.49
N ASP A 217 25.50 -9.45 -44.00
CA ASP A 217 26.40 -8.39 -43.47
C ASP A 217 26.69 -7.39 -44.55
N GLU A 218 27.01 -7.86 -45.76
CA GLU A 218 27.21 -6.91 -46.90
C GLU A 218 25.94 -6.18 -47.28
N LEU A 219 24.79 -6.85 -47.15
CA LEU A 219 23.56 -6.14 -47.44
C LEU A 219 23.39 -4.95 -46.49
N PHE A 220 23.74 -5.12 -45.20
CA PHE A 220 23.69 -3.97 -44.28
C PHE A 220 24.63 -2.86 -44.76
N LEU A 221 25.87 -3.20 -45.12
CA LEU A 221 26.81 -2.13 -45.51
C LEU A 221 26.33 -1.37 -46.73
N LYS A 222 25.65 -2.02 -47.65
CA LYS A 222 25.19 -1.33 -48.86
C LYS A 222 23.85 -0.66 -48.71
N LEU A 223 23.01 -1.19 -47.84
CA LEU A 223 21.64 -0.65 -47.67
C LEU A 223 21.51 0.35 -46.53
N PHE A 224 22.05 0.06 -45.35
CA PHE A 224 21.84 0.92 -44.18
C PHE A 224 22.95 1.93 -43.99
N THR A 225 24.19 1.49 -44.10
CA THR A 225 25.29 2.37 -43.77
C THR A 225 25.23 3.71 -44.51
N PRO A 226 24.97 3.71 -45.81
CA PRO A 226 24.99 5.00 -46.50
C PRO A 226 23.90 5.94 -46.07
N ILE A 227 22.78 5.39 -45.64
CA ILE A 227 21.69 6.21 -45.17
C ILE A 227 21.94 6.68 -43.70
N LEU A 228 22.39 5.76 -42.84
CA LEU A 228 22.73 6.14 -41.47
C LEU A 228 23.82 7.20 -41.45
N LYS A 229 24.81 7.07 -42.33
CA LYS A 229 25.90 8.06 -42.43
C LYS A 229 25.39 9.50 -42.62
N THR A 230 24.17 9.68 -43.10
CA THR A 230 23.64 11.00 -43.36
C THR A 230 23.04 11.64 -42.14
N ILE A 231 22.94 10.92 -41.01
CA ILE A 231 22.50 11.56 -39.78
C ILE A 231 23.51 12.59 -39.36
N SER A 232 23.05 13.77 -38.98
CA SER A 232 23.96 14.87 -38.64
C SER A 232 24.96 14.46 -37.56
N PRO A 233 26.22 14.85 -37.74
CA PRO A 233 27.24 14.55 -36.73
C PRO A 233 26.96 15.22 -35.39
N HIS A 234 26.09 16.21 -35.37
CA HIS A 234 25.71 16.86 -34.12
C HIS A 234 24.76 16.05 -33.28
N ILE A 235 24.11 15.08 -33.89
CA ILE A 235 23.18 14.19 -33.22
C ILE A 235 23.90 12.90 -32.85
N GLN A 236 24.16 12.67 -31.57
CA GLN A 236 24.79 11.43 -31.19
C GLN A 236 23.80 10.29 -31.38
N THR A 237 24.25 9.21 -32.00
CA THR A 237 23.35 8.13 -32.37
C THR A 237 23.80 6.83 -31.76
N VAL A 238 22.87 6.18 -31.04
CA VAL A 238 23.16 4.98 -30.31
C VAL A 238 22.42 3.85 -30.93
N LEU A 239 23.11 2.74 -31.22
CA LEU A 239 22.47 1.57 -31.80
C LEU A 239 22.45 0.43 -30.76
N ILE A 240 21.29 -0.16 -30.59
CA ILE A 240 21.11 -1.28 -29.71
C ILE A 240 20.46 -2.39 -30.51
N PRO A 241 21.06 -3.57 -30.47
CA PRO A 241 20.60 -4.64 -31.31
C PRO A 241 19.42 -5.39 -30.78
N SER A 242 18.89 -6.28 -31.64
CA SER A 242 17.93 -7.32 -31.30
C SER A 242 18.59 -8.67 -31.55
N THR A 243 18.12 -9.70 -30.89
CA THR A 243 18.64 -11.03 -31.14
C THR A 243 18.16 -11.52 -32.52
N LYS A 244 17.27 -10.78 -33.17
CA LYS A 244 16.89 -11.06 -34.54
C LYS A 244 17.77 -10.33 -35.60
N ASP A 245 18.72 -9.53 -35.15
CA ASP A 245 19.60 -8.83 -36.08
C ASP A 245 20.56 -9.77 -36.76
N ALA A 246 20.39 -9.93 -38.08
CA ALA A 246 21.32 -10.70 -38.91
C ALA A 246 22.75 -10.23 -38.77
N ILE A 247 22.93 -8.91 -38.59
CA ILE A 247 24.26 -8.33 -38.42
C ILE A 247 24.95 -8.68 -37.08
N SER A 248 24.21 -9.11 -36.05
CA SER A 248 24.84 -9.58 -34.84
C SER A 248 25.22 -11.03 -34.98
N ASN A 249 26.38 -11.40 -34.44
CA ASN A 249 26.72 -12.81 -34.30
C ASN A 249 26.58 -13.34 -32.90
N HIS A 250 25.75 -12.68 -32.09
N HIS A 250 25.81 -12.64 -32.09
CA HIS A 250 25.49 -13.07 -30.68
CA HIS A 250 25.50 -13.06 -30.72
C HIS A 250 24.00 -13.03 -30.51
C HIS A 250 23.99 -13.00 -30.59
N ALA A 251 23.34 -14.15 -30.82
CA ALA A 251 21.90 -14.20 -30.92
C ALA A 251 21.25 -14.74 -29.65
N ALA A 252 21.74 -14.31 -28.50
CA ALA A 252 21.11 -14.58 -27.19
C ALA A 252 21.00 -13.27 -26.38
N TYR A 253 19.94 -13.14 -25.60
CA TYR A 253 19.82 -12.06 -24.58
C TYR A 253 20.38 -12.55 -23.24
N PRO A 254 21.26 -11.79 -22.60
CA PRO A 254 21.79 -10.49 -23.00
C PRO A 254 22.79 -10.59 -24.16
N GLN A 255 22.81 -9.57 -24.99
CA GLN A 255 23.43 -9.59 -26.28
C GLN A 255 24.53 -8.53 -26.25
N ALA A 256 25.77 -8.93 -26.61
CA ALA A 256 26.89 -8.03 -26.80
C ALA A 256 26.58 -6.92 -27.82
N SER A 257 27.22 -5.78 -27.67
CA SER A 257 26.97 -4.69 -28.60
C SER A 257 27.52 -5.01 -29.98
N LEU A 258 26.94 -4.38 -30.99
CA LEU A 258 27.49 -4.45 -32.34
C LEU A 258 28.87 -3.77 -32.39
N ILE A 259 29.67 -4.10 -33.39
CA ILE A 259 30.97 -3.53 -33.56
C ILE A 259 30.87 -2.43 -34.62
N ARG A 260 30.99 -1.19 -34.16
CA ARG A 260 30.78 -0.05 -35.02
C ARG A 260 31.67 -0.04 -36.29
N LYS A 261 32.95 -0.36 -36.15
CA LYS A 261 33.87 -0.35 -37.30
C LYS A 261 33.39 -1.34 -38.36
N ALA A 262 32.90 -2.49 -37.93
CA ALA A 262 32.42 -3.51 -38.82
C ALA A 262 31.22 -2.98 -39.60
N LEU A 263 30.42 -2.11 -38.99
CA LEU A 263 29.27 -1.54 -39.70
C LEU A 263 29.68 -0.33 -40.56
N GLN A 264 30.96 0.04 -40.47
CA GLN A 264 31.51 1.15 -41.26
C GLN A 264 30.80 2.42 -40.99
N LEU A 265 30.37 2.60 -39.74
CA LEU A 265 29.74 3.85 -39.30
C LEU A 265 30.81 4.73 -38.65
N PRO A 266 30.74 6.04 -38.86
CA PRO A 266 31.70 6.97 -38.34
C PRO A 266 31.72 7.18 -36.83
N LYS A 267 32.93 7.19 -36.27
CA LYS A 267 33.20 7.44 -34.87
C LYS A 267 32.65 8.79 -34.38
N ARG A 268 32.56 9.77 -35.27
CA ARG A 268 32.13 11.12 -34.92
C ARG A 268 30.79 11.15 -34.20
N ASN A 269 29.86 10.24 -34.49
CA ASN A 269 28.58 10.30 -33.84
C ASN A 269 27.84 8.99 -33.63
N PHE A 270 28.46 7.84 -33.82
CA PHE A 270 27.76 6.57 -33.59
C PHE A 270 28.38 5.82 -32.42
N LYS A 271 27.54 5.36 -31.49
CA LYS A 271 27.96 4.44 -30.41
C LYS A 271 27.11 3.21 -30.46
N CYS A 272 27.75 2.07 -30.37
CA CYS A 272 27.04 0.80 -30.29
C CYS A 272 26.92 0.34 -28.86
N MET A 273 25.72 0.06 -28.40
CA MET A 273 25.51 -0.37 -27.05
C MET A 273 24.98 -1.83 -26.99
N ALA A 274 25.20 -2.46 -25.83
CA ALA A 274 24.67 -3.78 -25.53
C ALA A 274 23.13 -3.78 -25.39
N ASN A 275 22.56 -4.99 -25.48
CA ASN A 275 21.15 -5.23 -25.31
C ASN A 275 21.04 -6.19 -24.15
N PRO A 276 20.71 -5.68 -22.94
CA PRO A 276 20.31 -4.34 -22.57
C PRO A 276 21.48 -3.43 -22.30
N SER A 277 21.19 -2.16 -22.17
CA SER A 277 22.16 -1.22 -21.70
C SER A 277 21.51 -0.07 -20.91
N SER A 278 22.33 0.50 -20.06
CA SER A 278 21.92 1.57 -19.17
C SER A 278 22.90 2.70 -19.31
N PHE A 279 22.42 3.92 -19.38
CA PHE A 279 23.35 5.01 -19.54
C PHE A 279 22.73 6.32 -19.15
N GLN A 280 23.54 7.32 -18.92
CA GLN A 280 23.01 8.66 -18.73
C GLN A 280 23.13 9.56 -19.92
N ILE A 281 22.09 10.34 -20.18
CA ILE A 281 22.18 11.50 -21.05
C ILE A 281 21.98 12.69 -20.13
N ASN A 282 23.02 13.48 -19.94
CA ASN A 282 23.06 14.45 -18.82
C ASN A 282 22.73 13.68 -17.53
N GLU A 283 21.76 14.13 -16.75
CA GLU A 283 21.47 13.45 -15.49
C GLU A 283 20.52 12.28 -15.69
N ILE A 284 19.83 12.21 -16.80
CA ILE A 284 18.78 11.23 -16.96
C ILE A 284 19.32 9.80 -17.21
N TYR A 285 18.98 8.87 -16.32
CA TYR A 285 19.30 7.46 -16.45
C TYR A 285 18.32 6.72 -17.34
N PHE A 286 18.84 6.12 -18.41
CA PHE A 286 18.04 5.34 -19.32
C PHE A 286 18.28 3.87 -19.04
N GLY A 287 17.24 3.07 -19.06
CA GLY A 287 17.37 1.64 -19.06
C GLY A 287 16.70 1.14 -20.33
N CYS A 288 17.49 0.55 -21.22
CA CYS A 288 17.01 0.09 -22.53
C CYS A 288 17.19 -1.41 -22.70
N SER A 289 16.11 -2.06 -23.11
CA SER A 289 16.17 -3.49 -23.30
C SER A 289 15.29 -3.88 -24.47
N ASN A 290 15.76 -4.81 -25.29
CA ASN A 290 15.13 -5.08 -26.58
C ASN A 290 14.63 -6.52 -26.72
N VAL A 291 13.99 -7.02 -25.66
CA VAL A 291 13.15 -8.21 -25.70
C VAL A 291 11.75 -7.74 -25.23
N ASP A 292 10.71 -8.27 -25.84
CA ASP A 292 9.36 -7.69 -25.73
C ASP A 292 8.62 -8.18 -24.45
N THR A 293 9.05 -7.65 -23.31
CA THR A 293 8.45 -8.01 -22.02
C THR A 293 6.96 -7.69 -22.02
N PHE A 294 6.61 -6.54 -22.57
CA PHE A 294 5.23 -6.11 -22.59
C PHE A 294 4.32 -7.00 -23.36
N LYS A 295 4.82 -7.64 -24.42
CA LYS A 295 4.01 -8.62 -25.16
C LYS A 295 4.00 -9.96 -24.45
N ASP A 296 5.12 -10.32 -23.86
CA ASP A 296 5.34 -11.69 -23.40
C ASP A 296 4.82 -12.00 -22.02
N LEU A 297 4.74 -11.03 -21.13
CA LEU A 297 4.40 -11.31 -19.69
C LEU A 297 2.91 -11.64 -19.52
N LYS A 298 2.61 -12.91 -19.23
CA LYS A 298 1.26 -13.38 -19.11
C LYS A 298 0.85 -13.53 -17.66
N GLU A 299 0.05 -12.61 -17.19
CA GLU A 299 -0.28 -12.58 -15.77
C GLU A 299 -1.37 -13.56 -15.48
N VAL A 300 -1.27 -14.21 -14.35
CA VAL A 300 -2.40 -14.88 -13.76
C VAL A 300 -2.95 -13.85 -12.73
N ILE A 301 -4.23 -13.50 -12.87
CA ILE A 301 -4.85 -12.39 -12.11
C ILE A 301 -6.08 -12.83 -11.33
N LYS A 302 -6.20 -12.34 -10.10
CA LYS A 302 -7.46 -12.37 -9.30
C LYS A 302 -7.76 -10.98 -8.81
N GLY A 303 -9.04 -10.65 -8.77
CA GLY A 303 -9.54 -9.47 -8.07
C GLY A 303 -10.02 -8.36 -8.98
N GLY A 304 -11.13 -7.74 -8.62
CA GLY A 304 -11.67 -6.64 -9.39
C GLY A 304 -10.74 -5.44 -9.50
N THR A 305 -10.01 -5.15 -8.42
CA THR A 305 -9.16 -3.96 -8.40
C THR A 305 -7.95 -4.16 -9.26
N THR A 306 -7.32 -5.33 -9.14
CA THR A 306 -6.22 -5.68 -10.05
C THR A 306 -6.65 -5.69 -11.51
N SER A 307 -7.75 -6.37 -11.84
CA SER A 307 -8.20 -6.42 -13.25
C SER A 307 -8.62 -5.06 -13.82
N SER A 308 -9.10 -4.13 -13.00
CA SER A 308 -9.55 -2.82 -13.54
C SER A 308 -8.36 -1.92 -13.84
N ARG A 309 -7.21 -2.26 -13.34
CA ARG A 309 -6.03 -1.48 -13.70
C ARG A 309 -5.58 -1.73 -15.17
N TYR A 310 -4.77 -0.82 -15.71
CA TYR A 310 -4.23 -0.99 -17.06
C TYR A 310 -3.11 -2.03 -17.04
N ARG A 311 -3.19 -2.97 -17.97
CA ARG A 311 -2.18 -4.01 -18.10
C ARG A 311 -0.76 -3.48 -18.16
N LEU A 312 -0.57 -2.37 -18.85
CA LEU A 312 0.77 -1.82 -19.03
C LEU A 312 1.39 -1.26 -17.76
N ASP A 313 0.54 -0.74 -16.87
CA ASP A 313 0.94 -0.31 -15.54
C ASP A 313 1.33 -1.51 -14.72
N ARG A 314 0.49 -2.53 -14.68
CA ARG A 314 0.84 -3.69 -13.90
C ARG A 314 2.15 -4.30 -14.37
N VAL A 315 2.30 -4.43 -15.69
CA VAL A 315 3.51 -5.07 -16.19
C VAL A 315 4.76 -4.23 -15.91
N SER A 316 4.66 -2.91 -16.02
CA SER A 316 5.80 -2.07 -15.69
C SER A 316 6.19 -2.19 -14.21
N GLU A 317 5.20 -2.32 -13.32
CA GLU A 317 5.50 -2.50 -11.90
C GLU A 317 6.16 -3.84 -11.65
N HIS A 318 5.72 -4.88 -12.34
CA HIS A 318 6.41 -6.17 -12.17
C HIS A 318 7.88 -6.04 -12.56
N ILE A 319 8.15 -5.34 -13.66
CA ILE A 319 9.54 -5.21 -14.08
C ILE A 319 10.36 -4.44 -13.03
N LEU A 320 9.82 -3.33 -12.55
CA LEU A 320 10.51 -2.50 -11.51
C LEU A 320 10.75 -3.32 -10.22
N GLN A 321 9.74 -4.07 -9.80
CA GLN A 321 9.91 -4.94 -8.64
C GLN A 321 10.93 -6.04 -8.83
N GLN A 322 10.92 -6.63 -10.02
CA GLN A 322 11.81 -7.75 -10.29
C GLN A 322 13.26 -7.30 -10.54
N ARG A 323 13.44 -5.99 -10.77
CA ARG A 323 14.75 -5.40 -11.03
C ARG A 323 15.53 -6.06 -12.18
N ARG A 324 14.80 -6.52 -13.19
CA ARG A 324 15.41 -7.04 -14.39
C ARG A 324 14.49 -6.85 -15.58
N TYR A 325 15.06 -6.57 -16.74
CA TYR A 325 14.27 -6.05 -17.90
C TYR A 325 13.39 -7.10 -18.55
N TYR A 326 13.73 -8.38 -18.39
CA TYR A 326 12.89 -9.50 -18.90
C TYR A 326 12.83 -10.57 -17.82
N PRO A 327 11.92 -10.41 -16.86
CA PRO A 327 11.84 -11.30 -15.72
C PRO A 327 11.12 -12.62 -15.92
N ILE A 328 10.50 -12.78 -17.09
CA ILE A 328 9.75 -14.00 -17.42
C ILE A 328 10.75 -15.16 -17.59
N PHE A 329 10.47 -16.30 -16.95
CA PHE A 329 11.28 -17.50 -17.13
C PHE A 329 10.45 -18.75 -16.90
N PRO A 330 10.53 -19.74 -17.81
CA PRO A 330 11.29 -19.75 -19.08
C PRO A 330 10.84 -18.65 -20.01
N GLY A 331 11.73 -18.13 -20.83
CA GLY A 331 11.40 -17.02 -21.73
C GLY A 331 10.50 -17.46 -22.85
N SER A 332 9.82 -16.54 -23.51
CA SER A 332 8.85 -16.97 -24.52
C SER A 332 9.48 -17.53 -25.78
N ILE A 333 8.72 -18.34 -26.48
CA ILE A 333 9.13 -19.03 -27.69
C ILE A 333 8.13 -18.75 -28.85
N ARG A 334 8.65 -18.51 -30.07
CA ARG A 334 7.82 -18.38 -31.33
C ARG A 334 7.93 -19.58 -32.27
N THR A 335 6.81 -20.28 -32.41
CA THR A 335 6.77 -21.68 -32.81
C THR A 335 6.12 -22.00 -34.17
N HIS A 361 10.25 -24.14 -35.05
CA HIS A 361 10.91 -23.02 -34.35
C HIS A 361 11.45 -21.89 -35.28
N ILE A 362 11.23 -20.66 -34.85
CA ILE A 362 11.45 -19.48 -35.69
C ILE A 362 12.29 -18.46 -34.96
N SER A 363 11.90 -18.14 -33.72
CA SER A 363 12.59 -17.16 -32.92
C SER A 363 12.13 -17.20 -31.43
N GLY A 364 12.64 -16.28 -30.61
CA GLY A 364 12.25 -16.23 -29.18
C GLY A 364 13.03 -15.22 -28.36
N ALA A 365 12.71 -15.12 -27.08
CA ALA A 365 13.55 -14.34 -26.15
C ALA A 365 15.03 -14.79 -26.20
N ASP A 366 15.28 -16.06 -26.42
CA ASP A 366 16.62 -16.59 -26.51
C ASP A 366 17.43 -16.20 -25.29
N LEU A 367 16.94 -16.54 -24.10
CA LEU A 367 17.63 -16.11 -22.90
C LEU A 367 18.87 -16.96 -22.73
N ASP A 368 19.97 -16.31 -22.42
CA ASP A 368 21.16 -17.03 -22.08
C ASP A 368 21.24 -17.00 -20.55
N VAL A 369 20.71 -18.06 -19.93
CA VAL A 369 20.28 -17.98 -18.54
C VAL A 369 21.46 -17.67 -17.62
N SER A 370 22.62 -18.21 -17.96
CA SER A 370 23.84 -17.99 -17.21
C SER A 370 24.24 -16.55 -17.07
N TYR A 371 23.76 -15.68 -17.95
CA TYR A 371 24.14 -14.28 -17.92
C TYR A 371 22.98 -13.36 -17.61
N LEU A 372 21.90 -13.90 -17.04
CA LEU A 372 20.79 -13.05 -16.61
C LEU A 372 21.21 -11.95 -15.63
N GLY A 373 22.27 -12.20 -14.91
CA GLY A 373 22.91 -11.20 -14.10
C GLY A 373 23.05 -9.86 -14.75
N LEU A 374 23.47 -9.86 -16.01
CA LEU A 374 23.73 -8.60 -16.74
C LEU A 374 22.45 -7.86 -17.11
N THR A 375 21.30 -8.51 -16.98
CA THR A 375 20.01 -7.93 -17.32
C THR A 375 19.33 -7.32 -16.08
N GLU A 376 20.02 -7.34 -14.95
CA GLU A 376 19.54 -6.71 -13.73
C GLU A 376 19.83 -5.22 -13.73
N PHE A 377 19.06 -4.46 -12.95
CA PHE A 377 19.22 -3.02 -12.92
C PHE A 377 20.60 -2.66 -12.40
N VAL A 378 21.34 -1.90 -13.20
CA VAL A 378 22.73 -1.59 -12.91
C VAL A 378 22.74 -0.77 -11.64
N GLY A 379 23.55 -1.19 -10.68
CA GLY A 379 23.68 -0.50 -9.40
C GLY A 379 22.49 -0.67 -8.46
N GLY A 380 21.50 -1.47 -8.82
CA GLY A 380 20.28 -1.55 -8.08
C GLY A 380 19.37 -0.36 -8.25
N PHE A 381 19.71 0.55 -9.18
CA PHE A 381 18.93 1.76 -9.37
C PHE A 381 17.81 1.53 -10.36
N SER A 382 16.65 2.10 -10.08
CA SER A 382 15.60 2.17 -11.06
C SER A 382 16.03 3.23 -12.08
N PRO A 383 15.75 3.00 -13.38
CA PRO A 383 16.02 4.04 -14.35
C PRO A 383 15.04 5.17 -14.21
N ASP A 384 15.43 6.37 -14.61
CA ASP A 384 14.52 7.50 -14.77
C ASP A 384 13.57 7.27 -15.95
N ILE A 385 14.11 6.73 -17.06
CA ILE A 385 13.35 6.41 -18.27
C ILE A 385 13.68 4.97 -18.65
N MET A 386 12.65 4.18 -18.90
CA MET A 386 12.82 2.79 -19.25
C MET A 386 12.18 2.57 -20.61
N ILE A 387 12.96 2.01 -21.55
CA ILE A 387 12.53 1.86 -22.93
C ILE A 387 12.66 0.40 -23.32
N ILE A 388 11.51 -0.22 -23.60
CA ILE A 388 11.43 -1.61 -23.88
C ILE A 388 10.47 -1.78 -25.07
N PRO A 389 11.01 -1.68 -26.29
CA PRO A 389 10.16 -1.71 -27.48
C PRO A 389 9.34 -2.98 -27.57
N SER A 390 8.14 -2.85 -28.12
CA SER A 390 7.20 -3.94 -28.19
C SER A 390 6.47 -3.91 -29.53
N GLU A 391 5.95 -5.06 -29.91
CA GLU A 391 5.07 -5.11 -31.04
C GLU A 391 3.68 -4.62 -30.71
N LEU A 392 3.39 -4.37 -29.43
CA LEU A 392 2.12 -3.71 -29.07
C LEU A 392 2.17 -2.25 -29.51
N GLN A 393 1.02 -1.61 -29.52
CA GLN A 393 0.92 -0.19 -29.83
C GLN A 393 1.83 0.64 -28.98
N HIS A 394 2.38 1.67 -29.59
CA HIS A 394 3.28 2.58 -28.93
C HIS A 394 2.57 3.17 -27.71
N PHE A 395 3.33 3.54 -26.70
CA PHE A 395 2.83 4.10 -25.47
C PHE A 395 3.94 4.79 -24.68
N ALA A 396 3.55 5.81 -23.91
CA ALA A 396 4.43 6.42 -22.92
C ALA A 396 3.60 6.61 -21.64
N ARG A 397 4.09 6.11 -20.51
CA ARG A 397 3.37 6.10 -19.26
C ARG A 397 4.28 6.30 -18.09
N VAL A 398 3.81 7.04 -17.10
CA VAL A 398 4.50 7.18 -15.81
C VAL A 398 3.93 6.16 -14.83
N VAL A 399 4.82 5.37 -14.26
CA VAL A 399 4.49 4.30 -13.35
C VAL A 399 5.57 4.33 -12.27
N GLN A 400 5.16 4.53 -11.02
CA GLN A 400 6.07 4.56 -9.89
C GLN A 400 7.19 5.56 -10.10
N ASN A 401 6.86 6.72 -10.62
CA ASN A 401 7.84 7.76 -10.96
C ASN A 401 8.91 7.38 -12.02
N VAL A 402 8.63 6.40 -12.85
CA VAL A 402 9.50 6.02 -13.97
C VAL A 402 8.74 6.25 -15.26
N VAL A 403 9.40 6.94 -16.20
CA VAL A 403 8.80 7.13 -17.54
C VAL A 403 9.05 5.86 -18.34
N VAL A 404 7.97 5.17 -18.75
CA VAL A 404 8.10 3.94 -19.48
C VAL A 404 7.64 4.16 -20.93
N ILE A 405 8.52 3.84 -21.89
CA ILE A 405 8.29 4.18 -23.29
C ILE A 405 8.37 2.99 -24.23
N ASN A 406 7.33 2.77 -25.02
CA ASN A 406 7.37 1.90 -26.19
C ASN A 406 7.17 2.77 -27.44
N PRO A 407 8.21 2.92 -28.24
CA PRO A 407 8.10 3.81 -29.40
C PRO A 407 7.34 3.20 -30.56
N GLY A 408 7.13 1.90 -30.50
CA GLY A 408 6.48 1.21 -31.62
C GLY A 408 7.44 0.95 -32.76
N ARG A 409 7.03 0.11 -33.68
CA ARG A 409 7.87 -0.18 -34.86
C ARG A 409 7.91 0.99 -35.84
N PHE A 410 9.09 1.28 -36.36
CA PHE A 410 9.31 2.45 -37.21
C PHE A 410 8.47 2.37 -38.49
N ILE A 411 8.37 1.19 -39.07
CA ILE A 411 7.49 0.98 -40.22
C ILE A 411 6.65 -0.27 -39.98
N ARG A 412 5.45 -0.27 -40.49
CA ARG A 412 4.63 -1.45 -40.42
C ARG A 412 4.92 -2.43 -41.56
N ALA A 413 4.62 -3.70 -41.33
CA ALA A 413 4.91 -4.78 -42.27
C ALA A 413 4.37 -4.47 -43.65
N THR A 414 3.19 -3.88 -43.69
CA THR A 414 2.55 -3.53 -44.97
C THR A 414 3.23 -2.37 -45.69
N GLY A 415 4.07 -1.61 -44.99
CA GLY A 415 4.74 -0.45 -45.57
C GLY A 415 4.13 0.90 -45.18
N ASN A 416 2.99 0.86 -44.50
CA ASN A 416 2.43 2.07 -43.89
C ASN A 416 3.31 2.62 -42.78
N ARG A 417 3.22 3.93 -42.57
CA ARG A 417 3.82 4.60 -41.43
C ARG A 417 3.67 3.86 -40.12
N GLY A 418 4.78 3.71 -39.43
CA GLY A 418 4.79 3.31 -38.05
C GLY A 418 4.90 4.55 -37.16
N SER A 419 5.80 4.49 -36.20
CA SER A 419 5.90 5.56 -35.19
C SER A 419 7.32 5.64 -34.62
N TYR A 420 7.55 6.71 -33.87
CA TYR A 420 8.74 6.86 -33.05
C TYR A 420 8.43 7.74 -31.85
N ALA A 421 9.34 7.82 -30.91
CA ALA A 421 9.11 8.58 -29.71
C ALA A 421 10.04 9.76 -29.67
N GLN A 422 9.50 10.92 -29.27
CA GLN A 422 10.26 12.09 -28.98
C GLN A 422 10.17 12.42 -27.49
N ILE A 423 11.34 12.57 -26.84
CA ILE A 423 11.43 12.90 -25.43
C ILE A 423 12.02 14.28 -25.33
N THR A 424 11.26 15.20 -24.75
CA THR A 424 11.72 16.57 -24.48
C THR A 424 11.69 16.82 -22.95
N VAL A 425 12.87 17.11 -22.39
CA VAL A 425 13.00 17.26 -20.96
C VAL A 425 13.46 18.66 -20.60
N GLN A 426 12.70 19.33 -19.74
CA GLN A 426 13.09 20.64 -19.27
C GLN A 426 14.46 20.58 -18.65
N CYS A 427 15.21 21.62 -18.90
CA CYS A 427 16.55 21.75 -18.40
C CYS A 427 16.53 21.82 -16.85
N PRO A 428 17.44 21.09 -16.20
CA PRO A 428 17.36 20.96 -14.74
C PRO A 428 17.66 22.28 -14.07
N ASP A 429 16.88 22.62 -13.05
CA ASP A 429 17.05 23.90 -12.35
C ASP A 429 16.88 23.74 -10.82
N LEU A 430 17.98 23.94 -10.11
CA LEU A 430 17.97 23.80 -8.66
C LEU A 430 17.03 24.84 -8.03
N GLU A 431 16.77 25.93 -8.73
CA GLU A 431 15.92 27.00 -8.20
C GLU A 431 14.42 26.82 -8.45
N ASP A 432 14.07 26.09 -9.51
CA ASP A 432 12.64 25.93 -9.91
C ASP A 432 11.79 24.99 -9.02
N GLY A 433 12.43 24.32 -8.05
CA GLY A 433 11.72 23.40 -7.16
C GLY A 433 11.51 21.99 -7.68
N LYS A 434 11.49 21.81 -9.01
CA LYS A 434 11.14 20.48 -9.62
C LYS A 434 12.12 19.33 -9.33
N LEU A 435 13.29 19.66 -8.80
CA LEU A 435 14.26 18.69 -8.29
C LEU A 435 14.12 18.58 -6.77
N THR A 436 14.17 17.38 -6.21
CA THR A 436 13.97 17.17 -4.78
C THR A 436 15.28 16.97 -4.03
N LEU A 437 15.50 17.82 -3.06
CA LEU A 437 16.68 17.69 -2.20
C LEU A 437 16.52 16.47 -1.28
N VAL A 438 17.43 15.51 -1.39
CA VAL A 438 17.45 14.34 -0.51
C VAL A 438 18.26 14.72 0.71
N GLU A 439 17.69 14.47 1.88
CA GLU A 439 18.31 14.85 3.16
C GLU A 439 19.50 13.96 3.51
N GLY A 440 20.57 14.58 3.99
CA GLY A 440 21.80 13.89 4.36
C GLY A 440 22.94 14.88 4.46
N GLU A 441 24.05 14.46 5.08
CA GLU A 441 25.23 15.34 5.25
C GLU A 441 25.78 15.79 3.88
N GLU A 442 25.78 14.86 2.93
CA GLU A 442 26.14 15.13 1.53
C GLU A 442 24.88 15.38 0.68
N PRO A 443 24.65 16.65 0.28
CA PRO A 443 23.43 17.07 -0.41
C PRO A 443 23.33 16.60 -1.86
N VAL A 444 22.28 15.83 -2.16
CA VAL A 444 22.05 15.31 -3.51
C VAL A 444 20.59 15.45 -3.93
N TYR A 445 20.29 15.33 -5.22
CA TYR A 445 18.96 15.65 -5.72
C TYR A 445 18.36 14.52 -6.57
N LEU A 446 17.09 14.22 -6.33
CA LEU A 446 16.35 13.33 -7.22
C LEU A 446 16.03 14.07 -8.51
N HIS A 447 16.44 13.51 -9.62
CA HIS A 447 15.98 13.97 -10.92
C HIS A 447 14.52 13.68 -10.82
N ASN A 448 13.65 14.49 -11.36
CA ASN A 448 12.25 14.09 -11.25
C ASN A 448 11.83 14.09 -12.66
N VAL A 449 12.35 13.13 -13.42
CA VAL A 449 12.28 13.26 -14.85
C VAL A 449 10.83 13.27 -15.28
N TRP A 450 10.05 12.44 -14.60
CA TRP A 450 8.62 12.36 -14.84
C TRP A 450 7.91 13.69 -14.74
N LYS A 451 8.39 14.60 -13.91
CA LYS A 451 7.80 15.92 -13.77
C LYS A 451 8.27 16.89 -14.84
N ARG A 452 9.38 16.59 -15.49
CA ARG A 452 10.05 17.52 -16.42
C ARG A 452 10.05 17.04 -17.88
N ALA A 453 9.61 15.80 -18.12
CA ALA A 453 9.74 15.18 -19.42
C ALA A 453 8.41 15.17 -20.12
N ARG A 454 8.40 15.48 -21.41
CA ARG A 454 7.23 15.25 -22.24
C ARG A 454 7.60 14.24 -23.33
N VAL A 455 6.76 13.23 -23.50
CA VAL A 455 6.97 12.18 -24.51
C VAL A 455 5.87 12.21 -25.58
N ASP A 456 6.25 12.47 -26.83
CA ASP A 456 5.29 12.43 -27.93
C ASP A 456 5.54 11.19 -28.75
N LEU A 457 4.45 10.58 -29.18
CA LEU A 457 4.52 9.43 -30.06
C LEU A 457 4.06 9.88 -31.42
N ILE A 458 4.99 9.93 -32.35
CA ILE A 458 4.80 10.62 -33.59
C ILE A 458 4.76 9.64 -34.74
N ALA A 459 3.82 9.84 -35.67
CA ALA A 459 3.75 9.04 -36.90
C ALA A 459 5.03 9.28 -37.70
N SER A 460 5.70 8.20 -38.10
CA SER A 460 7.01 8.32 -38.65
C SER A 460 6.89 8.77 -40.09
N UNK B 1 53.65 -41.63 -28.32
CA UNK B 1 52.67 -41.51 -27.20
C UNK B 1 51.31 -41.04 -27.77
N UNK B 2 50.18 -41.56 -27.28
CA UNK B 2 48.84 -41.16 -27.80
C UNK B 2 47.86 -40.67 -26.71
N UNK B 3 46.69 -40.17 -27.11
CA UNK B 3 45.68 -39.65 -26.15
C UNK B 3 44.49 -40.60 -25.96
N ASP C 11 34.27 -37.71 -38.29
CA ASP C 11 33.50 -36.82 -39.22
C ASP C 11 32.24 -37.54 -39.69
N VAL C 12 32.42 -38.83 -39.96
CA VAL C 12 31.33 -39.72 -40.30
C VAL C 12 30.35 -39.81 -39.15
N GLU C 13 30.84 -40.27 -38.00
CA GLU C 13 30.01 -40.45 -36.82
C GLU C 13 29.60 -39.11 -36.27
N ARG C 14 30.44 -38.10 -36.48
CA ARG C 14 30.20 -36.77 -35.90
C ARG C 14 28.92 -36.14 -36.44
N PHE C 15 28.61 -36.41 -37.72
CA PHE C 15 27.44 -35.79 -38.35
C PHE C 15 26.24 -36.70 -38.47
N LYS C 16 26.36 -37.91 -37.92
CA LYS C 16 25.30 -38.93 -38.04
C LYS C 16 23.90 -38.42 -37.62
N ASP C 17 23.80 -37.54 -36.62
CA ASP C 17 22.51 -37.01 -36.19
C ASP C 17 22.20 -35.56 -36.55
N THR C 18 23.07 -34.92 -37.32
CA THR C 18 22.82 -33.56 -37.79
C THR C 18 21.64 -33.61 -38.77
N VAL C 19 21.06 -32.46 -39.08
CA VAL C 19 19.98 -32.40 -40.04
C VAL C 19 20.45 -31.63 -41.26
N THR C 20 19.80 -31.90 -42.40
CA THR C 20 20.21 -31.30 -43.67
C THR C 20 19.98 -29.80 -43.73
N LEU C 21 20.73 -29.11 -44.57
CA LEU C 21 20.47 -27.68 -44.89
C LEU C 21 19.47 -27.68 -46.02
N GLU C 22 18.31 -27.07 -45.80
CA GLU C 22 17.21 -27.07 -46.76
C GLU C 22 17.19 -25.71 -47.42
N LEU C 23 17.24 -25.68 -48.76
CA LEU C 23 17.24 -24.42 -49.48
C LEU C 23 15.93 -24.35 -50.23
N SER C 24 15.49 -23.13 -50.48
CA SER C 24 14.32 -22.89 -51.23
C SER C 24 14.72 -22.07 -52.47
N CYS C 25 14.13 -22.39 -53.61
CA CYS C 25 14.50 -21.72 -54.87
C CYS C 25 13.82 -20.37 -54.97
N PRO C 26 14.60 -19.31 -55.16
CA PRO C 26 13.99 -17.99 -55.21
C PRO C 26 12.92 -17.79 -56.29
N SER C 27 13.07 -18.42 -57.47
CA SER C 27 12.10 -18.22 -58.55
C SER C 27 10.84 -19.06 -58.33
N CYS C 28 11.01 -20.36 -58.12
CA CYS C 28 9.87 -21.26 -58.21
C CYS C 28 9.45 -21.86 -56.87
N ASP C 29 10.26 -21.69 -55.84
CA ASP C 29 9.91 -22.03 -54.45
C ASP C 29 10.05 -23.51 -54.10
N LYS C 30 10.56 -24.32 -55.02
CA LYS C 30 10.82 -25.72 -54.69
C LYS C 30 11.88 -25.80 -53.60
N ARG C 31 11.63 -26.67 -52.61
CA ARG C 31 12.52 -26.84 -51.46
C ARG C 31 13.33 -28.09 -51.62
N PHE C 32 14.60 -28.06 -51.23
CA PHE C 32 15.46 -29.23 -51.36
C PHE C 32 16.65 -29.18 -50.43
N PRO C 33 17.17 -30.35 -50.03
CA PRO C 33 18.39 -30.37 -49.24
C PRO C 33 19.63 -30.10 -50.08
N PHE C 34 20.57 -29.34 -49.55
CA PHE C 34 21.78 -29.03 -50.25
C PHE C 34 22.91 -29.80 -49.62
N GLY C 35 23.52 -30.69 -50.40
CA GLY C 35 24.58 -31.57 -49.88
C GLY C 35 25.98 -31.28 -50.36
N GLY C 36 26.23 -30.08 -50.85
CA GLY C 36 27.53 -29.74 -51.49
C GLY C 36 27.53 -30.03 -52.99
N ILE C 37 28.72 -30.11 -53.59
CA ILE C 37 28.85 -30.42 -55.01
C ILE C 37 28.75 -31.91 -55.17
N VAL C 38 27.51 -32.38 -55.11
CA VAL C 38 27.15 -33.77 -55.14
C VAL C 38 25.93 -33.91 -56.01
N SER C 39 25.61 -35.13 -56.41
CA SER C 39 24.45 -35.43 -57.20
C SER C 39 23.15 -35.11 -56.52
N SER C 40 22.18 -34.65 -57.30
CA SER C 40 20.86 -34.43 -56.81
C SER C 40 19.89 -34.29 -57.98
N ASN C 41 18.67 -34.81 -57.81
CA ASN C 41 17.59 -34.58 -58.75
C ASN C 41 17.01 -33.16 -58.68
N TYR C 42 17.42 -32.35 -57.69
CA TYR C 42 16.81 -31.01 -57.50
C TYR C 42 17.68 -29.87 -57.90
N TYR C 43 18.98 -30.03 -57.81
CA TYR C 43 19.88 -28.95 -58.07
C TYR C 43 21.15 -29.47 -58.69
N ARG C 44 21.90 -28.51 -59.23
CA ARG C 44 23.09 -28.77 -59.99
C ARG C 44 24.03 -27.64 -59.64
N VAL C 45 25.29 -27.95 -59.39
CA VAL C 45 26.30 -26.88 -59.30
C VAL C 45 26.94 -26.85 -60.65
N SER C 46 26.62 -25.84 -61.43
CA SER C 46 27.15 -25.74 -62.78
C SER C 46 28.35 -24.82 -62.74
N TYR C 47 28.94 -24.60 -63.91
CA TYR C 47 30.11 -23.76 -64.00
C TYR C 47 29.81 -22.30 -63.65
N ASN C 48 28.55 -21.87 -63.67
CA ASN C 48 28.23 -20.49 -63.24
C ASN C 48 27.44 -20.41 -61.94
N GLY C 49 27.41 -21.48 -61.17
CA GLY C 49 26.80 -21.46 -59.86
C GLY C 49 25.76 -22.52 -59.62
N LEU C 50 25.10 -22.38 -58.48
CA LEU C 50 24.07 -23.27 -58.02
C LEU C 50 22.81 -23.07 -58.83
N GLN C 51 22.32 -24.14 -59.43
CA GLN C 51 21.17 -24.05 -60.30
C GLN C 51 20.06 -24.99 -59.91
N CYS C 52 18.86 -24.43 -59.91
CA CYS C 52 17.66 -25.17 -59.65
C CYS C 52 17.24 -26.02 -60.84
N LYS C 53 17.05 -27.32 -60.64
CA LYS C 53 16.71 -28.19 -61.80
C LYS C 53 15.26 -28.08 -62.25
N HIS C 54 14.36 -27.68 -61.36
CA HIS C 54 12.94 -27.59 -61.72
C HIS C 54 12.67 -26.43 -62.68
N CYS C 55 13.30 -25.27 -62.44
CA CYS C 55 13.07 -24.08 -63.27
C CYS C 55 14.33 -23.50 -63.95
N GLU C 56 15.49 -24.12 -63.72
CA GLU C 56 16.74 -23.69 -64.35
C GLU C 56 17.32 -22.35 -63.88
N GLN C 57 16.70 -21.69 -62.91
CA GLN C 57 17.22 -20.43 -62.44
C GLN C 57 18.41 -20.59 -61.51
N LEU C 58 19.37 -19.69 -61.66
CA LEU C 58 20.61 -19.69 -60.91
C LEU C 58 20.43 -18.94 -59.61
N PHE C 59 20.92 -19.49 -58.51
CA PHE C 59 20.95 -18.73 -57.26
C PHE C 59 22.04 -17.68 -57.38
N THR C 60 21.79 -16.49 -56.86
CA THR C 60 22.88 -15.58 -56.60
C THR C 60 23.50 -15.97 -55.26
N PRO C 61 24.73 -15.49 -55.02
CA PRO C 61 25.34 -15.70 -53.71
C PRO C 61 24.49 -15.25 -52.52
N LEU C 62 23.91 -14.05 -52.57
CA LEU C 62 23.05 -13.58 -51.47
C LEU C 62 21.84 -14.46 -51.30
N GLN C 63 21.26 -14.95 -52.41
CA GLN C 63 20.14 -15.90 -52.30
C GLN C 63 20.50 -17.21 -51.61
N LEU C 64 21.77 -17.59 -51.66
CA LEU C 64 22.21 -18.81 -50.98
C LEU C 64 22.58 -18.51 -49.55
N THR C 65 23.35 -17.45 -49.32
CA THR C 65 23.93 -17.20 -48.02
C THR C 65 22.89 -16.70 -47.02
N SER C 66 21.89 -15.95 -47.47
CA SER C 66 20.82 -15.53 -46.58
C SER C 66 20.09 -16.77 -46.01
N GLN C 67 19.98 -17.82 -46.82
CA GLN C 67 19.34 -19.06 -46.36
C GLN C 67 20.26 -19.85 -45.43
N ILE C 68 21.55 -19.87 -45.73
CA ILE C 68 22.47 -20.55 -44.82
C ILE C 68 22.31 -19.87 -43.44
N GLU C 69 22.41 -18.56 -43.42
CA GLU C 69 22.42 -17.82 -42.21
C GLU C 69 21.08 -17.99 -41.47
N HIS C 70 19.96 -17.99 -42.21
CA HIS C 70 18.67 -18.19 -41.62
C HIS C 70 18.55 -19.56 -40.94
N SER C 71 19.08 -20.60 -41.56
CA SER C 71 19.01 -21.90 -40.91
C SER C 71 19.85 -21.93 -39.66
N ILE C 72 21.06 -21.37 -39.73
CA ILE C 72 21.94 -21.35 -38.62
C ILE C 72 21.19 -20.71 -37.45
N ARG C 73 20.59 -19.55 -37.69
CA ARG C 73 19.97 -18.80 -36.64
C ARG C 73 18.74 -19.52 -36.08
N ALA C 74 18.07 -20.32 -36.92
CA ALA C 74 16.93 -21.10 -36.44
C ALA C 74 17.49 -22.12 -35.46
N HIS C 75 18.58 -22.75 -35.83
CA HIS C 75 19.18 -23.72 -34.93
C HIS C 75 19.63 -23.05 -33.62
N ILE C 76 20.26 -21.89 -33.70
CA ILE C 76 20.80 -21.27 -32.53
C ILE C 76 19.67 -20.85 -31.60
N SER C 77 18.55 -20.45 -32.18
CA SER C 77 17.35 -20.04 -31.43
C SER C 77 16.71 -21.27 -30.75
N LEU C 78 16.61 -22.38 -31.46
CA LEU C 78 16.06 -23.57 -30.86
C LEU C 78 16.93 -23.91 -29.64
N TYR C 79 18.24 -23.87 -29.84
CA TYR C 79 19.21 -24.17 -28.81
C TYR C 79 19.03 -23.29 -27.55
N TYR C 80 18.80 -22.00 -27.76
CA TYR C 80 18.51 -21.10 -26.66
C TYR C 80 17.08 -21.19 -26.09
N ALA C 81 16.20 -22.00 -26.68
CA ALA C 81 14.90 -22.25 -26.08
C ALA C 81 15.09 -23.04 -24.76
N GLY C 82 16.16 -23.80 -24.70
CA GLY C 82 16.58 -24.44 -23.48
C GLY C 82 15.75 -25.59 -23.02
N TRP C 83 15.25 -26.37 -23.94
CA TRP C 83 14.52 -27.57 -23.59
C TRP C 83 15.46 -28.54 -22.87
N LEU C 84 14.91 -29.27 -21.90
CA LEU C 84 15.68 -30.24 -21.15
C LEU C 84 14.96 -31.55 -21.23
N GLN C 85 15.74 -32.61 -21.10
CA GLN C 85 15.18 -33.96 -21.12
C GLN C 85 15.75 -34.82 -19.99
N CYS C 86 14.91 -35.70 -19.48
CA CYS C 86 15.32 -36.65 -18.45
C CYS C 86 15.85 -37.99 -19.02
N ASP C 87 17.06 -38.35 -18.56
CA ASP C 87 17.67 -39.69 -18.66
C ASP C 87 16.80 -40.91 -18.51
N ASP C 88 15.94 -40.90 -17.51
CA ASP C 88 15.32 -42.13 -17.08
C ASP C 88 14.31 -42.54 -18.15
N SER C 89 14.51 -43.72 -18.72
CA SER C 89 13.71 -44.21 -19.85
C SER C 89 12.22 -44.38 -19.45
N THR C 90 11.97 -44.71 -18.18
CA THR C 90 10.63 -44.77 -17.62
C THR C 90 10.04 -43.39 -17.21
N CYS C 91 10.59 -42.29 -17.72
CA CYS C 91 10.11 -40.95 -17.36
C CYS C 91 10.19 -40.09 -18.61
N GLY C 92 11.40 -39.66 -18.98
CA GLY C 92 11.66 -39.04 -20.28
C GLY C 92 11.14 -37.62 -20.51
N ILE C 93 10.58 -36.99 -19.47
CA ILE C 93 9.87 -35.72 -19.69
C ILE C 93 10.75 -34.66 -20.32
N VAL C 94 10.13 -33.83 -21.15
CA VAL C 94 10.85 -32.71 -21.73
C VAL C 94 10.15 -31.45 -21.25
N THR C 95 10.93 -30.49 -20.82
CA THR C 95 10.41 -29.32 -20.16
C THR C 95 11.44 -28.23 -20.34
N ARG C 96 11.02 -27.00 -20.16
CA ARG C 96 11.94 -25.89 -20.12
C ARG C 96 12.15 -25.41 -18.69
N GLN C 97 11.41 -26.00 -17.74
CA GLN C 97 11.59 -25.67 -16.32
C GLN C 97 12.96 -26.19 -15.87
N VAL C 98 13.69 -25.38 -15.10
CA VAL C 98 15.01 -25.74 -14.57
C VAL C 98 14.92 -25.63 -13.06
N SER C 99 15.15 -26.73 -12.35
CA SER C 99 15.23 -26.66 -10.92
C SER C 99 16.50 -25.96 -10.49
N VAL C 100 16.41 -25.26 -9.36
CA VAL C 100 17.56 -24.65 -8.75
C VAL C 100 18.67 -25.67 -8.46
N PHE C 101 18.35 -26.97 -8.37
CA PHE C 101 19.35 -28.06 -8.61
C PHE C 101 19.18 -28.57 -10.06
N GLY C 102 19.96 -28.02 -10.97
CA GLY C 102 19.75 -28.15 -12.43
C GLY C 102 19.54 -29.56 -12.94
N LYS C 103 20.36 -30.48 -12.47
CA LYS C 103 20.38 -31.86 -12.98
C LYS C 103 19.20 -32.67 -12.45
N ARG C 104 18.51 -32.14 -11.45
CA ARG C 104 17.44 -32.87 -10.79
C ARG C 104 16.12 -32.82 -11.55
N CYS C 105 15.48 -33.98 -11.68
CA CYS C 105 14.24 -34.10 -12.42
C CYS C 105 13.06 -33.59 -11.61
N LEU C 106 12.15 -32.89 -12.25
CA LEU C 106 11.00 -32.30 -11.57
C LEU C 106 9.83 -33.26 -11.31
N ASN C 107 9.85 -34.48 -11.86
CA ASN C 107 8.86 -35.55 -11.44
C ASN C 107 9.05 -36.04 -10.02
N ASP C 108 8.04 -35.88 -9.19
CA ASP C 108 8.15 -36.36 -7.82
C ASP C 108 8.96 -37.67 -7.78
N GLY C 109 10.15 -37.60 -7.18
CA GLY C 109 10.90 -38.81 -6.80
C GLY C 109 11.70 -39.46 -7.90
N CYS C 110 11.69 -38.87 -9.09
CA CYS C 110 12.40 -39.46 -10.20
C CYS C 110 13.89 -39.22 -10.01
N THR C 111 14.72 -40.24 -10.22
CA THR C 111 16.16 -40.14 -9.93
C THR C 111 17.01 -39.90 -11.18
N GLY C 112 16.36 -39.65 -12.31
CA GLY C 112 17.07 -39.45 -13.55
C GLY C 112 17.78 -38.12 -13.59
N VAL C 113 18.69 -37.97 -14.54
CA VAL C 113 19.46 -36.75 -14.67
C VAL C 113 18.93 -35.93 -15.86
N MET C 114 18.84 -34.62 -15.69
CA MET C 114 18.31 -33.75 -16.70
C MET C 114 19.47 -33.24 -17.55
N ARG C 115 19.25 -33.15 -18.86
CA ARG C 115 20.26 -32.65 -19.79
C ARG C 115 19.58 -31.79 -20.83
N TYR C 116 20.25 -30.70 -21.22
CA TYR C 116 19.79 -29.89 -22.31
C TYR C 116 19.57 -30.79 -23.51
N LYS C 117 18.37 -30.78 -24.05
CA LYS C 117 18.00 -31.63 -25.19
C LYS C 117 18.75 -31.25 -26.51
N TYR C 118 19.05 -29.98 -26.75
CA TYR C 118 19.97 -29.56 -27.79
C TYR C 118 21.27 -29.24 -27.14
N SER C 119 22.14 -30.22 -26.99
CA SER C 119 23.40 -29.99 -26.32
C SER C 119 24.32 -29.11 -27.14
N ASP C 120 25.30 -28.51 -26.50
CA ASP C 120 26.18 -27.65 -27.25
C ASP C 120 27.15 -28.41 -28.15
N LYS C 121 27.35 -29.69 -27.84
CA LYS C 121 28.04 -30.59 -28.73
C LYS C 121 27.22 -30.76 -30.04
N GLN C 122 25.90 -30.92 -29.92
CA GLN C 122 25.06 -31.17 -31.07
C GLN C 122 25.03 -29.93 -31.96
N LEU C 123 24.93 -28.77 -31.35
CA LEU C 123 24.92 -27.50 -32.09
C LEU C 123 26.21 -27.29 -32.85
N TYR C 124 27.32 -27.55 -32.18
CA TYR C 124 28.63 -27.40 -32.75
C TYR C 124 28.84 -28.37 -33.93
N ASN C 125 28.42 -29.62 -33.77
CA ASN C 125 28.42 -30.58 -34.84
C ASN C 125 27.54 -30.19 -36.01
N GLN C 126 26.41 -29.55 -35.73
CA GLN C 126 25.49 -29.12 -36.77
C GLN C 126 26.15 -28.01 -37.60
N LEU C 127 26.85 -27.12 -36.92
CA LEU C 127 27.53 -26.04 -37.61
C LEU C 127 28.77 -26.55 -38.36
N LEU C 128 29.44 -27.56 -37.82
CA LEU C 128 30.60 -28.12 -38.48
C LEU C 128 30.17 -28.88 -39.75
N TYR C 129 28.94 -29.42 -39.72
CA TYR C 129 28.39 -30.08 -40.87
C TYR C 129 28.11 -29.06 -41.94
N PHE C 130 27.39 -27.98 -41.59
CA PHE C 130 27.18 -26.92 -42.54
C PHE C 130 28.49 -26.44 -43.16
N ASP C 131 29.52 -26.29 -42.33
CA ASP C 131 30.82 -25.84 -42.77
C ASP C 131 31.42 -26.82 -43.83
N SER C 132 31.26 -28.12 -43.58
CA SER C 132 31.77 -29.11 -44.46
C SER C 132 31.15 -28.99 -45.87
N LEU C 133 29.88 -28.58 -45.96
CA LEU C 133 29.21 -28.46 -47.24
C LEU C 133 29.90 -27.51 -48.18
N PHE C 134 30.52 -26.45 -47.64
CA PHE C 134 31.17 -25.40 -48.42
C PHE C 134 32.69 -25.47 -48.34
N ASP C 135 33.19 -26.61 -47.89
CA ASP C 135 34.63 -26.86 -47.78
C ASP C 135 35.11 -27.49 -49.09
N CYS C 136 35.93 -26.76 -49.83
CA CYS C 136 36.39 -27.24 -51.14
C CYS C 136 37.18 -28.53 -51.08
N GLU C 137 38.17 -28.58 -50.21
CA GLU C 137 38.98 -29.79 -50.07
C GLU C 137 38.08 -30.99 -49.77
N LYS C 138 37.08 -30.84 -48.92
CA LYS C 138 36.20 -31.99 -48.59
C LYS C 138 35.25 -32.37 -49.72
N ASN C 139 34.76 -31.38 -50.43
CA ASN C 139 33.97 -31.61 -51.63
C ASN C 139 34.77 -32.41 -52.67
N LYS C 140 36.03 -32.00 -52.89
CA LYS C 140 36.88 -32.60 -53.92
C LYS C 140 37.24 -34.03 -53.57
N LYS C 141 37.58 -34.28 -52.31
CA LYS C 141 37.84 -35.64 -51.82
C LYS C 141 36.58 -36.48 -51.63
N GLN C 142 35.43 -35.89 -51.91
CA GLN C 142 34.13 -36.58 -51.78
C GLN C 142 33.87 -37.14 -50.38
N GLU C 143 34.18 -36.35 -49.37
CA GLU C 143 34.06 -36.79 -47.98
C GLU C 143 32.80 -36.28 -47.30
N LEU C 144 31.86 -35.68 -48.02
CA LEU C 144 30.65 -35.21 -47.38
C LEU C 144 29.64 -36.31 -47.12
N LYS C 145 28.81 -36.10 -46.13
CA LYS C 145 27.76 -37.02 -45.76
C LYS C 145 26.64 -37.03 -46.76
N PRO C 146 26.15 -38.21 -47.13
CA PRO C 146 25.12 -38.24 -48.14
C PRO C 146 23.83 -37.63 -47.69
N ILE C 147 23.16 -36.91 -48.55
CA ILE C 147 21.86 -36.38 -48.21
C ILE C 147 20.70 -37.32 -48.35
N TYR C 148 20.87 -38.55 -48.83
CA TYR C 148 19.77 -39.43 -49.24
C TYR C 148 20.15 -40.88 -48.94
N LEU C 149 19.23 -41.68 -48.41
CA LEU C 149 19.46 -43.11 -48.26
C LEU C 149 19.07 -43.75 -49.57
N PRO C 150 19.59 -44.94 -49.86
CA PRO C 150 19.38 -45.59 -51.15
C PRO C 150 17.94 -45.91 -51.49
N ASP C 151 17.14 -46.16 -50.46
CA ASP C 151 15.72 -46.45 -50.68
C ASP C 151 14.86 -45.17 -50.75
N ASP C 152 15.44 -44.00 -50.50
N ASP C 152 15.44 -44.01 -50.51
CA ASP C 152 14.69 -42.76 -50.65
CA ASP C 152 14.70 -42.75 -50.69
C ASP C 152 14.23 -42.59 -52.12
C ASP C 152 14.21 -42.65 -52.14
N LEU C 153 12.95 -42.24 -52.30
CA LEU C 153 12.36 -41.98 -53.64
C LEU C 153 13.08 -40.88 -54.43
N ASP C 154 13.72 -39.98 -53.74
CA ASP C 154 14.52 -38.94 -54.37
C ASP C 154 16.00 -39.30 -54.46
N TYR C 155 16.39 -40.55 -54.20
CA TYR C 155 17.79 -40.86 -54.45
C TYR C 155 18.18 -40.40 -55.88
N PRO C 156 19.31 -39.69 -56.02
CA PRO C 156 19.76 -39.15 -57.31
C PRO C 156 19.93 -40.15 -58.42
N LYS C 157 19.45 -39.78 -59.61
CA LYS C 157 19.44 -40.65 -60.78
C LYS C 157 20.77 -40.71 -61.46
N GLU C 158 21.49 -39.61 -61.50
CA GLU C 158 22.80 -39.53 -62.11
C GLU C 158 23.84 -39.29 -61.02
N GLN C 159 24.96 -40.01 -61.05
CA GLN C 159 26.08 -39.76 -60.12
C GLN C 159 27.08 -38.85 -60.78
N LEU C 160 27.59 -37.84 -60.08
CA LEU C 160 28.63 -37.02 -60.68
C LEU C 160 29.97 -37.77 -60.66
N THR C 161 30.84 -37.45 -61.60
CA THR C 161 32.17 -38.03 -61.63
C THR C 161 33.10 -37.25 -60.73
N GLU C 162 34.18 -37.90 -60.31
CA GLU C 162 35.23 -37.27 -59.55
C GLU C 162 35.76 -36.04 -60.31
N SER C 163 35.94 -36.15 -61.59
CA SER C 163 36.65 -35.12 -62.30
C SER C 163 35.72 -33.95 -62.56
N SER C 164 34.43 -34.22 -62.72
CA SER C 164 33.45 -33.12 -62.68
C SER C 164 33.43 -32.37 -61.34
N ILE C 165 33.52 -33.12 -60.24
CA ILE C 165 33.49 -32.48 -58.95
C ILE C 165 34.72 -31.58 -58.77
N LYS C 166 35.91 -32.10 -59.11
CA LYS C 166 37.14 -31.30 -59.02
C LYS C 166 36.94 -30.00 -59.79
N ALA C 167 36.63 -30.10 -61.09
CA ALA C 167 36.46 -28.94 -61.94
C ALA C 167 35.38 -27.99 -61.40
N LEU C 168 34.17 -28.51 -61.18
CA LEU C 168 33.07 -27.68 -60.70
C LEU C 168 33.42 -26.97 -59.35
N THR C 169 34.14 -27.66 -58.47
CA THR C 169 34.56 -27.05 -57.21
C THR C 169 35.51 -25.88 -57.40
N GLU C 170 36.45 -25.98 -58.33
CA GLU C 170 37.38 -24.87 -58.56
C GLU C 170 36.68 -23.71 -59.27
N GLN C 171 35.77 -24.04 -60.18
CA GLN C 171 34.98 -23.03 -60.87
C GLN C 171 34.12 -22.27 -59.88
N ASN C 172 33.60 -22.93 -58.84
CA ASN C 172 32.79 -22.28 -57.81
C ASN C 172 33.50 -21.95 -56.50
N ARG C 173 34.83 -21.93 -56.52
CA ARG C 173 35.58 -21.65 -55.29
C ARG C 173 35.06 -20.43 -54.51
N GLU C 174 34.84 -19.34 -55.25
CA GLU C 174 34.48 -18.08 -54.65
C GLU C 174 33.12 -18.24 -53.95
N LEU C 175 32.14 -18.82 -54.64
CA LEU C 175 30.83 -19.08 -54.06
C LEU C 175 30.95 -19.93 -52.80
N MET C 176 31.76 -20.98 -52.87
CA MET C 176 31.93 -21.88 -51.73
C MET C 176 32.50 -21.14 -50.51
N GLU C 177 33.56 -20.38 -50.74
CA GLU C 177 34.27 -19.68 -49.69
C GLU C 177 33.36 -18.65 -49.09
N THR C 178 32.47 -18.08 -49.90
CA THR C 178 31.62 -17.05 -49.33
C THR C 178 30.52 -17.73 -48.52
N GLY C 179 29.97 -18.81 -49.03
CA GLY C 179 29.10 -19.63 -48.21
C GLY C 179 29.74 -20.11 -46.93
N ARG C 180 30.98 -20.50 -47.01
CA ARG C 180 31.69 -20.95 -45.84
C ARG C 180 31.94 -19.86 -44.80
N SER C 181 32.15 -18.63 -45.26
CA SER C 181 32.45 -17.55 -44.33
C SER C 181 31.26 -17.24 -43.42
N VAL C 182 30.06 -17.46 -43.96
CA VAL C 182 28.80 -17.26 -43.23
C VAL C 182 28.66 -18.28 -42.10
N VAL C 183 29.16 -19.50 -42.29
CA VAL C 183 29.13 -20.47 -41.22
C VAL C 183 30.19 -20.09 -40.19
N GLN C 184 31.34 -19.65 -40.66
CA GLN C 184 32.43 -19.32 -39.77
C GLN C 184 32.09 -18.12 -38.89
N LYS C 185 31.16 -17.27 -39.33
CA LYS C 185 30.75 -16.15 -38.53
C LYS C 185 30.29 -16.65 -37.17
N TYR C 186 29.59 -17.78 -37.15
CA TYR C 186 29.11 -18.38 -35.94
C TYR C 186 30.01 -19.46 -35.33
N LEU C 187 30.92 -20.04 -36.08
CA LEU C 187 31.80 -21.07 -35.54
C LEU C 187 32.92 -20.51 -34.68
N ASN C 188 33.53 -19.39 -35.07
CA ASN C 188 34.52 -18.72 -34.19
C ASN C 188 33.88 -18.17 -32.91
N ASP C 189 32.61 -17.78 -33.04
CA ASP C 189 31.78 -17.29 -31.89
C ASP C 189 31.27 -18.49 -31.00
N CYS C 190 31.81 -19.68 -31.28
CA CYS C 190 31.44 -20.93 -30.58
C CYS C 190 32.70 -21.79 -30.33
N ARG D 3 -40.37 23.55 21.03
CA ARG D 3 -39.24 24.11 20.31
C ARG D 3 -38.89 25.49 20.83
N THR D 4 -37.60 25.70 21.15
CA THR D 4 -37.14 26.97 21.65
C THR D 4 -37.06 28.02 20.55
N MET D 5 -36.37 29.12 20.82
CA MET D 5 -36.22 30.19 19.84
C MET D 5 -34.86 30.14 19.16
N ARG D 6 -34.64 29.08 18.38
CA ARG D 6 -33.38 28.91 17.67
C ARG D 6 -33.65 29.04 16.19
N GLN D 7 -32.69 29.65 15.51
CA GLN D 7 -32.67 29.62 14.08
C GLN D 7 -31.29 29.05 13.78
N ASN D 8 -31.29 27.98 12.99
CA ASN D 8 -30.09 27.21 12.58
C ASN D 8 -30.12 27.13 11.04
N LEU D 9 -29.11 27.70 10.42
CA LEU D 9 -29.07 27.89 8.99
C LEU D 9 -29.03 26.56 8.22
N GLN D 10 -28.29 25.59 8.74
CA GLN D 10 -28.18 24.29 8.09
C GLN D 10 -29.55 23.63 8.04
N GLU D 11 -30.23 23.69 9.18
CA GLU D 11 -31.51 23.05 9.36
C GLU D 11 -32.56 23.74 8.54
N ALA D 12 -32.49 25.05 8.47
CA ALA D 12 -33.37 25.81 7.57
C ALA D 12 -33.14 25.41 6.09
N SER D 13 -31.87 25.33 5.68
CA SER D 13 -31.57 24.95 4.32
C SER D 13 -31.99 23.49 4.05
N ASP D 14 -31.82 22.58 5.01
CA ASP D 14 -32.30 21.22 4.90
C ASP D 14 -33.77 21.23 4.52
N VAL D 15 -34.57 22.05 5.17
CA VAL D 15 -36.00 22.10 4.90
C VAL D 15 -36.32 22.61 3.50
N LEU D 16 -35.59 23.63 3.06
CA LEU D 16 -35.76 24.18 1.73
C LEU D 16 -35.32 23.16 0.68
N ASP D 17 -34.26 22.41 0.96
CA ASP D 17 -33.86 21.36 0.03
C ASP D 17 -34.94 20.30 -0.10
N ASP D 18 -35.48 19.88 1.04
N ASP D 18 -35.48 19.88 1.04
CA ASP D 18 -36.44 18.79 1.08
CA ASP D 18 -36.45 18.79 1.09
C ASP D 18 -37.72 19.11 0.34
C ASP D 18 -37.73 19.11 0.35
N GLN D 19 -38.13 20.37 0.30
CA GLN D 19 -39.30 20.75 -0.51
C GLN D 19 -39.07 20.42 -2.02
N ILE D 20 -37.87 20.70 -2.52
CA ILE D 20 -37.61 20.45 -3.91
C ILE D 20 -37.62 18.91 -4.08
N GLU D 21 -36.96 18.19 -3.19
CA GLU D 21 -36.88 16.74 -3.34
C GLU D 21 -38.22 16.05 -3.30
N SER D 22 -39.11 16.52 -2.45
CA SER D 22 -40.34 15.78 -2.32
C SER D 22 -41.31 16.09 -3.44
N PHE D 23 -41.23 17.31 -3.99
CA PHE D 23 -41.95 17.65 -5.21
C PHE D 23 -41.37 16.90 -6.43
N THR D 24 -40.07 16.64 -6.45
CA THR D 24 -39.48 15.83 -7.49
C THR D 24 -40.15 14.45 -7.49
N LYS D 25 -40.34 13.85 -6.32
CA LYS D 25 -41.04 12.54 -6.22
C LYS D 25 -42.48 12.62 -6.66
N ILE D 26 -43.15 13.68 -6.27
CA ILE D 26 -44.54 13.86 -6.67
C ILE D 26 -44.67 13.96 -8.20
N ILE D 27 -43.75 14.63 -8.86
CA ILE D 27 -43.79 14.81 -10.29
C ILE D 27 -43.52 13.51 -10.98
N GLN D 28 -42.53 12.81 -10.47
CA GLN D 28 -42.11 11.54 -11.03
C GLN D 28 -43.22 10.49 -11.05
N ASN D 29 -43.87 10.38 -9.90
CA ASN D 29 -44.98 9.45 -9.74
C ASN D 29 -46.20 9.80 -10.57
N HIS D 30 -46.57 11.08 -10.61
CA HIS D 30 -47.77 11.46 -11.34
C HIS D 30 -47.56 11.31 -12.87
N TYR D 31 -46.41 11.76 -13.36
CA TYR D 31 -46.09 11.77 -14.77
C TYR D 31 -45.37 10.51 -15.22
N LYS D 32 -45.13 9.60 -14.29
CA LYS D 32 -44.48 8.30 -14.57
C LYS D 32 -43.18 8.50 -15.30
N LEU D 33 -42.40 9.41 -14.79
CA LEU D 33 -41.13 9.76 -15.32
C LEU D 33 -40.07 8.97 -14.60
N SER D 34 -38.98 8.60 -15.29
CA SER D 34 -37.84 8.02 -14.59
C SER D 34 -36.88 9.13 -14.17
N PRO D 35 -36.15 8.94 -13.06
CA PRO D 35 -35.18 9.97 -12.60
C PRO D 35 -34.04 10.29 -13.60
N ASN D 36 -33.74 9.39 -14.52
CA ASN D 36 -32.82 9.70 -15.60
C ASN D 36 -33.34 10.79 -16.51
N ASP D 37 -34.66 11.03 -16.48
CA ASP D 37 -35.28 12.12 -17.24
C ASP D 37 -35.01 13.49 -16.66
N PHE D 38 -34.59 13.49 -15.40
CA PHE D 38 -34.22 14.73 -14.72
C PHE D 38 -32.73 14.99 -14.83
N ALA D 39 -32.37 16.24 -15.09
CA ALA D 39 -31.00 16.61 -15.21
C ALA D 39 -30.83 18.00 -14.64
N ASP D 40 -29.59 18.44 -14.60
CA ASP D 40 -29.22 19.67 -14.01
C ASP D 40 -29.43 20.82 -15.02
N PRO D 41 -30.44 21.67 -14.76
CA PRO D 41 -30.68 22.77 -15.70
C PRO D 41 -29.68 23.90 -15.64
N THR D 42 -28.73 23.86 -14.73
CA THR D 42 -27.80 24.96 -14.56
C THR D 42 -26.63 24.85 -15.51
N ILE D 43 -26.42 23.69 -16.14
CA ILE D 43 -25.34 23.50 -17.08
C ILE D 43 -25.88 23.26 -18.49
N GLN D 44 -25.01 23.50 -19.48
CA GLN D 44 -25.38 23.33 -20.88
C GLN D 44 -25.68 21.89 -21.20
N SER D 45 -26.70 21.66 -22.01
CA SER D 45 -26.85 20.39 -22.67
C SER D 45 -27.36 20.58 -24.12
N GLN D 46 -27.31 19.51 -24.89
CA GLN D 46 -27.81 19.50 -26.25
C GLN D 46 -29.27 19.12 -26.25
N SER D 47 -29.60 18.35 -25.25
CA SER D 47 -30.90 17.69 -25.16
C SER D 47 -31.85 18.42 -24.17
N GLU D 48 -33.15 18.35 -24.47
CA GLU D 48 -34.23 18.83 -23.60
C GLU D 48 -34.30 17.94 -22.37
N ILE D 49 -34.53 18.56 -21.22
CA ILE D 49 -34.51 17.87 -19.93
C ILE D 49 -35.73 18.27 -19.11
N TYR D 50 -36.05 17.44 -18.13
CA TYR D 50 -37.03 17.78 -17.09
C TYR D 50 -36.25 18.30 -15.91
N ALA D 51 -36.73 19.39 -15.29
CA ALA D 51 -36.11 19.96 -14.07
C ALA D 51 -37.16 20.42 -13.06
N VAL D 52 -36.80 20.35 -11.79
CA VAL D 52 -37.68 20.77 -10.73
C VAL D 52 -36.89 21.71 -9.86
N GLY D 53 -37.52 22.78 -9.38
CA GLY D 53 -36.81 23.73 -8.53
C GLY D 53 -37.67 24.78 -7.90
N ARG D 54 -37.01 25.71 -7.22
CA ARG D 54 -37.71 26.78 -6.53
C ARG D 54 -37.56 28.08 -7.29
N ILE D 55 -38.66 28.77 -7.51
CA ILE D 55 -38.60 30.11 -8.11
C ILE D 55 -37.97 31.11 -7.15
N VAL D 56 -36.88 31.71 -7.61
CA VAL D 56 -36.15 32.71 -6.84
C VAL D 56 -35.82 33.92 -7.73
N PRO D 57 -35.48 35.06 -7.13
CA PRO D 57 -35.09 36.20 -7.94
C PRO D 57 -33.76 35.96 -8.58
N ASP D 58 -33.47 36.64 -9.68
CA ASP D 58 -32.19 36.43 -10.31
C ASP D 58 -31.03 37.15 -9.61
N SER D 59 -31.30 38.12 -8.75
CA SER D 59 -30.26 38.64 -7.87
C SER D 59 -30.75 38.55 -6.41
N PRO D 60 -29.83 38.22 -5.48
CA PRO D 60 -30.19 38.11 -4.05
C PRO D 60 -30.55 39.44 -3.38
N THR D 61 -30.14 40.55 -3.98
CA THR D 61 -30.52 41.88 -3.53
C THR D 61 -31.38 42.48 -4.65
N TYR D 62 -32.67 42.15 -4.66
CA TYR D 62 -33.53 42.40 -5.82
C TYR D 62 -34.52 43.50 -5.55
N ASP D 63 -34.80 44.26 -6.61
CA ASP D 63 -35.97 45.16 -6.71
C ASP D 63 -37.33 44.61 -6.13
N LYS D 64 -38.15 45.49 -5.52
CA LYS D 64 -39.47 45.06 -4.98
C LYS D 64 -40.37 44.39 -6.05
N PHE D 65 -40.25 44.87 -7.31
CA PHE D 65 -41.11 44.48 -8.44
C PHE D 65 -40.39 43.61 -9.50
N LEU D 66 -40.79 42.34 -9.54
CA LEU D 66 -40.23 41.34 -10.42
C LEU D 66 -41.06 41.20 -11.67
N ASN D 67 -40.48 40.63 -12.71
CA ASN D 67 -41.19 40.38 -13.95
C ASN D 67 -40.67 39.07 -14.57
N PRO D 68 -41.25 38.62 -15.68
CA PRO D 68 -40.82 37.34 -16.29
C PRO D 68 -39.40 37.29 -16.85
N GLU D 69 -38.70 38.41 -16.81
CA GLU D 69 -37.34 38.45 -17.27
C GLU D 69 -36.36 38.52 -16.13
N SER D 70 -36.82 38.41 -14.88
CA SER D 70 -35.94 38.61 -13.75
C SER D 70 -36.05 37.50 -12.65
N LEU D 71 -36.24 36.28 -13.11
CA LEU D 71 -36.44 35.13 -12.27
C LEU D 71 -35.42 34.05 -12.56
N SER D 72 -35.11 33.26 -11.53
CA SER D 72 -34.21 32.13 -11.70
C SER D 72 -34.83 30.91 -11.07
N LEU D 73 -34.28 29.75 -11.40
CA LEU D 73 -34.67 28.48 -10.78
C LEU D 73 -33.54 27.98 -9.93
N GLU D 74 -33.86 27.73 -8.64
CA GLU D 74 -32.95 27.11 -7.69
C GLU D 74 -33.15 25.59 -7.70
N THR D 75 -32.04 24.86 -7.83
CA THR D 75 -32.03 23.40 -7.83
C THR D 75 -31.74 22.86 -6.43
N SER D 76 -32.06 21.58 -6.24
CA SER D 76 -31.71 20.87 -5.01
C SER D 76 -30.23 20.63 -4.94
N ARG D 77 -29.79 20.12 -3.80
CA ARG D 77 -28.41 19.78 -3.59
C ARG D 77 -28.00 18.67 -4.52
N MET D 78 -28.85 17.69 -4.70
CA MET D 78 -28.50 16.55 -5.56
C MET D 78 -28.69 16.90 -7.02
N GLY D 79 -29.68 17.71 -7.31
CA GLY D 79 -30.06 18.02 -8.66
C GLY D 79 -29.10 18.90 -9.40
N GLY D 80 -28.57 19.94 -8.76
CA GLY D 80 -27.64 20.87 -9.40
C GLY D 80 -26.68 21.51 -8.45
N VAL D 81 -26.30 20.77 -7.43
CA VAL D 81 -25.44 21.26 -6.36
C VAL D 81 -25.92 22.59 -5.82
N GLY D 82 -27.23 22.75 -5.73
CA GLY D 82 -27.83 23.94 -5.22
C GLY D 82 -27.76 25.18 -6.11
N ARG D 83 -27.15 25.08 -7.28
CA ARG D 83 -26.98 26.25 -8.14
C ARG D 83 -28.31 26.82 -8.63
N ARG D 84 -28.28 28.12 -8.92
CA ARG D 84 -29.40 28.86 -9.46
C ARG D 84 -29.17 29.26 -10.91
N VAL D 85 -30.17 29.09 -11.77
CA VAL D 85 -30.02 29.47 -13.19
C VAL D 85 -31.16 30.39 -13.61
N ARG D 86 -30.80 31.45 -14.34
CA ARG D 86 -31.78 32.38 -14.93
C ARG D 86 -32.72 31.66 -15.89
N LEU D 87 -33.97 32.06 -15.83
CA LEU D 87 -35.03 31.45 -16.61
C LEU D 87 -35.33 32.32 -17.80
N ASP D 88 -35.33 31.69 -18.97
CA ASP D 88 -35.77 32.31 -20.20
C ASP D 88 -37.19 31.81 -20.44
N LEU D 89 -38.15 32.69 -20.25
CA LEU D 89 -39.58 32.36 -20.30
C LEU D 89 -40.20 32.85 -21.61
N SER D 90 -39.38 33.17 -22.60
CA SER D 90 -39.94 33.79 -23.83
C SER D 90 -40.73 32.83 -24.70
N GLN D 91 -40.51 31.52 -24.57
CA GLN D 91 -41.25 30.53 -25.33
C GLN D 91 -42.51 30.04 -24.63
N VAL D 92 -42.88 30.66 -23.51
CA VAL D 92 -44.07 30.29 -22.73
C VAL D 92 -45.00 31.50 -22.70
N ASN D 93 -46.21 31.36 -23.19
CA ASN D 93 -47.13 32.47 -23.23
C ASN D 93 -47.98 32.67 -22.01
N GLU D 94 -48.22 31.61 -21.24
CA GLU D 94 -49.17 31.71 -20.10
C GLU D 94 -48.53 31.15 -18.83
N LEU D 95 -48.40 31.99 -17.81
CA LEU D 95 -47.77 31.54 -16.58
C LEU D 95 -48.13 32.44 -15.42
N SER D 96 -48.09 31.87 -14.24
CA SER D 96 -48.18 32.61 -12.98
C SER D 96 -47.14 32.01 -12.02
N PHE D 97 -46.13 32.79 -11.65
CA PHE D 97 -45.09 32.34 -10.70
C PHE D 97 -45.03 33.26 -9.49
N PHE D 98 -44.49 32.75 -8.37
CA PHE D 98 -44.22 33.60 -7.17
C PHE D 98 -43.00 33.06 -6.47
N LEU D 99 -42.34 33.94 -5.69
CA LEU D 99 -41.14 33.58 -4.96
C LEU D 99 -41.43 32.50 -3.92
N GLY D 100 -40.69 31.41 -4.00
CA GLY D 100 -40.83 30.26 -3.12
C GLY D 100 -41.58 29.12 -3.75
N GLN D 101 -42.26 29.38 -4.85
CA GLN D 101 -42.96 28.36 -5.58
C GLN D 101 -42.01 27.26 -6.06
N ILE D 102 -42.39 26.00 -5.83
CA ILE D 102 -41.69 24.87 -6.37
C ILE D 102 -42.37 24.57 -7.71
N VAL D 103 -41.55 24.37 -8.77
CA VAL D 103 -42.06 24.23 -10.14
C VAL D 103 -41.33 23.14 -10.88
N ALA D 104 -41.97 22.61 -11.91
CA ALA D 104 -41.45 21.54 -12.75
C ALA D 104 -41.50 21.99 -14.20
N PHE D 105 -40.36 21.90 -14.89
CA PHE D 105 -40.29 22.30 -16.29
C PHE D 105 -39.73 21.22 -17.17
N LYS D 106 -40.11 21.30 -18.44
CA LYS D 106 -39.36 20.68 -19.54
C LYS D 106 -38.71 21.82 -20.33
N GLY D 107 -37.41 21.71 -20.53
CA GLY D 107 -36.66 22.76 -21.22
C GLY D 107 -35.20 22.41 -21.53
N LYS D 108 -34.44 23.44 -21.85
CA LYS D 108 -33.05 23.24 -22.24
C LYS D 108 -32.20 24.46 -21.94
N ASN D 109 -31.01 24.23 -21.44
CA ASN D 109 -29.99 25.25 -21.31
C ASN D 109 -29.05 25.12 -22.53
N ALA D 110 -29.30 25.94 -23.55
CA ALA D 110 -28.65 25.76 -24.86
C ALA D 110 -27.17 26.20 -24.84
N ASN D 111 -26.88 27.32 -24.15
CA ASN D 111 -25.55 27.99 -24.15
C ASN D 111 -24.83 28.03 -22.80
N GLY D 112 -25.52 27.68 -21.70
CA GLY D 112 -24.89 27.65 -20.38
C GLY D 112 -25.39 28.72 -19.44
N ASP D 113 -25.87 29.84 -19.98
CA ASP D 113 -26.25 30.99 -19.15
C ASP D 113 -27.72 31.14 -18.81
N TYR D 114 -28.58 30.32 -19.40
CA TYR D 114 -30.03 30.53 -19.31
C TYR D 114 -30.71 29.18 -19.46
N PHE D 115 -31.81 28.96 -18.75
CA PHE D 115 -32.62 27.76 -19.00
C PHE D 115 -33.90 28.15 -19.70
N THR D 116 -34.08 27.68 -20.94
CA THR D 116 -35.27 28.04 -21.72
C THR D 116 -36.38 27.08 -21.37
N VAL D 117 -37.49 27.61 -20.88
CA VAL D 117 -38.62 26.76 -20.59
C VAL D 117 -39.47 26.52 -21.86
N ASN D 118 -39.62 25.25 -22.20
CA ASN D 118 -40.49 24.87 -23.30
C ASN D 118 -41.87 24.48 -22.82
N SER D 119 -41.97 23.79 -21.69
CA SER D 119 -43.28 23.59 -21.08
C SER D 119 -43.24 23.54 -19.55
N ILE D 120 -44.36 23.88 -18.97
CA ILE D 120 -44.54 23.87 -17.53
C ILE D 120 -45.31 22.60 -17.20
N LEU D 121 -44.74 21.69 -16.45
CA LEU D 121 -45.51 20.55 -16.02
C LEU D 121 -46.34 20.97 -14.79
N PRO D 122 -47.65 21.06 -14.94
CA PRO D 122 -48.49 21.41 -13.80
C PRO D 122 -48.30 20.45 -12.63
N LEU D 123 -48.18 20.99 -11.40
CA LEU D 123 -48.16 20.17 -10.19
C LEU D 123 -49.56 19.60 -10.08
N PRO D 124 -49.67 18.30 -9.79
CA PRO D 124 -51.02 17.73 -9.60
C PRO D 124 -51.67 18.09 -8.26
N TYR D 125 -52.98 18.19 -8.26
CA TYR D 125 -53.70 18.50 -7.04
C TYR D 125 -53.65 17.33 -6.07
N PRO D 126 -53.51 17.61 -4.76
CA PRO D 126 -53.55 16.56 -3.75
C PRO D 126 -54.90 15.86 -3.70
N ASN D 127 -54.86 14.60 -3.27
CA ASN D 127 -56.03 13.78 -3.07
C ASN D 127 -56.96 14.37 -2.02
N SER D 128 -58.22 14.03 -2.13
CA SER D 128 -59.21 14.44 -1.19
C SER D 128 -59.42 13.29 -0.22
N PRO D 129 -59.78 13.62 1.03
CA PRO D 129 -60.09 12.61 2.03
C PRO D 129 -61.39 11.90 1.77
N VAL D 130 -61.45 10.68 2.26
CA VAL D 130 -62.60 9.81 2.03
C VAL D 130 -63.09 9.25 3.35
N SER D 131 -64.30 8.70 3.35
CA SER D 131 -64.84 8.06 4.55
C SER D 131 -65.60 6.79 4.22
N THR D 132 -65.68 5.88 5.16
CA THR D 132 -66.40 4.64 4.98
C THR D 132 -67.89 4.91 5.19
N SER D 133 -68.73 4.00 4.70
CA SER D 133 -70.18 4.14 4.86
C SER D 133 -70.59 4.15 6.34
N GLN D 134 -70.00 3.26 7.14
CA GLN D 134 -70.24 3.25 8.60
C GLN D 134 -69.96 4.61 9.20
N GLU D 135 -68.83 5.21 8.85
CA GLU D 135 -68.47 6.49 9.42
C GLU D 135 -69.52 7.54 9.08
N LEU D 136 -69.97 7.52 7.84
CA LEU D 136 -70.90 8.54 7.33
C LEU D 136 -72.28 8.37 7.94
N GLN D 137 -72.64 7.13 8.24
CA GLN D 137 -73.92 6.88 8.91
C GLN D 137 -73.92 7.37 10.37
N GLU D 138 -72.80 7.20 11.08
CA GLU D 138 -72.66 7.75 12.44
C GLU D 138 -72.85 9.26 12.39
N PHE D 139 -72.10 9.91 11.50
CA PHE D 139 -72.21 11.34 11.29
C PHE D 139 -73.65 11.74 11.02
N GLN D 140 -74.33 10.97 10.19
CA GLN D 140 -75.74 11.23 9.92
C GLN D 140 -76.57 11.15 11.21
N ALA D 141 -76.31 10.13 12.04
CA ALA D 141 -76.99 10.00 13.33
C ALA D 141 -76.67 11.16 14.29
N ASN D 142 -75.42 11.60 14.36
CA ASN D 142 -75.04 12.75 15.21
C ASN D 142 -76.00 13.90 15.02
N LEU D 143 -76.27 14.24 13.77
CA LEU D 143 -76.98 15.48 13.42
C LEU D 143 -78.48 15.35 13.48
N GLU D 144 -78.98 14.13 13.64
CA GLU D 144 -80.42 13.92 13.81
C GLU D 144 -81.19 14.56 12.65
N GLY D 145 -80.84 14.16 11.43
CA GLY D 145 -81.41 14.76 10.21
C GLY D 145 -80.77 16.09 9.84
N SER D 146 -81.04 17.13 10.66
CA SER D 146 -80.59 18.53 10.42
C SER D 146 -79.13 18.73 9.94
N SER D 147 -78.84 19.93 9.45
CA SER D 147 -77.55 20.19 8.81
C SER D 147 -76.52 20.74 9.77
N LEU D 148 -75.27 20.67 9.35
CA LEU D 148 -74.15 21.06 10.17
C LEU D 148 -73.93 22.55 10.02
N LYS D 149 -73.75 23.25 11.14
CA LYS D 149 -73.48 24.70 11.13
C LYS D 149 -72.17 24.95 11.81
N VAL D 150 -71.32 25.69 11.10
CA VAL D 150 -70.05 26.10 11.62
C VAL D 150 -69.93 27.60 11.38
N ILE D 151 -69.57 28.34 12.43
CA ILE D 151 -69.37 29.76 12.30
C ILE D 151 -67.88 30.02 12.42
N VAL D 152 -67.41 31.02 11.70
CA VAL D 152 -66.01 31.34 11.73
C VAL D 152 -65.81 32.85 11.81
N THR D 153 -64.96 33.26 12.76
CA THR D 153 -64.66 34.67 12.97
C THR D 153 -63.19 34.86 13.01
N CYS D 154 -62.76 36.10 12.82
N CYS D 154 -62.77 36.11 12.79
CA CYS D 154 -61.35 36.41 12.78
CA CYS D 154 -61.36 36.46 12.72
C CYS D 154 -61.06 37.79 13.32
C CYS D 154 -61.11 37.80 13.36
N GLY D 155 -60.07 37.87 14.17
CA GLY D 155 -59.73 39.11 14.80
C GLY D 155 -59.24 40.12 13.79
N PRO D 156 -59.11 41.39 14.19
CA PRO D 156 -59.32 41.95 15.52
C PRO D 156 -60.77 41.95 15.91
N TYR D 157 -61.02 41.95 17.23
CA TYR D 157 -62.38 41.94 17.77
C TYR D 157 -62.78 43.27 18.37
N PHE D 158 -61.81 44.14 18.65
CA PHE D 158 -62.13 45.52 18.98
C PHE D 158 -61.41 46.54 18.13
N ALA D 159 -62.00 47.74 18.04
CA ALA D 159 -61.51 48.83 17.22
C ALA D 159 -60.15 49.38 17.70
N ASN D 160 -59.58 50.27 16.87
CA ASN D 160 -58.27 50.86 17.16
C ASN D 160 -58.33 51.92 18.24
N ASP D 161 -59.48 52.56 18.40
CA ASP D 161 -59.56 53.69 19.30
C ASP D 161 -60.34 53.41 20.61
N ASN D 162 -60.64 52.15 20.89
CA ASN D 162 -61.35 51.80 22.13
C ASN D 162 -61.16 50.33 22.51
N PHE D 163 -61.84 49.90 23.58
CA PHE D 163 -61.77 48.50 24.01
C PHE D 163 -63.15 47.86 24.06
N SER D 164 -64.07 48.31 23.21
CA SER D 164 -65.42 47.77 23.19
C SER D 164 -65.47 46.42 22.57
N LEU D 165 -66.09 45.51 23.30
CA LEU D 165 -66.43 44.20 22.80
C LEU D 165 -67.96 44.09 22.72
N GLU D 166 -68.64 45.23 22.62
CA GLU D 166 -70.10 45.24 22.48
C GLU D 166 -70.55 44.46 21.27
N LEU D 167 -69.85 44.61 20.15
CA LEU D 167 -70.27 43.95 18.91
C LEU D 167 -70.14 42.42 19.07
N LEU D 168 -69.05 42.00 19.68
CA LEU D 168 -68.85 40.61 20.01
C LEU D 168 -69.93 40.05 20.95
N GLN D 169 -70.36 40.86 21.92
CA GLN D 169 -71.46 40.43 22.79
C GLN D 169 -72.76 40.27 22.04
N GLU D 170 -73.12 41.24 21.22
CA GLU D 170 -74.29 41.15 20.32
C GLU D 170 -74.20 39.83 19.50
N PHE D 171 -73.03 39.56 18.90
CA PHE D 171 -72.81 38.37 18.10
C PHE D 171 -73.01 37.13 18.92
N ILE D 172 -72.34 37.05 20.08
CA ILE D 172 -72.53 35.88 20.98
C ILE D 172 -73.99 35.64 21.37
N ASP D 173 -74.77 36.71 21.52
CA ASP D 173 -76.19 36.52 21.83
C ASP D 173 -76.92 35.87 20.66
N SER D 174 -76.58 36.33 19.47
CA SER D 174 -77.21 35.85 18.27
C SER D 174 -76.90 34.38 18.01
N ILE D 175 -75.65 33.97 18.20
CA ILE D 175 -75.33 32.56 18.00
C ILE D 175 -75.89 31.65 19.12
N ASN D 176 -75.85 32.08 20.37
CA ASN D 176 -76.50 31.36 21.47
C ASN D 176 -78.01 31.16 21.32
N ASN D 177 -78.72 32.20 20.90
CA ASN D 177 -80.18 32.16 20.93
C ASN D 177 -80.92 32.10 19.59
N GLU D 178 -80.23 32.30 18.47
CA GLU D 178 -80.83 32.27 17.15
C GLU D 178 -80.14 31.24 16.23
N VAL D 179 -78.87 31.44 15.93
CA VAL D 179 -78.20 30.61 14.93
C VAL D 179 -77.90 29.18 15.43
N LYS D 180 -77.39 29.08 16.66
CA LYS D 180 -77.16 27.79 17.33
C LYS D 180 -76.34 26.85 16.48
N PRO D 181 -75.08 27.22 16.20
CA PRO D 181 -74.24 26.41 15.37
C PRO D 181 -73.70 25.26 16.20
N HIS D 182 -73.06 24.29 15.55
CA HIS D 182 -72.43 23.19 16.28
C HIS D 182 -71.03 23.55 16.75
N VAL D 183 -70.31 24.36 15.96
CA VAL D 183 -68.93 24.68 16.23
C VAL D 183 -68.70 26.12 15.84
N LEU D 184 -67.88 26.81 16.62
CA LEU D 184 -67.43 28.17 16.32
C LEU D 184 -65.91 28.18 16.26
N ILE D 185 -65.36 28.72 15.18
CA ILE D 185 -63.90 28.77 15.04
C ILE D 185 -63.52 30.24 15.09
N MET D 186 -62.63 30.60 16.02
CA MET D 186 -62.27 31.98 16.22
C MET D 186 -60.77 32.10 16.04
N PHE D 187 -60.36 32.92 15.07
CA PHE D 187 -58.99 33.18 14.78
C PHE D 187 -58.59 34.46 15.46
N GLY D 188 -57.39 34.50 16.00
CA GLY D 188 -56.81 35.71 16.53
C GLY D 188 -56.46 36.65 15.39
N PRO D 189 -55.88 37.82 15.69
CA PRO D 189 -55.46 38.25 17.06
C PRO D 189 -56.65 38.61 17.96
N PHE D 190 -56.52 38.32 19.25
CA PHE D 190 -57.47 38.75 20.28
C PHE D 190 -56.98 40.07 20.86
N ILE D 191 -55.82 40.05 21.54
CA ILE D 191 -55.12 41.29 21.87
C ILE D 191 -53.98 41.37 20.87
N ASP D 192 -54.18 42.24 19.89
CA ASP D 192 -53.23 42.48 18.80
C ASP D 192 -52.09 43.34 19.33
N ILE D 193 -50.87 42.79 19.35
CA ILE D 193 -49.67 43.53 19.83
C ILE D 193 -49.37 44.80 19.03
N THR D 194 -49.97 44.89 17.83
CA THR D 194 -49.79 46.01 16.93
C THR D 194 -50.96 46.95 16.97
N HIS D 195 -51.96 46.69 17.82
CA HIS D 195 -53.02 47.68 18.05
C HIS D 195 -52.35 48.96 18.52
N PRO D 196 -52.71 50.11 17.94
CA PRO D 196 -51.96 51.32 18.20
C PRO D 196 -51.93 51.76 19.66
N LEU D 197 -53.00 51.53 20.40
CA LEU D 197 -52.99 51.88 21.82
C LEU D 197 -52.11 50.93 22.63
N ILE D 198 -52.16 49.65 22.27
CA ILE D 198 -51.31 48.64 22.90
C ILE D 198 -49.85 48.93 22.54
N ALA D 199 -49.59 49.26 21.27
CA ALA D 199 -48.22 49.56 20.81
C ALA D 199 -47.65 50.77 21.49
N SER D 200 -48.43 51.85 21.65
CA SER D 200 -47.90 53.07 22.27
C SER D 200 -47.87 53.02 23.79
N GLY D 201 -48.52 52.04 24.39
CA GLY D 201 -48.72 52.03 25.84
C GLY D 201 -49.75 53.03 26.34
N LYS D 202 -50.59 53.54 25.44
CA LYS D 202 -51.66 54.44 25.88
C LYS D 202 -52.84 53.59 26.31
N LEU D 203 -52.71 52.94 27.47
CA LEU D 203 -53.73 52.04 27.97
C LEU D 203 -54.39 52.71 29.17
N PRO D 204 -55.72 52.76 29.15
CA PRO D 204 -56.44 53.51 30.19
C PRO D 204 -56.74 52.67 31.42
N ASN D 205 -57.20 53.38 32.43
CA ASN D 205 -57.89 52.80 33.55
C ASN D 205 -59.24 52.26 33.13
N PHE D 206 -59.53 51.02 33.51
CA PHE D 206 -60.82 50.42 33.23
C PHE D 206 -61.70 50.42 34.47
N PRO D 207 -62.68 51.34 34.51
CA PRO D 207 -63.51 51.43 35.73
C PRO D 207 -64.43 50.24 35.95
N GLN D 208 -64.58 49.35 34.97
CA GLN D 208 -65.43 48.16 35.10
C GLN D 208 -64.67 46.94 35.60
N PHE D 209 -63.39 47.12 35.92
CA PHE D 209 -62.56 46.08 36.55
C PHE D 209 -62.20 46.51 37.93
N LYS D 210 -62.41 45.62 38.91
CA LYS D 210 -62.09 45.97 40.29
C LYS D 210 -60.57 46.14 40.43
N THR D 211 -59.81 45.18 39.94
CA THR D 211 -58.36 45.28 39.94
C THR D 211 -57.88 45.40 38.51
N GLN D 212 -57.12 46.45 38.25
CA GLN D 212 -56.58 46.73 36.92
C GLN D 212 -55.59 45.69 36.52
N PRO D 213 -55.56 45.36 35.23
CA PRO D 213 -54.57 44.42 34.70
C PRO D 213 -53.21 45.06 34.73
N LYS D 214 -52.17 44.26 34.98
CA LYS D 214 -50.82 44.79 35.06
C LYS D 214 -50.00 44.43 33.82
N THR D 215 -50.51 43.46 33.04
CA THR D 215 -49.83 42.97 31.84
C THR D 215 -50.87 42.72 30.77
N LEU D 216 -50.43 42.51 29.53
CA LEU D 216 -51.36 42.22 28.44
C LEU D 216 -52.06 40.87 28.62
N ASP D 217 -51.38 39.89 29.20
CA ASP D 217 -52.01 38.61 29.54
C ASP D 217 -53.17 38.85 30.54
N GLU D 218 -52.93 39.68 31.57
CA GLU D 218 -54.03 40.02 32.48
C GLU D 218 -55.14 40.83 31.79
N LEU D 219 -54.78 41.64 30.79
CA LEU D 219 -55.81 42.35 30.04
C LEU D 219 -56.71 41.34 29.34
N PHE D 220 -56.14 40.27 28.79
CA PHE D 220 -56.98 39.24 28.15
C PHE D 220 -57.93 38.59 29.15
N LEU D 221 -57.42 38.25 30.34
CA LEU D 221 -58.25 37.61 31.38
C LEU D 221 -59.42 38.46 31.82
N LYS D 222 -59.24 39.77 31.89
CA LYS D 222 -60.30 40.64 32.35
C LYS D 222 -61.25 41.10 31.23
N LEU D 223 -60.75 41.18 30.00
CA LEU D 223 -61.53 41.72 28.89
C LEU D 223 -62.22 40.66 28.10
N PHE D 224 -61.51 39.60 27.74
CA PHE D 224 -62.05 38.60 26.82
C PHE D 224 -62.66 37.40 27.52
N THR D 225 -61.97 36.88 28.51
CA THR D 225 -62.41 35.64 29.15
C THR D 225 -63.87 35.72 29.62
N PRO D 226 -64.28 36.79 30.31
CA PRO D 226 -65.65 36.85 30.80
C PRO D 226 -66.71 36.89 29.73
N ILE D 227 -66.36 37.45 28.58
CA ILE D 227 -67.26 37.48 27.44
C ILE D 227 -67.29 36.14 26.72
N LEU D 228 -66.11 35.58 26.48
CA LEU D 228 -66.01 34.27 25.80
C LEU D 228 -66.71 33.15 26.61
N LYS D 229 -66.62 33.22 27.94
CA LYS D 229 -67.29 32.27 28.84
C LYS D 229 -68.78 32.23 28.63
N THR D 230 -69.36 33.25 28.03
CA THR D 230 -70.82 33.25 27.83
C THR D 230 -71.25 32.52 26.58
N ILE D 231 -70.31 32.06 25.74
CA ILE D 231 -70.70 31.25 24.59
C ILE D 231 -71.34 29.99 25.14
N SER D 232 -72.47 29.60 24.57
CA SER D 232 -73.16 28.43 25.04
C SER D 232 -72.24 27.19 25.08
N PRO D 233 -72.34 26.41 26.16
CA PRO D 233 -71.52 25.23 26.24
C PRO D 233 -71.92 24.19 25.22
N HIS D 234 -73.08 24.33 24.56
CA HIS D 234 -73.42 23.41 23.47
C HIS D 234 -72.68 23.69 22.17
N ILE D 235 -72.07 24.86 22.07
CA ILE D 235 -71.30 25.26 20.92
C ILE D 235 -69.83 25.02 21.18
N GLN D 236 -69.25 24.02 20.52
CA GLN D 236 -67.82 23.82 20.68
C GLN D 236 -67.06 24.96 20.01
N THR D 237 -66.05 25.50 20.69
CA THR D 237 -65.41 26.73 20.28
C THR D 237 -63.94 26.48 20.20
N VAL D 238 -63.38 26.74 19.03
CA VAL D 238 -62.00 26.46 18.74
C VAL D 238 -61.26 27.78 18.61
N LEU D 239 -60.14 27.93 19.31
CA LEU D 239 -59.32 29.13 19.21
C LEU D 239 -58.01 28.83 18.45
N ILE D 240 -57.73 29.65 17.44
CA ILE D 240 -56.53 29.54 16.65
C ILE D 240 -55.83 30.90 16.67
N PRO D 241 -54.57 30.92 17.11
CA PRO D 241 -53.89 32.18 17.27
C PRO D 241 -53.32 32.81 15.98
N SER D 242 -52.82 34.03 16.18
CA SER D 242 -52.03 34.76 15.21
C SER D 242 -50.68 35.02 15.86
N THR D 243 -49.63 35.15 15.07
CA THR D 243 -48.34 35.47 15.65
C THR D 243 -48.34 36.91 16.19
N LYS D 244 -49.38 37.68 15.88
CA LYS D 244 -49.60 39.00 16.45
C LYS D 244 -50.36 39.00 17.81
N ASP D 245 -50.79 37.81 18.30
CA ASP D 245 -51.44 37.69 19.61
C ASP D 245 -50.45 37.90 20.73
N ALA D 246 -50.68 38.98 21.46
CA ALA D 246 -49.93 39.25 22.68
C ALA D 246 -50.03 38.09 23.67
N ILE D 247 -51.16 37.39 23.72
CA ILE D 247 -51.31 36.26 24.63
C ILE D 247 -50.49 35.03 24.27
N SER D 248 -50.04 34.91 23.02
CA SER D 248 -49.11 33.84 22.65
C SER D 248 -47.69 34.23 22.99
N ASN D 249 -46.94 33.29 23.56
CA ASN D 249 -45.50 33.48 23.73
C ASN D 249 -44.66 32.76 22.66
N HIS D 250 -45.28 32.47 21.52
N HIS D 250 -45.32 32.37 21.55
CA HIS D 250 -44.61 31.78 20.43
CA HIS D 250 -44.68 31.74 20.39
C HIS D 250 -44.96 32.51 19.15
C HIS D 250 -45.05 32.61 19.20
N ALA D 251 -44.17 33.53 18.82
CA ALA D 251 -44.47 34.50 17.80
C ALA D 251 -43.86 34.18 16.43
N ALA D 252 -43.83 32.90 16.07
CA ALA D 252 -43.42 32.45 14.73
C ALA D 252 -44.46 31.50 14.16
N TYR D 253 -44.69 31.56 12.86
CA TYR D 253 -45.48 30.56 12.13
C TYR D 253 -44.56 29.42 11.65
N PRO D 254 -44.89 28.17 11.93
CA PRO D 254 -46.05 27.67 12.59
C PRO D 254 -45.98 27.92 14.10
N GLN D 255 -47.14 28.13 14.67
CA GLN D 255 -47.29 28.67 16.03
C GLN D 255 -47.99 27.61 16.86
N ALA D 256 -47.40 27.27 17.99
CA ALA D 256 -47.98 26.31 18.94
C ALA D 256 -49.36 26.82 19.45
N SER D 257 -50.22 25.94 19.90
CA SER D 257 -51.54 26.37 20.37
C SER D 257 -51.46 27.16 21.65
N LEU D 258 -52.45 27.98 21.88
CA LEU D 258 -52.64 28.63 23.17
C LEU D 258 -52.93 27.59 24.24
N ILE D 259 -52.62 27.94 25.49
CA ILE D 259 -52.90 27.05 26.63
C ILE D 259 -54.23 27.46 27.27
N ARG D 260 -55.27 26.66 27.05
CA ARG D 260 -56.62 26.95 27.50
C ARG D 260 -56.75 27.33 28.98
N LYS D 261 -56.09 26.57 29.85
CA LYS D 261 -56.12 26.83 31.29
C LYS D 261 -55.57 28.20 31.62
N ALA D 262 -54.53 28.60 30.90
CA ALA D 262 -53.90 29.88 31.13
C ALA D 262 -54.85 30.98 30.70
N LEU D 263 -55.73 30.72 29.72
CA LEU D 263 -56.77 31.70 29.37
C LEU D 263 -58.01 31.66 30.28
N GLN D 264 -58.01 30.72 31.23
CA GLN D 264 -59.13 30.51 32.17
C GLN D 264 -60.46 30.30 31.48
N LEU D 265 -60.42 29.60 30.34
CA LEU D 265 -61.62 29.25 29.60
C LEU D 265 -62.04 27.84 29.94
N PRO D 266 -63.35 27.58 30.00
CA PRO D 266 -63.79 26.28 30.47
C PRO D 266 -63.55 25.13 29.49
N LYS D 267 -63.15 23.98 30.05
CA LYS D 267 -63.02 22.73 29.34
C LYS D 267 -64.27 22.30 28.59
N ARG D 268 -65.42 22.62 29.16
CA ARG D 268 -66.67 22.12 28.64
C ARG D 268 -66.81 22.39 27.15
N ASN D 269 -66.29 23.49 26.63
CA ASN D 269 -66.50 23.75 25.24
C ASN D 269 -65.43 24.54 24.49
N PHE D 270 -64.24 24.71 25.06
CA PHE D 270 -63.13 25.42 24.39
C PHE D 270 -62.00 24.49 24.05
N LYS D 271 -61.57 24.52 22.80
CA LYS D 271 -60.38 23.81 22.41
C LYS D 271 -59.45 24.78 21.76
N CYS D 272 -58.20 24.78 22.20
CA CYS D 272 -57.16 25.61 21.60
C CYS D 272 -56.41 24.82 20.57
N MET D 273 -56.31 25.33 19.34
CA MET D 273 -55.55 24.65 18.28
C MET D 273 -54.29 25.42 17.84
N ALA D 274 -53.36 24.72 17.21
CA ALA D 274 -52.20 25.33 16.60
C ALA D 274 -52.57 26.15 15.33
N ASN D 275 -51.62 27.01 14.93
CA ASN D 275 -51.70 27.85 13.74
C ASN D 275 -50.52 27.42 12.86
N PRO D 276 -50.78 26.60 11.82
CA PRO D 276 -52.05 26.16 11.34
C PRO D 276 -52.53 24.93 12.06
N SER D 277 -53.75 24.51 11.76
CA SER D 277 -54.18 23.21 12.20
C SER D 277 -55.26 22.68 11.26
N SER D 278 -55.42 21.36 11.28
CA SER D 278 -56.34 20.65 10.41
C SER D 278 -57.12 19.72 11.29
N PHE D 279 -58.40 19.56 11.01
CA PHE D 279 -59.23 18.72 11.84
C PHE D 279 -60.51 18.39 11.12
N GLN D 280 -61.20 17.39 11.61
CA GLN D 280 -62.53 17.05 11.12
C GLN D 280 -63.68 17.51 12.02
N ILE D 281 -64.71 18.05 11.40
CA ILE D 281 -66.00 18.22 12.07
C ILE D 281 -66.91 17.30 11.29
N ASN D 282 -67.35 16.24 11.95
CA ASN D 282 -67.96 15.10 11.26
C ASN D 282 -66.98 14.63 10.15
N GLU D 283 -67.44 14.51 8.91
CA GLU D 283 -66.55 14.07 7.83
C GLU D 283 -65.72 15.20 7.24
N ILE D 284 -66.10 16.44 7.52
CA ILE D 284 -65.52 17.59 6.82
C ILE D 284 -64.12 17.94 7.30
N TYR D 285 -63.13 17.77 6.43
CA TYR D 285 -61.75 18.16 6.75
C TYR D 285 -61.54 19.66 6.57
N PHE D 286 -61.13 20.32 7.65
CA PHE D 286 -60.79 21.72 7.63
C PHE D 286 -59.28 21.88 7.58
N GLY D 287 -58.81 22.88 6.85
CA GLY D 287 -57.43 23.32 6.92
C GLY D 287 -57.43 24.79 7.25
N CYS D 288 -56.94 25.15 8.43
CA CYS D 288 -56.95 26.50 8.95
C CYS D 288 -55.57 27.04 9.17
N SER D 289 -55.32 28.21 8.61
CA SER D 289 -54.00 28.84 8.71
C SER D 289 -54.20 30.29 8.85
N ASN D 290 -53.43 30.92 9.72
CA ASN D 290 -53.64 32.32 10.06
C ASN D 290 -52.49 33.26 9.72
N VAL D 291 -51.88 33.07 8.55
CA VAL D 291 -50.97 34.04 7.94
C VAL D 291 -51.59 34.37 6.58
N ASP D 292 -51.54 35.64 6.20
CA ASP D 292 -52.34 36.16 5.11
C ASP D 292 -51.76 35.87 3.69
N THR D 293 -51.90 34.62 3.24
CA THR D 293 -51.36 34.22 1.98
C THR D 293 -52.01 35.00 0.88
N PHE D 294 -53.32 35.17 0.95
CA PHE D 294 -54.05 35.86 -0.09
C PHE D 294 -53.67 37.32 -0.29
N LYS D 295 -53.17 37.97 0.76
CA LYS D 295 -52.66 39.34 0.63
C LYS D 295 -51.21 39.31 0.14
N ASP D 296 -50.44 38.36 0.61
CA ASP D 296 -48.99 38.38 0.43
C ASP D 296 -48.45 37.85 -0.88
N LEU D 297 -49.15 36.89 -1.48
CA LEU D 297 -48.67 36.21 -2.68
C LEU D 297 -48.67 37.11 -3.93
N LYS D 298 -47.49 37.56 -4.35
CA LYS D 298 -47.34 38.46 -5.49
C LYS D 298 -46.94 37.71 -6.73
N GLU D 299 -47.88 37.52 -7.64
CA GLU D 299 -47.65 36.72 -8.82
C GLU D 299 -46.90 37.52 -9.88
N VAL D 300 -45.99 36.86 -10.56
CA VAL D 300 -45.45 37.35 -11.81
C VAL D 300 -46.21 36.60 -12.91
N ILE D 301 -46.91 37.36 -13.76
CA ILE D 301 -47.89 36.79 -14.70
C ILE D 301 -47.56 37.11 -16.15
N LYS D 302 -47.83 36.17 -17.03
CA LYS D 302 -47.80 36.39 -18.49
C LYS D 302 -49.03 35.72 -19.13
N GLY D 303 -49.68 36.41 -20.08
CA GLY D 303 -50.76 35.83 -20.88
C GLY D 303 -52.14 36.38 -20.61
N GLY D 304 -52.92 36.51 -21.66
CA GLY D 304 -54.27 37.04 -21.55
C GLY D 304 -55.21 36.13 -20.78
N THR D 305 -55.05 34.82 -20.96
CA THR D 305 -55.91 33.85 -20.29
C THR D 305 -55.68 33.88 -18.78
N THR D 306 -54.42 33.78 -18.38
CA THR D 306 -54.04 33.86 -16.98
C THR D 306 -54.55 35.17 -16.36
N SER D 307 -54.24 36.29 -17.00
CA SER D 307 -54.65 37.61 -16.53
C SER D 307 -56.16 37.82 -16.33
N SER D 308 -56.97 37.24 -17.22
CA SER D 308 -58.41 37.46 -17.16
C SER D 308 -59.09 36.58 -16.11
N ARG D 309 -58.34 35.66 -15.52
CA ARG D 309 -58.89 34.89 -14.42
C ARG D 309 -58.90 35.72 -13.14
N TYR D 310 -59.68 35.29 -12.15
CA TYR D 310 -59.75 35.99 -10.87
C TYR D 310 -58.52 35.61 -10.05
N ARG D 311 -57.85 36.61 -9.53
CA ARG D 311 -56.65 36.43 -8.70
C ARG D 311 -56.87 35.40 -7.57
N LEU D 312 -58.01 35.43 -6.90
CA LEU D 312 -58.26 34.57 -5.75
C LEU D 312 -58.31 33.10 -6.15
N ASP D 313 -58.78 32.85 -7.38
CA ASP D 313 -58.78 31.51 -7.98
C ASP D 313 -57.36 31.04 -8.24
N ARG D 314 -56.58 31.90 -8.88
CA ARG D 314 -55.18 31.52 -9.13
C ARG D 314 -54.41 31.32 -7.85
N VAL D 315 -54.57 32.21 -6.87
CA VAL D 315 -53.80 32.06 -5.59
C VAL D 315 -54.21 30.79 -4.86
N SER D 316 -55.50 30.48 -4.84
CA SER D 316 -56.00 29.25 -4.20
C SER D 316 -55.42 28.00 -4.84
N GLU D 317 -55.31 28.01 -6.16
CA GLU D 317 -54.68 26.91 -6.90
C GLU D 317 -53.22 26.76 -6.57
N HIS D 318 -52.52 27.87 -6.44
CA HIS D 318 -51.12 27.81 -6.06
C HIS D 318 -51.01 27.10 -4.74
N ILE D 319 -51.81 27.50 -3.74
CA ILE D 319 -51.74 26.92 -2.40
C ILE D 319 -51.99 25.41 -2.47
N LEU D 320 -53.05 25.01 -3.18
CA LEU D 320 -53.39 23.61 -3.31
C LEU D 320 -52.26 22.81 -3.97
N GLN D 321 -51.69 23.38 -5.05
CA GLN D 321 -50.55 22.77 -5.73
C GLN D 321 -49.32 22.67 -4.88
N GLN D 322 -49.06 23.70 -4.09
CA GLN D 322 -47.85 23.73 -3.24
C GLN D 322 -47.99 22.88 -1.98
N ARG D 323 -49.20 22.48 -1.65
CA ARG D 323 -49.50 21.63 -0.49
C ARG D 323 -48.99 22.20 0.82
N ARG D 324 -48.98 23.53 0.92
CA ARG D 324 -48.62 24.18 2.15
C ARG D 324 -49.34 25.53 2.25
N TYR D 325 -49.74 25.91 3.46
CA TYR D 325 -50.71 27.01 3.64
C TYR D 325 -50.08 28.40 3.37
N TYR D 326 -48.78 28.54 3.60
CA TYR D 326 -48.08 29.79 3.26
C TYR D 326 -46.83 29.46 2.46
N PRO D 327 -46.98 29.29 1.13
CA PRO D 327 -45.83 28.84 0.31
C PRO D 327 -44.81 29.89 -0.11
N ILE D 328 -45.09 31.14 0.21
CA ILE D 328 -44.23 32.26 -0.17
C ILE D 328 -42.95 32.17 0.63
N PHE D 329 -41.79 32.26 -0.04
CA PHE D 329 -40.51 32.31 0.65
C PHE D 329 -39.51 33.08 -0.13
N PRO D 330 -38.78 34.01 0.52
CA PRO D 330 -38.91 34.46 1.93
C PRO D 330 -40.30 34.99 2.21
N GLY D 331 -40.73 34.90 3.47
CA GLY D 331 -42.07 35.36 3.84
C GLY D 331 -42.15 36.86 3.82
N SER D 332 -43.36 37.43 3.77
CA SER D 332 -43.45 38.90 3.67
C SER D 332 -43.15 39.58 5.00
N ILE D 333 -42.70 40.81 4.87
CA ILE D 333 -42.28 41.66 5.99
C ILE D 333 -43.08 42.96 5.98
N ARG D 334 -43.47 43.43 7.18
CA ARG D 334 -44.12 44.74 7.38
C ARG D 334 -43.21 45.79 8.07
N THR D 335 -42.87 46.84 7.30
CA THR D 335 -41.68 47.70 7.52
C THR D 335 -41.91 49.13 8.02
N HIS D 361 -39.05 47.93 11.64
CA HIS D 361 -39.78 46.65 11.66
C HIS D 361 -40.96 46.64 12.67
N ILE D 362 -42.06 46.03 12.27
CA ILE D 362 -43.32 46.09 13.01
C ILE D 362 -43.89 44.69 13.19
N SER D 363 -43.96 43.96 12.08
CA SER D 363 -44.51 42.61 12.06
C SER D 363 -44.18 41.83 10.76
N GLY D 364 -44.74 40.63 10.62
CA GLY D 364 -44.47 39.80 9.43
C GLY D 364 -45.06 38.38 9.49
N ALA D 365 -44.93 37.64 8.40
CA ALA D 365 -45.20 36.22 8.40
C ALA D 365 -44.40 35.54 9.55
N ASP D 366 -43.23 36.05 9.83
CA ASP D 366 -42.43 35.46 10.88
C ASP D 366 -42.35 33.95 10.66
N LEU D 367 -41.82 33.51 9.53
CA LEU D 367 -41.72 32.09 9.31
C LEU D 367 -40.57 31.55 10.12
N ASP D 368 -40.79 30.41 10.76
CA ASP D 368 -39.74 29.71 11.42
C ASP D 368 -39.38 28.55 10.50
N VAL D 369 -38.39 28.80 9.65
CA VAL D 369 -38.22 28.05 8.43
C VAL D 369 -38.05 26.57 8.73
N SER D 370 -37.33 26.27 9.80
CA SER D 370 -37.07 24.91 10.20
C SER D 370 -38.29 24.07 10.48
N TYR D 371 -39.43 24.68 10.68
CA TYR D 371 -40.65 23.95 10.97
C TYR D 371 -41.72 24.14 9.90
N LEU D 372 -41.32 24.55 8.70
CA LEU D 372 -42.31 24.67 7.65
C LEU D 372 -42.94 23.31 7.31
N GLY D 373 -42.24 22.22 7.63
CA GLY D 373 -42.80 20.87 7.53
C GLY D 373 -44.20 20.77 8.09
N LEU D 374 -44.44 21.41 9.25
CA LEU D 374 -45.72 21.39 9.94
C LEU D 374 -46.80 22.19 9.24
N THR D 375 -46.39 23.02 8.27
CA THR D 375 -47.36 23.86 7.54
C THR D 375 -47.82 23.20 6.22
N GLU D 376 -47.39 21.96 6.00
CA GLU D 376 -47.80 21.20 4.84
C GLU D 376 -49.10 20.48 5.12
N PHE D 377 -49.81 20.11 4.06
CA PHE D 377 -51.12 19.47 4.18
C PHE D 377 -50.99 18.14 4.90
N VAL D 378 -51.69 17.99 6.01
CA VAL D 378 -51.55 16.79 6.85
C VAL D 378 -52.00 15.57 6.04
N GLY D 379 -51.18 14.55 6.03
CA GLY D 379 -51.50 13.31 5.33
C GLY D 379 -51.35 13.39 3.81
N GLY D 380 -50.93 14.52 3.28
CA GLY D 380 -50.97 14.74 1.84
C GLY D 380 -52.37 15.03 1.30
N PHE D 381 -53.36 15.19 2.16
CA PHE D 381 -54.74 15.39 1.72
C PHE D 381 -55.03 16.86 1.50
N SER D 382 -55.83 17.19 0.48
CA SER D 382 -56.33 18.55 0.41
C SER D 382 -57.54 18.65 1.36
N PRO D 383 -57.69 19.79 2.01
CA PRO D 383 -58.85 19.95 2.87
C PRO D 383 -60.12 20.06 2.05
N ASP D 384 -61.24 19.64 2.62
CA ASP D 384 -62.55 19.91 2.07
C ASP D 384 -62.86 21.41 2.16
N ILE D 385 -62.52 22.04 3.28
CA ILE D 385 -62.72 23.46 3.47
C ILE D 385 -61.42 24.06 3.94
N MET D 386 -61.00 25.14 3.31
CA MET D 386 -59.74 25.79 3.63
C MET D 386 -60.00 27.20 4.04
N ILE D 387 -59.49 27.58 5.21
CA ILE D 387 -59.78 28.86 5.77
C ILE D 387 -58.48 29.53 6.07
N ILE D 388 -58.25 30.64 5.39
CA ILE D 388 -57.06 31.44 5.58
C ILE D 388 -57.47 32.91 5.63
N PRO D 389 -57.74 33.42 6.84
CA PRO D 389 -58.23 34.79 6.92
C PRO D 389 -57.26 35.81 6.30
N SER D 390 -57.84 36.85 5.76
CA SER D 390 -57.08 37.89 5.11
C SER D 390 -57.64 39.26 5.44
N GLU D 391 -56.78 40.27 5.36
CA GLU D 391 -57.23 41.62 5.44
C GLU D 391 -57.91 42.07 4.17
N LEU D 392 -57.87 41.25 3.12
CA LEU D 392 -58.70 41.55 1.95
C LEU D 392 -60.16 41.31 2.28
N GLN D 393 -61.04 41.79 1.41
CA GLN D 393 -62.47 41.57 1.57
C GLN D 393 -62.81 40.11 1.74
N HIS D 394 -63.80 39.85 2.58
CA HIS D 394 -64.29 38.51 2.83
C HIS D 394 -64.73 37.87 1.50
N PHE D 395 -64.60 36.56 1.40
CA PHE D 395 -65.02 35.81 0.23
C PHE D 395 -65.20 34.34 0.57
N ALA D 396 -66.01 33.66 -0.20
CA ALA D 396 -66.09 32.20 -0.15
C ALA D 396 -66.16 31.72 -1.62
N ARG D 397 -65.29 30.80 -1.99
CA ARG D 397 -65.21 30.32 -3.38
C ARG D 397 -64.84 28.87 -3.42
N VAL D 398 -65.40 28.19 -4.41
CA VAL D 398 -64.98 26.84 -4.75
C VAL D 398 -63.89 26.90 -5.82
N VAL D 399 -62.78 26.24 -5.53
CA VAL D 399 -61.63 26.15 -6.42
C VAL D 399 -61.15 24.70 -6.35
N GLN D 400 -61.13 24.01 -7.49
CA GLN D 400 -60.66 22.65 -7.55
C GLN D 400 -61.34 21.77 -6.54
N ASN D 401 -62.65 21.90 -6.44
CA ASN D 401 -63.43 21.15 -5.46
C ASN D 401 -63.11 21.38 -3.99
N VAL D 402 -62.50 22.52 -3.67
CA VAL D 402 -62.21 22.89 -2.28
C VAL D 402 -62.93 24.21 -1.97
N VAL D 403 -63.63 24.25 -0.82
CA VAL D 403 -64.31 25.49 -0.40
C VAL D 403 -63.29 26.37 0.27
N VAL D 404 -63.02 27.52 -0.29
CA VAL D 404 -61.98 28.39 0.27
C VAL D 404 -62.65 29.61 0.87
N ILE D 405 -62.36 29.90 2.14
CA ILE D 405 -63.12 30.91 2.88
C ILE D 405 -62.23 31.96 3.55
N ASN D 406 -62.47 33.24 3.24
CA ASN D 406 -61.98 34.34 4.05
C ASN D 406 -63.16 35.03 4.77
N PRO D 407 -63.25 34.86 6.09
CA PRO D 407 -64.37 35.47 6.83
C PRO D 407 -64.31 36.99 6.97
N GLY D 408 -63.11 37.55 6.79
CA GLY D 408 -62.85 38.96 7.02
C GLY D 408 -62.69 39.26 8.51
N ARG D 409 -62.22 40.46 8.79
CA ARG D 409 -62.09 40.94 10.14
C ARG D 409 -63.47 41.15 10.83
N PHE D 410 -63.56 40.69 12.07
CA PHE D 410 -64.80 40.76 12.82
C PHE D 410 -65.27 42.23 13.02
N ILE D 411 -64.34 43.10 13.33
CA ILE D 411 -64.63 44.53 13.42
C ILE D 411 -63.59 45.29 12.59
N ARG D 412 -64.02 46.40 12.00
CA ARG D 412 -63.10 47.28 11.30
C ARG D 412 -62.38 48.20 12.29
N ALA D 413 -61.23 48.71 11.86
CA ALA D 413 -60.37 49.57 12.67
C ALA D 413 -61.16 50.75 13.19
N THR D 414 -62.01 51.32 12.32
CA THR D 414 -62.81 52.50 12.65
C THR D 414 -63.90 52.21 13.69
N GLY D 415 -64.21 50.92 13.91
CA GLY D 415 -65.28 50.53 14.84
C GLY D 415 -66.60 50.14 14.16
N ASN D 416 -66.66 50.30 12.83
CA ASN D 416 -67.80 49.80 12.06
C ASN D 416 -67.79 48.28 12.00
N ARG D 417 -68.99 47.72 11.82
CA ARG D 417 -69.22 46.32 11.51
C ARG D 417 -68.23 45.77 10.50
N GLY D 418 -67.62 44.65 10.85
CA GLY D 418 -66.93 43.82 9.92
C GLY D 418 -67.85 42.69 9.51
N SER D 419 -67.34 41.46 9.54
CA SER D 419 -68.07 40.32 9.00
C SER D 419 -67.61 39.02 9.62
N TYR D 420 -68.37 37.97 9.35
CA TYR D 420 -67.97 36.62 9.74
C TYR D 420 -68.59 35.65 8.73
N ALA D 421 -68.22 34.38 8.82
CA ALA D 421 -68.67 33.38 7.89
C ALA D 421 -69.57 32.35 8.58
N GLN D 422 -70.65 32.00 7.89
CA GLN D 422 -71.52 30.94 8.32
C GLN D 422 -71.52 29.82 7.29
N ILE D 423 -71.13 28.61 7.72
CA ILE D 423 -71.05 27.44 6.84
C ILE D 423 -72.17 26.48 7.23
N THR D 424 -73.06 26.22 6.28
CA THR D 424 -74.15 25.28 6.48
C THR D 424 -73.98 24.14 5.51
N VAL D 425 -73.82 22.92 6.01
CA VAL D 425 -73.57 21.77 5.17
C VAL D 425 -74.68 20.74 5.33
N GLN D 426 -75.29 20.36 4.21
CA GLN D 426 -76.31 19.33 4.21
C GLN D 426 -75.76 18.05 4.77
N CYS D 427 -76.58 17.38 5.56
CA CYS D 427 -76.23 16.15 6.23
C CYS D 427 -75.88 15.08 5.18
N PRO D 428 -74.80 14.33 5.40
CA PRO D 428 -74.42 13.39 4.38
C PRO D 428 -75.43 12.26 4.26
N ASP D 429 -75.70 11.87 3.02
CA ASP D 429 -76.65 10.79 2.75
C ASP D 429 -76.13 9.92 1.60
N LEU D 430 -75.87 8.66 1.93
CA LEU D 430 -75.38 7.70 0.95
C LEU D 430 -76.42 7.43 -0.16
N GLU D 431 -77.71 7.67 0.13
CA GLU D 431 -78.78 7.44 -0.85
C GLU D 431 -78.99 8.62 -1.80
N ASP D 432 -78.68 9.85 -1.37
CA ASP D 432 -78.97 11.06 -2.18
C ASP D 432 -78.07 11.26 -3.41
N GLY D 433 -77.05 10.42 -3.59
CA GLY D 433 -76.15 10.55 -4.71
C GLY D 433 -75.02 11.56 -4.55
N LYS D 434 -75.16 12.56 -3.69
CA LYS D 434 -74.18 13.67 -3.63
C LYS D 434 -72.77 13.29 -3.12
N LEU D 435 -72.65 12.10 -2.54
CA LEU D 435 -71.35 11.54 -2.18
C LEU D 435 -70.90 10.59 -3.29
N THR D 436 -69.65 10.56 -3.62
CA THR D 436 -69.13 9.72 -4.70
C THR D 436 -68.43 8.47 -4.21
N LEU D 437 -68.90 7.38 -4.68
CA LEU D 437 -68.30 6.08 -4.41
C LEU D 437 -66.96 5.96 -5.12
N VAL D 438 -65.88 5.77 -4.37
CA VAL D 438 -64.57 5.57 -4.95
C VAL D 438 -64.38 4.09 -5.08
N GLU D 439 -64.04 3.65 -6.30
CA GLU D 439 -63.97 2.24 -6.60
C GLU D 439 -62.73 1.63 -5.93
N GLY D 440 -62.92 0.42 -5.40
CA GLY D 440 -61.89 -0.28 -4.66
C GLY D 440 -62.49 -1.46 -3.94
N GLU D 441 -61.66 -2.41 -3.52
CA GLU D 441 -62.11 -3.57 -2.75
C GLU D 441 -62.79 -3.13 -1.49
N GLU D 442 -62.17 -2.15 -0.85
CA GLU D 442 -62.72 -1.47 0.33
C GLU D 442 -63.48 -0.20 -0.10
N PRO D 443 -64.83 -0.22 0.01
CA PRO D 443 -65.68 0.89 -0.45
C PRO D 443 -65.60 2.15 0.44
N VAL D 444 -65.17 3.26 -0.16
CA VAL D 444 -65.10 4.54 0.52
C VAL D 444 -65.74 5.65 -0.30
N TYR D 445 -65.96 6.81 0.32
CA TYR D 445 -66.75 7.84 -0.32
C TYR D 445 -66.06 9.20 -0.25
N LEU D 446 -66.04 9.92 -1.37
CA LEU D 446 -65.60 11.30 -1.35
C LEU D 446 -66.73 12.12 -0.75
N HIS D 447 -66.40 12.89 0.29
CA HIS D 447 -67.26 13.96 0.79
C HIS D 447 -67.32 14.88 -0.39
N ASN D 448 -68.40 15.55 -0.67
CA ASN D 448 -68.31 16.47 -1.81
C ASN D 448 -68.82 17.72 -1.21
N VAL D 449 -68.00 18.26 -0.31
CA VAL D 449 -68.46 19.28 0.59
C VAL D 449 -68.93 20.48 -0.23
N TRP D 450 -68.21 20.75 -1.31
CA TRP D 450 -68.57 21.84 -2.20
C TRP D 450 -69.96 21.70 -2.79
N LYS D 451 -70.45 20.48 -2.96
CA LYS D 451 -71.80 20.27 -3.48
C LYS D 451 -72.86 20.45 -2.41
N ARG D 452 -72.48 20.34 -1.14
CA ARG D 452 -73.44 20.27 -0.06
C ARG D 452 -73.36 21.46 0.90
N ALA D 453 -72.38 22.33 0.72
CA ALA D 453 -72.12 23.40 1.66
C ALA D 453 -72.66 24.70 1.12
N ARG D 454 -73.22 25.51 1.99
CA ARG D 454 -73.46 26.93 1.68
C ARG D 454 -72.69 27.81 2.64
N VAL D 455 -71.97 28.80 2.11
CA VAL D 455 -71.23 29.74 2.93
C VAL D 455 -71.80 31.14 2.76
N ASP D 456 -72.31 31.71 3.85
CA ASP D 456 -72.80 33.08 3.87
C ASP D 456 -71.80 33.97 4.56
N LEU D 457 -71.61 35.17 4.02
CA LEU D 457 -70.72 36.14 4.62
C LEU D 457 -71.60 37.24 5.20
N ILE D 458 -71.62 37.31 6.53
CA ILE D 458 -72.62 38.06 7.24
C ILE D 458 -72.01 39.26 7.93
N ALA D 459 -72.67 40.42 7.81
CA ALA D 459 -72.29 41.64 8.53
C ALA D 459 -72.36 41.32 10.01
N SER D 460 -71.29 41.58 10.75
CA SER D 460 -71.20 41.11 12.11
C SER D 460 -72.00 42.04 12.97
N UNK E 1 -9.33 22.57 39.17
CA UNK E 1 -9.84 22.15 37.84
C UNK E 1 -10.70 23.28 37.22
N UNK E 2 -10.38 23.72 36.01
CA UNK E 2 -11.23 24.67 35.29
C UNK E 2 -11.80 23.99 34.05
N UNK E 3 -13.04 24.32 33.69
CA UNK E 3 -13.62 23.81 32.45
C UNK E 3 -13.02 24.61 31.26
N ASP F 11 -21.27 40.00 31.59
CA ASP F 11 -22.50 40.86 31.66
C ASP F 11 -22.21 42.22 31.01
N VAL F 12 -21.05 42.76 31.34
CA VAL F 12 -20.55 43.99 30.72
C VAL F 12 -20.43 43.83 29.22
N GLU F 13 -19.62 42.86 28.83
CA GLU F 13 -19.33 42.53 27.46
C GLU F 13 -20.55 42.01 26.78
N ARG F 14 -21.34 41.27 27.55
CA ARG F 14 -22.53 40.60 27.01
C ARG F 14 -23.54 41.59 26.42
N PHE F 15 -23.67 42.76 27.03
CA PHE F 15 -24.67 43.74 26.61
C PHE F 15 -24.11 44.91 25.80
N LYS F 16 -22.83 44.83 25.46
CA LYS F 16 -22.15 45.91 24.73
C LYS F 16 -22.87 46.33 23.43
N ASP F 17 -23.46 45.40 22.68
CA ASP F 17 -24.13 45.74 21.41
C ASP F 17 -25.67 45.64 21.42
N THR F 18 -26.25 45.44 22.60
CA THR F 18 -27.72 45.47 22.76
C THR F 18 -28.19 46.88 22.51
N VAL F 19 -29.48 47.07 22.28
CA VAL F 19 -30.07 48.41 22.16
C VAL F 19 -30.97 48.73 23.34
N THR F 20 -31.17 50.01 23.60
CA THR F 20 -31.92 50.45 24.77
C THR F 20 -33.40 50.16 24.62
N LEU F 21 -34.09 50.01 25.76
CA LEU F 21 -35.56 49.90 25.81
C LEU F 21 -36.11 51.33 25.79
N GLU F 22 -36.87 51.65 24.76
CA GLU F 22 -37.39 52.99 24.57
C GLU F 22 -38.84 53.00 25.03
N LEU F 23 -39.18 53.89 25.96
CA LEU F 23 -40.54 54.03 26.44
C LEU F 23 -41.10 55.36 25.98
N SER F 24 -42.41 55.38 25.79
CA SER F 24 -43.10 56.57 25.41
C SER F 24 -44.04 56.94 26.56
N CYS F 25 -44.10 58.20 26.92
CA CYS F 25 -44.98 58.63 28.02
C CYS F 25 -46.43 58.66 27.55
N PRO F 26 -47.32 57.96 28.27
CA PRO F 26 -48.72 57.94 27.88
C PRO F 26 -49.44 59.29 27.87
N SER F 27 -49.06 60.24 28.75
CA SER F 27 -49.71 61.57 28.77
C SER F 27 -49.16 62.49 27.66
N CYS F 28 -47.85 62.70 27.64
CA CYS F 28 -47.29 63.75 26.80
C CYS F 28 -46.51 63.26 25.59
N ASP F 29 -46.27 61.94 25.51
CA ASP F 29 -45.67 61.29 24.34
C ASP F 29 -44.16 61.46 24.16
N LYS F 30 -43.48 62.10 25.12
CA LYS F 30 -42.02 62.17 25.04
C LYS F 30 -41.40 60.78 25.17
N ARG F 31 -40.45 60.48 24.30
CA ARG F 31 -39.80 59.18 24.24
C ARG F 31 -38.44 59.20 24.90
N PHE F 32 -38.10 58.15 25.63
CA PHE F 32 -36.83 58.11 26.35
C PHE F 32 -36.39 56.67 26.64
N PRO F 33 -35.07 56.45 26.72
CA PRO F 33 -34.59 55.12 27.09
C PRO F 33 -34.72 54.85 28.57
N PHE F 34 -35.11 53.63 28.93
CA PHE F 34 -35.23 53.27 30.31
C PHE F 34 -34.06 52.43 30.76
N GLY F 35 -33.28 52.97 31.70
CA GLY F 35 -32.07 52.30 32.21
C GLY F 35 -32.18 51.74 33.62
N GLY F 36 -33.39 51.47 34.10
CA GLY F 36 -33.57 50.96 35.46
C GLY F 36 -33.57 52.10 36.46
N ILE F 37 -33.39 51.78 37.75
CA ILE F 37 -33.42 52.80 38.80
C ILE F 37 -32.07 53.53 38.82
N VAL F 38 -31.90 54.38 37.82
CA VAL F 38 -30.68 55.17 37.65
C VAL F 38 -31.10 56.56 37.31
N SER F 39 -30.16 57.49 37.36
CA SER F 39 -30.48 58.88 37.06
C SER F 39 -30.73 59.10 35.57
N SER F 40 -31.60 60.05 35.28
CA SER F 40 -31.96 60.40 33.93
C SER F 40 -32.64 61.76 33.93
N ASN F 41 -32.37 62.55 32.90
CA ASN F 41 -33.04 63.81 32.69
C ASN F 41 -34.51 63.66 32.26
N TYR F 42 -34.91 62.42 31.92
CA TYR F 42 -36.20 62.18 31.29
C TYR F 42 -37.21 61.48 32.17
N TYR F 43 -36.74 60.73 33.16
CA TYR F 43 -37.62 59.99 34.02
C TYR F 43 -37.05 59.87 35.41
N ARG F 44 -37.90 59.41 36.30
CA ARG F 44 -37.57 59.22 37.69
C ARG F 44 -38.31 57.98 38.12
N VAL F 45 -37.68 57.15 38.94
CA VAL F 45 -38.40 56.12 39.67
C VAL F 45 -38.58 56.67 41.08
N SER F 46 -39.80 57.12 41.36
CA SER F 46 -40.16 57.71 42.62
C SER F 46 -40.74 56.65 43.53
N TYR F 47 -41.11 57.07 44.75
CA TYR F 47 -41.67 56.16 45.74
C TYR F 47 -42.97 55.52 45.29
N ASN F 48 -43.70 56.16 44.38
CA ASN F 48 -44.98 55.58 43.90
C ASN F 48 -44.94 55.19 42.41
N GLY F 49 -43.74 55.03 41.85
CA GLY F 49 -43.59 54.47 40.51
C GLY F 49 -42.72 55.24 39.55
N LEU F 50 -42.74 54.77 38.30
CA LEU F 50 -42.02 55.40 37.20
C LEU F 50 -42.69 56.70 36.80
N GLN F 51 -41.93 57.78 36.84
CA GLN F 51 -42.50 59.10 36.57
C GLN F 51 -41.81 59.78 35.41
N CYS F 52 -42.61 60.38 34.54
CA CYS F 52 -42.09 61.19 33.45
C CYS F 52 -41.72 62.57 33.93
N LYS F 53 -40.50 63.03 33.63
CA LYS F 53 -40.02 64.32 34.10
C LYS F 53 -40.54 65.54 33.34
N HIS F 54 -40.95 65.34 32.09
CA HIS F 54 -41.46 66.44 31.28
C HIS F 54 -42.83 66.92 31.76
N CYS F 55 -43.71 65.99 32.13
CA CYS F 55 -45.10 66.31 32.52
C CYS F 55 -45.51 65.80 33.92
N GLU F 56 -44.60 65.11 34.61
CA GLU F 56 -44.81 64.63 35.98
C GLU F 56 -45.84 63.50 36.15
N GLN F 57 -46.36 62.97 35.04
CA GLN F 57 -47.37 61.90 35.11
C GLN F 57 -46.72 60.54 35.38
N LEU F 58 -47.39 59.73 36.20
CA LEU F 58 -46.88 58.43 36.60
C LEU F 58 -47.37 57.38 35.61
N PHE F 59 -46.48 56.46 35.24
CA PHE F 59 -46.91 55.32 34.42
C PHE F 59 -47.69 54.40 35.34
N THR F 60 -48.73 53.78 34.81
CA THR F 60 -49.32 52.61 35.45
C THR F 60 -48.49 51.39 35.03
N PRO F 61 -48.57 50.31 35.81
CA PRO F 61 -47.89 49.07 35.42
C PRO F 61 -48.18 48.57 33.99
N LEU F 62 -49.45 48.58 33.59
CA LEU F 62 -49.84 48.16 32.27
C LEU F 62 -49.23 49.06 31.18
N GLN F 63 -49.18 50.37 31.46
CA GLN F 63 -48.56 51.33 30.55
C GLN F 63 -47.07 51.06 30.34
N LEU F 64 -46.42 50.49 31.34
CA LEU F 64 -45.01 50.16 31.25
C LEU F 64 -44.88 48.81 30.51
N THR F 65 -45.64 47.80 30.96
CA THR F 65 -45.41 46.44 30.52
C THR F 65 -45.86 46.21 29.10
N SER F 66 -46.87 46.93 28.66
CA SER F 66 -47.32 46.77 27.27
C SER F 66 -46.20 47.22 26.34
N GLN F 67 -45.45 48.22 26.77
CA GLN F 67 -44.33 48.73 25.98
C GLN F 67 -43.15 47.78 26.01
N ILE F 68 -42.87 47.18 27.18
CA ILE F 68 -41.81 46.17 27.29
C ILE F 68 -42.12 45.09 26.29
N GLU F 69 -43.34 44.56 26.37
CA GLU F 69 -43.75 43.45 25.56
C GLU F 69 -43.75 43.81 24.07
N HIS F 70 -44.18 45.03 23.74
CA HIS F 70 -44.17 45.50 22.36
C HIS F 70 -42.74 45.55 21.81
N SER F 71 -41.81 46.05 22.60
CA SER F 71 -40.44 46.13 22.17
C SER F 71 -39.84 44.72 21.98
N ILE F 72 -40.10 43.83 22.93
CA ILE F 72 -39.63 42.46 22.81
C ILE F 72 -40.14 41.87 21.48
N ARG F 73 -41.43 42.01 21.22
CA ARG F 73 -42.00 41.40 20.04
C ARG F 73 -41.52 42.04 18.75
N ALA F 74 -41.11 43.29 18.79
CA ALA F 74 -40.56 43.92 17.61
C ALA F 74 -39.18 43.25 17.33
N HIS F 75 -38.38 43.04 18.37
CA HIS F 75 -37.12 42.37 18.21
C HIS F 75 -37.34 40.94 17.72
N ILE F 76 -38.30 40.23 18.29
CA ILE F 76 -38.50 38.84 17.93
C ILE F 76 -38.94 38.76 16.47
N SER F 77 -39.71 39.75 16.03
CA SER F 77 -40.17 39.80 14.65
C SER F 77 -39.02 40.09 13.72
N LEU F 78 -38.18 41.05 14.07
CA LEU F 78 -37.04 41.37 13.22
C LEU F 78 -36.20 40.11 13.04
N TYR F 79 -35.98 39.41 14.13
CA TYR F 79 -35.22 38.18 14.18
C TYR F 79 -35.76 37.08 13.24
N TYR F 80 -37.06 36.91 13.19
CA TYR F 80 -37.66 35.98 12.25
C TYR F 80 -37.78 36.53 10.82
N ALA F 81 -37.42 37.78 10.59
CA ALA F 81 -37.38 38.26 9.23
C ALA F 81 -36.29 37.45 8.45
N GLY F 82 -35.28 36.96 9.17
CA GLY F 82 -34.31 36.03 8.64
C GLY F 82 -33.24 36.64 7.75
N TRP F 83 -32.90 37.90 7.97
CA TRP F 83 -31.86 38.53 7.21
C TRP F 83 -30.56 37.77 7.43
N LEU F 84 -29.80 37.60 6.33
CA LEU F 84 -28.50 36.95 6.37
C LEU F 84 -27.47 37.93 5.87
N GLN F 85 -26.25 37.77 6.34
CA GLN F 85 -25.12 38.59 5.90
C GLN F 85 -23.91 37.71 5.62
N CYS F 86 -23.10 38.15 4.67
CA CYS F 86 -21.89 37.47 4.25
C CYS F 86 -20.64 37.98 4.99
N ASP F 87 -19.90 37.06 5.60
CA ASP F 87 -18.51 37.20 6.07
C ASP F 87 -17.53 38.06 5.31
N ASP F 88 -17.48 37.85 4.01
CA ASP F 88 -16.37 38.32 3.23
C ASP F 88 -16.47 39.84 3.18
N SER F 89 -15.45 40.52 3.71
CA SER F 89 -15.49 41.98 3.87
C SER F 89 -15.56 42.70 2.52
N THR F 90 -15.01 42.09 1.46
CA THR F 90 -15.13 42.61 0.10
C THR F 90 -16.43 42.16 -0.62
N CYS F 91 -17.49 41.80 0.14
CA CYS F 91 -18.77 41.40 -0.45
C CYS F 91 -19.91 41.90 0.44
N GLY F 92 -20.07 41.29 1.61
CA GLY F 92 -20.92 41.85 2.65
C GLY F 92 -22.44 41.84 2.43
N ILE F 93 -22.92 41.25 1.34
CA ILE F 93 -24.33 41.42 0.96
C ILE F 93 -25.26 40.93 2.05
N VAL F 94 -26.39 41.63 2.21
CA VAL F 94 -27.42 41.22 3.11
C VAL F 94 -28.63 40.86 2.26
N THR F 95 -29.29 39.77 2.62
CA THR F 95 -30.35 39.23 1.79
C THR F 95 -31.18 38.36 2.69
N ARG F 96 -32.40 38.06 2.27
CA ARG F 96 -33.20 37.06 2.96
C ARG F 96 -33.28 35.75 2.18
N GLN F 97 -32.66 35.70 0.99
CA GLN F 97 -32.59 34.49 0.19
C GLN F 97 -31.68 33.54 0.92
N VAL F 98 -32.03 32.26 0.96
CA VAL F 98 -31.20 31.26 1.61
C VAL F 98 -31.01 30.19 0.57
N SER F 99 -29.76 29.86 0.29
CA SER F 99 -29.46 28.74 -0.59
C SER F 99 -29.70 27.40 0.06
N VAL F 100 -30.15 26.44 -0.74
CA VAL F 100 -30.32 25.12 -0.24
C VAL F 100 -29.01 24.62 0.39
N PHE F 101 -27.86 25.22 0.05
CA PHE F 101 -26.62 25.10 0.90
C PHE F 101 -26.48 26.38 1.72
N GLY F 102 -27.09 26.37 2.91
CA GLY F 102 -27.36 27.59 3.68
C GLY F 102 -26.23 28.57 3.93
N LYS F 103 -25.05 28.06 4.24
CA LYS F 103 -23.92 28.93 4.51
C LYS F 103 -23.28 29.48 3.22
N ARG F 104 -23.72 29.03 2.07
CA ARG F 104 -23.12 29.45 0.82
C ARG F 104 -23.62 30.81 0.38
N CYS F 105 -22.71 31.67 -0.02
CA CYS F 105 -23.07 33.00 -0.49
C CYS F 105 -23.64 32.96 -1.92
N LEU F 106 -24.69 33.73 -2.15
CA LEU F 106 -25.35 33.75 -3.45
C LEU F 106 -24.66 34.62 -4.54
N ASN F 107 -23.59 35.37 -4.19
CA ASN F 107 -22.72 36.05 -5.19
C ASN F 107 -21.86 35.10 -6.00
N ASP F 108 -22.03 35.11 -7.32
CA ASP F 108 -21.24 34.24 -8.15
C ASP F 108 -19.81 34.16 -7.60
N GLY F 109 -19.44 32.98 -7.09
CA GLY F 109 -18.04 32.64 -6.77
C GLY F 109 -17.48 33.22 -5.48
N CYS F 110 -18.33 33.86 -4.71
CA CYS F 110 -17.90 34.40 -3.43
C CYS F 110 -17.73 33.24 -2.44
N THR F 111 -16.63 33.23 -1.72
CA THR F 111 -16.27 32.14 -0.82
C THR F 111 -16.65 32.42 0.63
N GLY F 112 -17.31 33.53 0.88
CA GLY F 112 -17.64 33.91 2.23
C GLY F 112 -18.73 33.03 2.81
N VAL F 113 -18.90 33.09 4.12
CA VAL F 113 -19.87 32.33 4.85
C VAL F 113 -21.04 33.20 5.22
N MET F 114 -22.26 32.69 5.04
CA MET F 114 -23.46 33.42 5.39
C MET F 114 -23.85 33.13 6.85
N ARG F 115 -24.29 34.18 7.54
CA ARG F 115 -24.78 34.03 8.91
C ARG F 115 -26.01 34.88 9.08
N TYR F 116 -26.94 34.37 9.86
CA TYR F 116 -28.09 35.19 10.30
C TYR F 116 -27.57 36.49 10.92
N LYS F 117 -28.06 37.61 10.39
CA LYS F 117 -27.65 38.94 10.84
C LYS F 117 -28.14 39.29 12.28
N TYR F 118 -29.32 38.80 12.67
CA TYR F 118 -29.72 38.83 14.06
C TYR F 118 -29.57 37.43 14.60
N SER F 119 -28.40 37.10 15.13
CA SER F 119 -28.16 35.76 15.63
C SER F 119 -29.00 35.48 16.85
N ASP F 120 -29.19 34.21 17.18
CA ASP F 120 -29.95 33.90 18.36
C ASP F 120 -29.19 34.25 19.64
N LYS F 121 -27.87 34.29 19.56
CA LYS F 121 -27.05 34.81 20.66
C LYS F 121 -27.34 36.29 20.92
N GLN F 122 -27.55 37.07 19.86
CA GLN F 122 -27.80 38.50 20.01
C GLN F 122 -29.18 38.73 20.60
N LEU F 123 -30.18 37.98 20.14
CA LEU F 123 -31.54 38.09 20.66
C LEU F 123 -31.60 37.75 22.15
N TYR F 124 -30.97 36.65 22.52
CA TYR F 124 -30.96 36.19 23.89
C TYR F 124 -30.26 37.24 24.80
N ASN F 125 -29.15 37.78 24.33
CA ASN F 125 -28.49 38.88 25.04
C ASN F 125 -29.38 40.13 25.18
N GLN F 126 -30.16 40.43 24.14
CA GLN F 126 -31.01 41.59 24.15
C GLN F 126 -32.09 41.37 25.21
N LEU F 127 -32.64 40.16 25.26
CA LEU F 127 -33.66 39.83 26.25
C LEU F 127 -33.07 39.78 27.66
N LEU F 128 -31.86 39.28 27.82
CA LEU F 128 -31.22 39.26 29.16
C LEU F 128 -30.90 40.70 29.66
N TYR F 129 -30.68 41.61 28.72
CA TYR F 129 -30.45 43.01 29.05
C TYR F 129 -31.75 43.64 29.55
N PHE F 130 -32.83 43.47 28.81
CA PHE F 130 -34.15 43.87 29.27
C PHE F 130 -34.45 43.33 30.66
N ASP F 131 -34.16 42.05 30.86
CA ASP F 131 -34.37 41.40 32.15
C ASP F 131 -33.60 42.07 33.27
N SER F 132 -32.35 42.44 32.99
CA SER F 132 -31.50 43.08 33.99
C SER F 132 -32.10 44.41 34.47
N LEU F 133 -32.77 45.12 33.56
CA LEU F 133 -33.34 46.41 33.88
C LEU F 133 -34.37 46.33 35.03
N PHE F 134 -35.07 45.20 35.12
CA PHE F 134 -36.10 45.03 36.15
C PHE F 134 -35.68 44.02 37.23
N ASP F 135 -34.36 43.78 37.32
CA ASP F 135 -33.80 42.87 38.31
C ASP F 135 -33.38 43.69 39.52
N CYS F 136 -34.04 43.46 40.65
CA CYS F 136 -33.81 44.27 41.85
C CYS F 136 -32.39 44.16 42.35
N GLU F 137 -31.89 42.94 42.53
CA GLU F 137 -30.52 42.75 43.02
C GLU F 137 -29.53 43.54 42.17
N LYS F 138 -29.67 43.46 40.85
CA LYS F 138 -28.75 44.15 39.94
C LYS F 138 -28.89 45.67 40.01
N ASN F 139 -30.12 46.15 40.11
CA ASN F 139 -30.35 47.58 40.33
C ASN F 139 -29.65 48.09 41.57
N LYS F 140 -29.78 47.34 42.68
CA LYS F 140 -29.27 47.75 43.99
C LYS F 140 -27.75 47.72 44.03
N LYS F 141 -27.15 46.70 43.45
CA LYS F 141 -25.70 46.62 43.29
C LYS F 141 -25.16 47.57 42.21
N GLN F 142 -26.05 48.30 41.51
CA GLN F 142 -25.66 49.26 40.47
C GLN F 142 -24.82 48.60 39.37
N GLU F 143 -25.29 47.44 38.91
CA GLU F 143 -24.59 46.66 37.89
C GLU F 143 -25.21 46.80 36.51
N LEU F 144 -26.14 47.72 36.30
CA LEU F 144 -26.73 47.88 34.98
C LEU F 144 -25.82 48.68 34.04
N LYS F 145 -25.95 48.41 32.75
CA LYS F 145 -25.25 49.15 31.73
C LYS F 145 -25.75 50.59 31.69
N PRO F 146 -24.85 51.56 31.83
CA PRO F 146 -25.30 52.95 31.84
C PRO F 146 -25.75 53.39 30.46
N ILE F 147 -26.90 54.03 30.38
CA ILE F 147 -27.33 54.71 29.16
C ILE F 147 -26.47 55.94 28.88
N TYR F 148 -26.10 56.66 29.94
CA TYR F 148 -25.44 57.96 29.78
C TYR F 148 -24.01 57.95 30.32
N LEU F 149 -23.04 57.87 29.41
CA LEU F 149 -21.65 58.10 29.80
C LEU F 149 -21.48 59.60 30.05
N PRO F 150 -20.54 60.00 30.95
CA PRO F 150 -20.28 61.40 31.37
C PRO F 150 -19.93 62.42 30.27
N ASP F 151 -19.52 61.94 29.10
CA ASP F 151 -19.17 62.80 27.97
C ASP F 151 -20.20 62.66 26.83
N ASP F 152 -21.46 62.43 27.22
CA ASP F 152 -22.64 62.58 26.38
C ASP F 152 -23.28 63.88 26.91
N LEU F 153 -23.64 64.81 26.02
CA LEU F 153 -24.16 66.12 26.47
C LEU F 153 -25.48 65.99 27.24
N ASP F 154 -26.11 64.81 27.17
CA ASP F 154 -27.30 64.47 27.96
C ASP F 154 -27.05 63.96 29.39
N TYR F 155 -25.78 63.91 29.81
CA TYR F 155 -25.40 63.23 31.05
C TYR F 155 -26.00 63.90 32.30
N PRO F 156 -26.71 63.13 33.14
CA PRO F 156 -27.28 63.70 34.38
C PRO F 156 -26.27 64.38 35.31
N LYS F 157 -26.52 65.66 35.62
CA LYS F 157 -25.71 66.43 36.59
C LYS F 157 -25.93 66.02 38.05
N GLU F 158 -26.53 64.85 38.26
CA GLU F 158 -26.62 64.26 39.59
C GLU F 158 -26.86 62.76 39.44
N GLN F 159 -26.11 62.00 40.22
CA GLN F 159 -26.26 60.56 40.23
C GLN F 159 -27.08 60.18 41.48
N LEU F 160 -27.96 59.19 41.33
CA LEU F 160 -28.63 58.61 42.50
C LEU F 160 -27.59 58.02 43.44
N THR F 161 -27.82 58.13 44.75
CA THR F 161 -26.92 57.48 45.71
C THR F 161 -27.36 56.04 45.91
N GLU F 162 -26.49 55.24 46.52
CA GLU F 162 -26.76 53.83 46.79
C GLU F 162 -27.98 53.68 47.69
N SER F 163 -27.95 54.29 48.88
CA SER F 163 -29.00 54.05 49.85
C SER F 163 -30.36 54.38 49.25
N SER F 164 -30.48 55.47 48.47
CA SER F 164 -31.77 55.80 47.81
C SER F 164 -32.20 54.81 46.73
N ILE F 165 -31.24 54.10 46.12
CA ILE F 165 -31.56 53.01 45.19
C ILE F 165 -32.11 51.80 45.97
N LYS F 166 -31.58 51.58 47.18
CA LYS F 166 -32.13 50.54 48.05
C LYS F 166 -33.56 50.86 48.44
N ALA F 167 -33.80 52.07 48.94
CA ALA F 167 -35.14 52.50 49.29
C ALA F 167 -36.07 52.38 48.06
N LEU F 168 -35.77 53.12 47.00
CA LEU F 168 -36.65 53.17 45.81
C LEU F 168 -36.92 51.79 45.18
N THR F 169 -35.97 50.86 45.32
CA THR F 169 -36.16 49.51 44.78
C THR F 169 -37.22 48.71 45.54
N GLU F 170 -37.06 48.68 46.87
CA GLU F 170 -37.98 47.94 47.74
C GLU F 170 -39.40 48.55 47.65
N GLN F 171 -39.46 49.88 47.56
CA GLN F 171 -40.72 50.62 47.34
C GLN F 171 -41.39 50.30 45.99
N ASN F 172 -40.60 49.99 44.96
CA ASN F 172 -41.13 49.61 43.65
C ASN F 172 -40.93 48.14 43.28
N ARG F 173 -40.63 47.30 44.27
CA ARG F 173 -40.38 45.89 44.02
C ARG F 173 -41.44 45.20 43.17
N GLU F 174 -42.69 45.60 43.33
CA GLU F 174 -43.81 44.93 42.68
C GLU F 174 -43.86 45.27 41.18
N LEU F 175 -43.68 46.55 40.86
CA LEU F 175 -43.57 47.06 39.50
C LEU F 175 -42.42 46.36 38.79
N MET F 176 -41.27 46.37 39.46
CA MET F 176 -40.07 45.72 38.99
C MET F 176 -40.34 44.27 38.69
N GLU F 177 -40.96 43.55 39.64
CA GLU F 177 -41.25 42.12 39.43
C GLU F 177 -42.24 41.85 38.33
N THR F 178 -43.19 42.73 38.13
CA THR F 178 -44.17 42.44 37.13
C THR F 178 -43.55 42.77 35.77
N GLY F 179 -42.80 43.87 35.71
CA GLY F 179 -42.01 44.20 34.52
C GLY F 179 -41.09 43.07 34.12
N ARG F 180 -40.48 42.45 35.11
CA ARG F 180 -39.55 41.40 34.85
C ARG F 180 -40.28 40.15 34.34
N SER F 181 -41.46 39.87 34.85
CA SER F 181 -42.20 38.65 34.42
C SER F 181 -42.55 38.73 32.91
N VAL F 182 -42.69 39.93 32.39
CA VAL F 182 -42.99 40.08 31.00
C VAL F 182 -41.78 39.68 30.16
N VAL F 183 -40.59 39.95 30.66
CA VAL F 183 -39.39 39.52 29.96
C VAL F 183 -39.21 38.01 30.12
N GLN F 184 -39.55 37.48 31.27
CA GLN F 184 -39.34 36.06 31.52
C GLN F 184 -40.26 35.21 30.66
N LYS F 185 -41.41 35.76 30.31
CA LYS F 185 -42.33 35.11 29.39
C LYS F 185 -41.60 34.68 28.12
N TYR F 186 -40.69 35.49 27.63
CA TYR F 186 -39.98 35.18 26.39
C TYR F 186 -38.58 34.60 26.57
N LEU F 187 -38.03 34.67 27.78
CA LEU F 187 -36.71 34.07 28.08
C LEU F 187 -36.83 32.59 28.37
N ASN F 188 -37.94 32.19 28.99
CA ASN F 188 -38.26 30.76 29.21
C ASN F 188 -38.64 30.03 27.91
N ASP F 189 -39.30 30.77 27.00
CA ASP F 189 -39.52 30.37 25.57
C ASP F 189 -38.17 30.18 24.84
N CYS F 190 -37.16 30.96 25.25
CA CYS F 190 -35.84 31.01 24.60
C CYS F 190 -34.71 30.47 25.50
N ARG G 3 41.71 -20.14 -19.90
CA ARG G 3 41.21 -19.75 -18.54
C ARG G 3 42.16 -18.81 -17.79
N THR G 4 41.54 -17.79 -17.19
CA THR G 4 42.22 -16.65 -16.54
C THR G 4 42.47 -16.92 -15.03
N MET G 5 43.15 -16.00 -14.34
CA MET G 5 43.23 -16.02 -12.87
C MET G 5 41.95 -15.43 -12.24
N ARG G 6 40.91 -16.25 -12.22
CA ARG G 6 39.72 -15.94 -11.50
C ARG G 6 39.65 -16.94 -10.36
N GLN G 7 39.15 -16.50 -9.22
CA GLN G 7 38.63 -17.41 -8.20
C GLN G 7 37.24 -16.91 -7.86
N ASN G 8 36.28 -17.81 -7.97
CA ASN G 8 34.86 -17.56 -7.80
C ASN G 8 34.36 -18.57 -6.77
N LEU G 9 33.90 -18.04 -5.67
CA LEU G 9 33.52 -18.85 -4.53
C LEU G 9 32.34 -19.82 -4.83
N GLN G 10 31.34 -19.36 -5.57
CA GLN G 10 30.20 -20.21 -5.89
C GLN G 10 30.66 -21.42 -6.72
N GLU G 11 31.52 -21.12 -7.67
CA GLU G 11 32.03 -22.08 -8.61
C GLU G 11 32.93 -23.09 -7.93
N ALA G 12 33.78 -22.63 -7.02
CA ALA G 12 34.57 -23.55 -6.22
C ALA G 12 33.68 -24.42 -5.35
N SER G 13 32.66 -23.83 -4.74
CA SER G 13 31.80 -24.61 -3.89
C SER G 13 30.98 -25.62 -4.72
N ASP G 14 30.60 -25.23 -5.94
CA ASP G 14 29.95 -26.16 -6.87
C ASP G 14 30.76 -27.44 -7.01
N VAL G 15 32.06 -27.27 -7.22
CA VAL G 15 32.97 -28.38 -7.45
C VAL G 15 33.09 -29.26 -6.20
N LEU G 16 33.22 -28.64 -5.02
CA LEU G 16 33.27 -29.41 -3.78
C LEU G 16 31.93 -30.15 -3.53
N ASP G 17 30.83 -29.52 -3.87
CA ASP G 17 29.55 -30.22 -3.76
C ASP G 17 29.49 -31.45 -4.67
N ASP G 18 29.90 -31.26 -5.92
N ASP G 18 29.90 -31.27 -5.93
CA ASP G 18 29.80 -32.31 -6.93
CA ASP G 18 29.80 -32.34 -6.94
C ASP G 18 30.65 -33.53 -6.61
C ASP G 18 30.64 -33.56 -6.59
N GLN G 19 31.78 -33.37 -5.94
CA GLN G 19 32.58 -34.53 -5.54
C GLN G 19 31.78 -35.43 -4.62
N ILE G 20 31.02 -34.84 -3.69
CA ILE G 20 30.23 -35.66 -2.78
C ILE G 20 29.13 -36.35 -3.57
N GLU G 21 28.43 -35.61 -4.40
CA GLU G 21 27.31 -36.20 -5.13
C GLU G 21 27.77 -37.32 -6.02
N SER G 22 28.93 -37.18 -6.62
CA SER G 22 29.37 -38.14 -7.58
C SER G 22 29.72 -39.46 -6.88
N PHE G 23 30.41 -39.34 -5.76
CA PHE G 23 30.70 -40.53 -4.96
C PHE G 23 29.46 -41.14 -4.35
N THR G 24 28.44 -40.34 -4.09
CA THR G 24 27.18 -40.91 -3.64
C THR G 24 26.66 -41.90 -4.69
N LYS G 25 26.65 -41.51 -5.96
CA LYS G 25 26.23 -42.41 -7.05
C LYS G 25 27.18 -43.61 -7.21
N ILE G 26 28.49 -43.41 -7.11
CA ILE G 26 29.39 -44.54 -7.17
C ILE G 26 29.12 -45.58 -6.07
N ILE G 27 28.89 -45.10 -4.83
CA ILE G 27 28.61 -45.98 -3.70
C ILE G 27 27.30 -46.75 -3.92
N GLN G 28 26.28 -46.04 -4.34
CA GLN G 28 24.98 -46.67 -4.54
C GLN G 28 24.99 -47.73 -5.63
N ASN G 29 25.67 -47.48 -6.74
CA ASN G 29 25.79 -48.50 -7.80
C ASN G 29 26.61 -49.70 -7.35
N HIS G 30 27.74 -49.47 -6.71
CA HIS G 30 28.63 -50.57 -6.35
C HIS G 30 28.00 -51.47 -5.29
N TYR G 31 27.43 -50.87 -4.26
CA TYR G 31 26.84 -51.63 -3.17
C TYR G 31 25.35 -51.94 -3.40
N LYS G 32 24.81 -51.50 -4.54
CA LYS G 32 23.42 -51.75 -4.91
C LYS G 32 22.47 -51.30 -3.80
N LEU G 33 22.63 -50.05 -3.37
CA LEU G 33 21.80 -49.44 -2.35
C LEU G 33 20.83 -48.46 -2.99
N SER G 34 19.66 -48.29 -2.38
CA SER G 34 18.69 -47.33 -2.88
C SER G 34 18.92 -46.00 -2.16
N PRO G 35 18.66 -44.88 -2.87
CA PRO G 35 18.87 -43.54 -2.27
C PRO G 35 18.01 -43.33 -0.99
N ASN G 36 16.91 -44.04 -0.86
CA ASN G 36 16.15 -44.01 0.38
C ASN G 36 16.92 -44.52 1.60
N ASP G 37 18.00 -45.25 1.36
CA ASP G 37 18.84 -45.72 2.47
C ASP G 37 19.78 -44.62 2.98
N PHE G 38 19.89 -43.54 2.20
CA PHE G 38 20.76 -42.40 2.53
C PHE G 38 19.92 -41.33 3.18
N ALA G 39 20.44 -40.78 4.25
CA ALA G 39 19.74 -39.73 4.93
C ALA G 39 20.76 -38.79 5.54
N ASP G 40 20.23 -37.75 6.16
CA ASP G 40 21.00 -36.63 6.63
C ASP G 40 21.64 -36.95 7.97
N PRO G 41 22.97 -37.12 8.01
CA PRO G 41 23.65 -37.51 9.25
C PRO G 41 23.81 -36.38 10.28
N THR G 42 23.38 -35.17 9.92
CA THR G 42 23.60 -34.04 10.82
C THR G 42 22.46 -33.88 11.79
N ILE G 43 21.36 -34.60 11.58
CA ILE G 43 20.24 -34.54 12.55
C ILE G 43 19.97 -35.91 13.17
N GLN G 44 19.31 -35.90 14.34
CA GLN G 44 19.07 -37.13 15.10
C GLN G 44 18.02 -38.03 14.49
N SER G 45 18.28 -39.32 14.50
CA SER G 45 17.35 -40.31 14.03
C SER G 45 17.43 -41.50 14.97
N GLN G 46 16.43 -42.35 14.93
CA GLN G 46 16.46 -43.58 15.71
C GLN G 46 17.14 -44.68 14.90
N SER G 47 17.14 -44.48 13.59
CA SER G 47 17.55 -45.45 12.58
C SER G 47 18.98 -45.28 12.11
N GLU G 48 19.65 -46.41 11.90
CA GLU G 48 20.94 -46.46 11.27
C GLU G 48 20.75 -46.06 9.81
N ILE G 49 21.69 -45.26 9.30
CA ILE G 49 21.60 -44.73 7.94
C ILE G 49 22.95 -44.81 7.20
N TYR G 50 22.89 -44.74 5.88
CA TYR G 50 24.12 -44.57 5.09
C TYR G 50 24.34 -43.09 4.85
N ALA G 51 25.56 -42.64 5.01
CA ALA G 51 25.91 -41.25 4.72
C ALA G 51 27.23 -41.13 3.94
N VAL G 52 27.30 -40.14 3.07
CA VAL G 52 28.49 -39.88 2.24
C VAL G 52 28.87 -38.42 2.42
N GLY G 53 30.15 -38.13 2.58
CA GLY G 53 30.56 -36.75 2.79
C GLY G 53 32.06 -36.53 2.74
N ARG G 54 32.47 -35.31 3.07
CA ARG G 54 33.85 -34.96 3.04
C ARG G 54 34.42 -34.82 4.48
N ILE G 55 35.58 -35.43 4.71
CA ILE G 55 36.24 -35.30 5.98
C ILE G 55 36.81 -33.90 6.14
N VAL G 56 36.32 -33.21 7.16
CA VAL G 56 36.76 -31.86 7.46
C VAL G 56 37.10 -31.77 8.95
N PRO G 57 37.83 -30.72 9.36
CA PRO G 57 38.16 -30.55 10.77
C PRO G 57 36.92 -30.14 11.49
N ASP G 58 36.84 -30.40 12.79
CA ASP G 58 35.65 -30.05 13.56
C ASP G 58 35.54 -28.55 13.87
N SER G 59 36.63 -27.80 13.77
CA SER G 59 36.54 -26.35 13.81
C SER G 59 37.26 -25.74 12.59
N PRO G 60 36.70 -24.67 12.01
CA PRO G 60 37.30 -24.05 10.81
C PRO G 60 38.66 -23.40 11.05
N THR G 61 38.95 -23.06 12.30
CA THR G 61 40.27 -22.56 12.69
C THR G 61 40.91 -23.61 13.61
N TYR G 62 41.54 -24.60 13.00
CA TYR G 62 41.93 -25.83 13.70
C TYR G 62 43.42 -25.93 13.86
N ASP G 63 43.83 -26.52 14.99
CA ASP G 63 45.21 -27.00 15.24
C ASP G 63 45.89 -27.74 14.09
N LYS G 64 47.22 -27.59 13.94
CA LYS G 64 47.94 -28.30 12.84
C LYS G 64 47.72 -29.84 12.92
N PHE G 65 47.62 -30.37 14.16
CA PHE G 65 47.58 -31.82 14.42
C PHE G 65 46.21 -32.34 14.88
N LEU G 66 45.60 -33.11 13.99
CA LEU G 66 44.27 -33.66 14.16
C LEU G 66 44.35 -35.08 14.67
N ASN G 67 43.25 -35.56 15.22
CA ASN G 67 43.17 -36.93 15.74
C ASN G 67 41.76 -37.51 15.46
N PRO G 68 41.53 -38.77 15.84
CA PRO G 68 40.21 -39.35 15.62
C PRO G 68 39.06 -38.73 16.44
N GLU G 69 39.35 -37.81 17.34
CA GLU G 69 38.29 -37.18 18.10
C GLU G 69 38.02 -35.73 17.66
N SER G 70 38.65 -35.29 16.58
CA SER G 70 38.53 -33.88 16.14
C SER G 70 38.22 -33.75 14.63
N LEU G 71 37.38 -34.65 14.13
CA LEU G 71 37.00 -34.64 12.74
C LEU G 71 35.50 -34.51 12.62
N SER G 72 35.07 -33.95 11.49
CA SER G 72 33.67 -33.82 11.13
C SER G 72 33.43 -34.36 9.72
N LEU G 73 32.17 -34.66 9.42
CA LEU G 73 31.77 -35.01 8.07
C LEU G 73 30.91 -33.87 7.53
N GLU G 74 31.26 -33.41 6.34
CA GLU G 74 30.52 -32.38 5.60
C GLU G 74 29.61 -33.05 4.57
N THR G 75 28.34 -32.68 4.58
CA THR G 75 27.35 -33.22 3.69
C THR G 75 27.19 -32.35 2.43
N SER G 76 26.61 -32.93 1.38
CA SER G 76 26.26 -32.19 0.17
C SER G 76 25.12 -31.25 0.43
N ARG G 77 24.89 -30.36 -0.54
CA ARG G 77 23.78 -29.43 -0.44
C ARG G 77 22.46 -30.15 -0.39
N MET G 78 22.30 -31.25 -1.12
CA MET G 78 21.03 -32.00 -1.09
C MET G 78 20.94 -32.95 0.11
N GLY G 79 22.09 -33.50 0.50
CA GLY G 79 22.15 -34.50 1.55
C GLY G 79 21.88 -34.01 2.98
N GLY G 80 22.42 -32.85 3.34
CA GLY G 80 22.18 -32.25 4.64
C GLY G 80 22.32 -30.75 4.65
N VAL G 81 21.85 -30.12 3.57
CA VAL G 81 21.91 -28.66 3.43
C VAL G 81 23.32 -28.11 3.69
N GLY G 82 24.32 -28.90 3.32
CA GLY G 82 25.68 -28.51 3.51
C GLY G 82 26.21 -28.61 4.92
N ARG G 83 25.41 -28.97 5.90
CA ARG G 83 25.88 -28.92 7.27
C ARG G 83 27.02 -29.91 7.55
N ARG G 84 27.79 -29.61 8.60
CA ARG G 84 28.87 -30.48 9.07
C ARG G 84 28.51 -31.08 10.42
N VAL G 85 28.84 -32.34 10.63
CA VAL G 85 28.55 -33.01 11.89
C VAL G 85 29.81 -33.66 12.43
N ARG G 86 30.01 -33.53 13.75
CA ARG G 86 31.14 -34.19 14.43
C ARG G 86 31.01 -35.71 14.35
N LEU G 87 32.16 -36.36 14.10
CA LEU G 87 32.21 -37.80 13.95
C LEU G 87 32.67 -38.46 15.25
N ASP G 88 31.87 -39.42 15.69
CA ASP G 88 32.20 -40.27 16.79
C ASP G 88 32.75 -41.58 16.22
N LEU G 89 34.06 -41.76 16.32
CA LEU G 89 34.76 -42.91 15.72
C LEU G 89 35.12 -44.00 16.74
N SER G 90 34.52 -43.94 17.92
CA SER G 90 34.89 -44.84 19.02
C SER G 90 34.51 -46.31 18.78
N GLN G 91 33.50 -46.56 17.93
CA GLN G 91 33.08 -47.92 17.61
C GLN G 91 33.79 -48.48 16.37
N VAL G 92 34.80 -47.79 15.84
CA VAL G 92 35.58 -48.30 14.70
C VAL G 92 37.04 -48.40 15.13
N ASN G 93 37.61 -49.60 15.02
CA ASN G 93 38.98 -49.81 15.48
C ASN G 93 40.07 -49.60 14.44
N GLU G 94 39.71 -49.61 13.15
CA GLU G 94 40.69 -49.49 12.06
C GLU G 94 40.28 -48.43 11.04
N LEU G 95 41.09 -47.40 10.89
CA LEU G 95 40.79 -46.37 9.92
C LEU G 95 42.01 -45.53 9.53
N SER G 96 41.92 -44.93 8.35
CA SER G 96 42.87 -43.91 7.88
C SER G 96 42.08 -42.82 7.21
N PHE G 97 42.06 -41.63 7.78
CA PHE G 97 41.34 -40.50 7.18
C PHE G 97 42.28 -39.34 6.92
N PHE G 98 41.89 -38.46 5.99
CA PHE G 98 42.65 -37.23 5.73
C PHE G 98 41.69 -36.14 5.26
N LEU G 99 42.12 -34.89 5.44
CA LEU G 99 41.29 -33.74 5.10
C LEU G 99 41.04 -33.61 3.57
N GLY G 100 39.76 -33.61 3.20
CA GLY G 100 39.36 -33.56 1.81
C GLY G 100 38.88 -34.90 1.30
N GLN G 101 39.13 -35.95 2.05
CA GLN G 101 38.70 -37.29 1.68
C GLN G 101 37.19 -37.38 1.63
N ILE G 102 36.67 -37.97 0.56
CA ILE G 102 35.24 -38.29 0.48
C ILE G 102 35.12 -39.70 1.07
N VAL G 103 34.10 -39.90 1.92
CA VAL G 103 33.92 -41.16 2.62
C VAL G 103 32.46 -41.55 2.67
N ALA G 104 32.24 -42.84 2.86
CA ALA G 104 30.92 -43.45 2.96
C ALA G 104 30.81 -44.20 4.30
N PHE G 105 29.76 -43.90 5.07
CA PHE G 105 29.54 -44.55 6.37
C PHE G 105 28.15 -45.18 6.52
N LYS G 106 28.09 -46.21 7.35
CA LYS G 106 26.85 -46.66 7.95
C LYS G 106 26.95 -46.30 9.42
N GLY G 107 25.95 -45.60 9.93
CA GLY G 107 25.99 -45.10 11.29
C GLY G 107 24.69 -44.45 11.71
N LYS G 108 24.75 -43.76 12.85
CA LYS G 108 23.56 -43.16 13.43
C LYS G 108 23.92 -41.94 14.27
N ASN G 109 23.08 -40.92 14.16
CA ASN G 109 23.13 -39.76 15.05
C ASN G 109 22.09 -39.95 16.15
N ALA G 110 22.55 -40.47 17.29
CA ALA G 110 21.63 -40.87 18.37
C ALA G 110 20.94 -39.65 19.02
N ASN G 111 21.75 -38.63 19.33
CA ASN G 111 21.37 -37.50 20.18
C ASN G 111 21.30 -36.16 19.50
N GLY G 112 21.83 -36.07 18.30
CA GLY G 112 21.77 -34.83 17.54
C GLY G 112 23.11 -34.18 17.32
N ASP G 113 24.04 -34.35 18.24
CA ASP G 113 25.29 -33.58 18.14
C ASP G 113 26.53 -34.37 17.64
N TYR G 114 26.38 -35.65 17.33
CA TYR G 114 27.49 -36.49 16.84
C TYR G 114 26.90 -37.54 15.91
N PHE G 115 27.71 -37.95 14.94
CA PHE G 115 27.37 -39.10 14.11
C PHE G 115 28.29 -40.27 14.46
N THR G 116 27.71 -41.34 15.03
CA THR G 116 28.49 -42.50 15.44
C THR G 116 28.66 -43.42 14.22
N VAL G 117 29.91 -43.68 13.86
CA VAL G 117 30.17 -44.56 12.71
C VAL G 117 30.20 -46.02 13.18
N ASN G 118 29.32 -46.82 12.61
CA ASN G 118 29.29 -48.26 12.87
C ASN G 118 30.11 -49.04 11.86
N SER G 119 30.10 -48.62 10.60
CA SER G 119 31.01 -49.21 9.62
C SER G 119 31.37 -48.22 8.53
N ILE G 120 32.53 -48.47 7.92
CA ILE G 120 33.05 -47.68 6.85
C ILE G 120 32.83 -48.48 5.57
N LEU G 121 32.09 -47.94 4.61
CA LEU G 121 31.98 -48.59 3.31
C LEU G 121 33.19 -48.19 2.45
N PRO G 122 34.12 -49.12 2.19
CA PRO G 122 35.25 -48.69 1.36
C PRO G 122 34.80 -48.26 -0.03
N LEU G 123 35.35 -47.16 -0.50
CA LEU G 123 35.12 -46.74 -1.87
C LEU G 123 35.80 -47.76 -2.79
N PRO G 124 35.09 -48.18 -3.83
CA PRO G 124 35.58 -49.22 -4.72
C PRO G 124 36.68 -48.69 -5.64
N TYR G 125 37.64 -49.54 -5.97
CA TYR G 125 38.73 -49.15 -6.86
C TYR G 125 38.23 -48.98 -8.30
N PRO G 126 38.67 -47.93 -8.96
CA PRO G 126 38.26 -47.76 -10.36
C PRO G 126 38.68 -48.90 -11.28
N ASN G 127 37.92 -49.08 -12.35
CA ASN G 127 38.25 -50.02 -13.40
C ASN G 127 39.61 -49.77 -14.05
N SER G 128 40.16 -50.84 -14.61
CA SER G 128 41.38 -50.77 -15.37
C SER G 128 41.06 -50.70 -16.87
N PRO G 129 41.92 -50.02 -17.62
CA PRO G 129 41.74 -49.95 -19.06
C PRO G 129 41.99 -51.28 -19.73
N VAL G 130 41.30 -51.50 -20.85
CA VAL G 130 41.38 -52.71 -21.60
C VAL G 130 41.70 -52.40 -23.05
N SER G 131 42.18 -53.40 -23.80
CA SER G 131 42.47 -53.23 -25.22
C SER G 131 41.96 -54.44 -26.03
N THR G 132 41.73 -54.22 -27.31
CA THR G 132 41.33 -55.29 -28.22
C THR G 132 42.58 -56.04 -28.68
N SER G 133 42.38 -57.26 -29.14
CA SER G 133 43.44 -58.10 -29.69
C SER G 133 44.19 -57.39 -30.83
N GLN G 134 43.44 -56.83 -31.76
CA GLN G 134 44.02 -56.06 -32.88
C GLN G 134 44.97 -54.98 -32.40
N GLU G 135 44.52 -54.24 -31.39
CA GLU G 135 45.31 -53.15 -30.86
C GLU G 135 46.62 -53.67 -30.30
N LEU G 136 46.54 -54.78 -29.56
CA LEU G 136 47.70 -55.33 -28.88
C LEU G 136 48.68 -55.89 -29.86
N GLN G 137 48.18 -56.46 -30.96
CA GLN G 137 49.03 -56.98 -32.04
C GLN G 137 49.84 -55.86 -32.71
N GLU G 138 49.19 -54.73 -32.95
CA GLU G 138 49.90 -53.56 -33.50
C GLU G 138 51.02 -53.12 -32.59
N PHE G 139 50.69 -52.96 -31.30
CA PHE G 139 51.68 -52.62 -30.30
C PHE G 139 52.84 -53.62 -30.29
N GLN G 140 52.52 -54.91 -30.42
CA GLN G 140 53.55 -55.92 -30.54
C GLN G 140 54.45 -55.70 -31.76
N ALA G 141 53.83 -55.40 -32.90
CA ALA G 141 54.55 -55.06 -34.12
C ALA G 141 55.43 -53.82 -33.97
N ASN G 142 54.92 -52.76 -33.33
CA ASN G 142 55.72 -51.51 -33.13
C ASN G 142 57.07 -51.78 -32.51
N LEU G 143 57.12 -52.69 -31.53
CA LEU G 143 58.34 -52.91 -30.74
C LEU G 143 59.29 -53.96 -31.36
N GLU G 144 58.80 -54.68 -32.38
CA GLU G 144 59.66 -55.59 -33.12
C GLU G 144 60.27 -56.63 -32.16
N GLY G 145 59.38 -57.32 -31.41
CA GLY G 145 59.79 -58.25 -30.33
C GLY G 145 60.17 -57.53 -29.03
N SER G 146 61.30 -56.81 -29.07
CA SER G 146 61.93 -56.11 -27.92
C SER G 146 60.98 -55.35 -26.99
N SER G 147 61.46 -55.04 -25.79
CA SER G 147 60.57 -54.55 -24.74
C SER G 147 60.54 -53.02 -24.71
N LEU G 148 59.53 -52.48 -24.06
CA LEU G 148 59.28 -51.04 -24.04
C LEU G 148 60.11 -50.40 -22.92
N LYS G 149 60.82 -49.32 -23.23
CA LYS G 149 61.64 -48.64 -22.24
C LYS G 149 61.18 -47.21 -22.11
N VAL G 150 60.85 -46.81 -20.89
CA VAL G 150 60.43 -45.46 -20.62
C VAL G 150 61.27 -44.97 -19.46
N ILE G 151 61.90 -43.80 -19.64
CA ILE G 151 62.72 -43.20 -18.60
C ILE G 151 61.97 -42.01 -18.06
N VAL G 152 62.04 -41.80 -16.74
CA VAL G 152 61.31 -40.71 -16.09
C VAL G 152 62.24 -39.95 -15.15
N THR G 153 62.27 -38.63 -15.30
CA THR G 153 63.08 -37.78 -14.43
C THR G 153 62.25 -36.64 -13.88
N CYS G 154 62.74 -36.04 -12.81
N CYS G 154 62.73 -36.06 -12.79
CA CYS G 154 62.02 -35.00 -12.12
CA CYS G 154 62.02 -35.01 -12.08
C CYS G 154 62.96 -33.95 -11.60
C CYS G 154 62.99 -33.94 -11.63
N GLY G 155 62.61 -32.69 -11.83
CA GLY G 155 63.46 -31.59 -11.38
C GLY G 155 63.46 -31.47 -9.88
N PRO G 156 64.31 -30.63 -9.33
CA PRO G 156 65.28 -29.75 -9.97
C PRO G 156 66.37 -30.50 -10.72
N TYR G 157 66.93 -29.84 -11.73
CA TYR G 157 68.01 -30.41 -12.54
C TYR G 157 69.35 -29.76 -12.25
N PHE G 158 69.36 -28.57 -11.64
CA PHE G 158 70.59 -28.06 -11.07
C PHE G 158 70.50 -27.75 -9.60
N ALA G 159 71.67 -27.77 -8.97
CA ALA G 159 71.86 -27.59 -7.54
C ALA G 159 71.53 -26.16 -7.12
N ASN G 160 71.49 -25.95 -5.80
CA ASN G 160 71.11 -24.67 -5.21
C ASN G 160 72.17 -23.60 -5.34
N ASP G 161 73.44 -24.00 -5.39
CA ASP G 161 74.55 -23.04 -5.39
C ASP G 161 75.28 -22.88 -6.74
N ASN G 162 74.68 -23.35 -7.83
CA ASN G 162 75.29 -23.16 -9.15
C ASN G 162 74.28 -23.34 -10.26
N PHE G 163 74.73 -23.28 -11.50
CA PHE G 163 73.87 -23.48 -12.67
C PHE G 163 74.35 -24.64 -13.55
N SER G 164 75.00 -25.62 -12.94
CA SER G 164 75.56 -26.74 -13.66
C SER G 164 74.51 -27.69 -14.10
N LEU G 165 74.54 -28.04 -15.39
CA LEU G 165 73.72 -29.12 -15.96
C LEU G 165 74.64 -30.27 -16.41
N GLU G 166 75.85 -30.33 -15.85
CA GLU G 166 76.82 -31.38 -16.20
C GLU G 166 76.29 -32.79 -16.02
N LEU G 167 75.57 -32.98 -14.94
CA LEU G 167 74.99 -34.27 -14.60
C LEU G 167 73.89 -34.62 -15.61
N LEU G 168 73.06 -33.67 -15.96
CA LEU G 168 72.05 -33.88 -16.98
C LEU G 168 72.70 -34.21 -18.32
N GLN G 169 73.85 -33.59 -18.63
CA GLN G 169 74.57 -33.91 -19.88
C GLN G 169 75.03 -35.36 -19.89
N GLU G 170 75.68 -35.79 -18.81
CA GLU G 170 76.07 -37.19 -18.62
C GLU G 170 74.90 -38.13 -18.81
N PHE G 171 73.78 -37.82 -18.19
CA PHE G 171 72.59 -38.59 -18.29
C PHE G 171 72.14 -38.68 -19.77
N ILE G 172 72.00 -37.55 -20.44
CA ILE G 172 71.59 -37.53 -21.84
C ILE G 172 72.51 -38.37 -22.75
N ASP G 173 73.81 -38.35 -22.47
CA ASP G 173 74.74 -39.13 -23.23
C ASP G 173 74.49 -40.63 -23.05
N SER G 174 74.16 -41.00 -21.80
CA SER G 174 73.86 -42.35 -21.46
C SER G 174 72.58 -42.89 -22.09
N ILE G 175 71.53 -42.08 -22.12
CA ILE G 175 70.30 -42.54 -22.74
C ILE G 175 70.37 -42.53 -24.29
N ASN G 176 71.02 -41.53 -24.87
CA ASN G 176 71.29 -41.55 -26.32
C ASN G 176 72.09 -42.75 -26.79
N ASN G 177 73.17 -43.08 -26.09
CA ASN G 177 74.14 -44.05 -26.61
C ASN G 177 74.18 -45.43 -25.93
N GLU G 178 73.47 -45.60 -24.82
CA GLU G 178 73.48 -46.86 -24.07
C GLU G 178 72.09 -47.43 -23.82
N VAL G 179 71.25 -46.66 -23.10
CA VAL G 179 69.93 -47.15 -22.68
C VAL G 179 68.95 -47.16 -23.85
N LYS G 180 68.90 -46.08 -24.62
CA LYS G 180 68.10 -46.00 -25.84
C LYS G 180 66.64 -46.30 -25.61
N PRO G 181 65.97 -45.52 -24.75
CA PRO G 181 64.58 -45.76 -24.44
C PRO G 181 63.70 -45.29 -25.57
N HIS G 182 62.42 -45.67 -25.55
CA HIS G 182 61.48 -45.15 -26.53
C HIS G 182 60.94 -43.78 -26.16
N VAL G 183 60.79 -43.52 -24.86
CA VAL G 183 60.17 -42.29 -24.39
C VAL G 183 60.85 -41.81 -23.14
N LEU G 184 61.02 -40.52 -23.01
CA LEU G 184 61.57 -39.89 -21.83
C LEU G 184 60.54 -38.88 -21.27
N ILE G 185 60.19 -39.03 -19.99
CA ILE G 185 59.22 -38.14 -19.35
C ILE G 185 59.96 -37.31 -18.36
N MET G 186 59.95 -36.00 -18.55
CA MET G 186 60.65 -35.08 -17.66
C MET G 186 59.68 -34.19 -16.96
N PHE G 187 59.66 -34.24 -15.64
CA PHE G 187 58.82 -33.33 -14.85
C PHE G 187 59.64 -32.15 -14.43
N GLY G 188 59.03 -30.98 -14.43
CA GLY G 188 59.62 -29.81 -13.81
C GLY G 188 59.69 -29.96 -12.28
N PRO G 189 60.22 -28.95 -11.57
CA PRO G 189 60.63 -27.65 -12.13
C PRO G 189 61.92 -27.72 -12.92
N PHE G 190 62.01 -26.91 -13.97
CA PHE G 190 63.23 -26.74 -14.73
C PHE G 190 64.01 -25.52 -14.22
N ILE G 191 63.45 -24.32 -14.32
CA ILE G 191 63.94 -23.16 -13.57
C ILE G 191 62.94 -22.97 -12.43
N ASP G 192 63.34 -23.43 -11.25
CA ASP G 192 62.53 -23.35 -10.05
C ASP G 192 62.51 -21.92 -9.51
N ILE G 193 61.32 -21.33 -9.47
CA ILE G 193 61.17 -19.95 -8.99
C ILE G 193 61.57 -19.81 -7.52
N THR G 194 61.67 -20.93 -6.79
CA THR G 194 62.08 -20.92 -5.38
C THR G 194 63.53 -21.29 -5.21
N HIS G 195 64.25 -21.54 -6.29
CA HIS G 195 65.70 -21.72 -6.18
C HIS G 195 66.28 -20.49 -5.49
N PRO G 196 67.09 -20.67 -4.44
CA PRO G 196 67.53 -19.54 -3.65
C PRO G 196 68.28 -18.42 -4.42
N LEU G 197 69.02 -18.76 -5.47
CA LEU G 197 69.70 -17.71 -6.22
C LEU G 197 68.68 -16.98 -7.11
N ILE G 198 67.76 -17.73 -7.66
CA ILE G 198 66.69 -17.13 -8.45
C ILE G 198 65.83 -16.28 -7.56
N ALA G 199 65.43 -16.82 -6.40
CA ALA G 199 64.60 -16.07 -5.45
C ALA G 199 65.28 -14.79 -5.00
N SER G 200 66.55 -14.82 -4.64
CA SER G 200 67.21 -13.62 -4.15
C SER G 200 67.62 -12.65 -5.25
N GLY G 201 67.59 -13.09 -6.51
CA GLY G 201 68.15 -12.30 -7.62
C GLY G 201 69.67 -12.26 -7.69
N LYS G 202 70.35 -13.17 -6.98
CA LYS G 202 71.82 -13.25 -7.07
C LYS G 202 72.15 -14.08 -8.29
N LEU G 203 71.94 -13.49 -9.46
CA LEU G 203 72.16 -14.17 -10.74
C LEU G 203 73.43 -13.65 -11.41
N PRO G 204 74.32 -14.58 -11.76
CA PRO G 204 75.62 -14.16 -12.26
C PRO G 204 75.59 -13.88 -13.76
N ASN G 205 76.68 -13.28 -14.21
CA ASN G 205 77.02 -13.20 -15.60
C ASN G 205 77.46 -14.58 -16.02
N PHE G 206 76.97 -15.02 -17.17
CA PHE G 206 77.36 -16.31 -17.75
C PHE G 206 78.32 -16.14 -18.92
N PRO G 207 79.61 -16.45 -18.73
CA PRO G 207 80.55 -16.16 -19.78
C PRO G 207 80.42 -17.11 -20.98
N GLN G 208 79.62 -18.15 -20.87
CA GLN G 208 79.44 -19.12 -21.95
C GLN G 208 78.26 -18.75 -22.83
N PHE G 209 77.61 -17.61 -22.54
CA PHE G 209 76.54 -17.07 -23.36
C PHE G 209 77.00 -15.75 -23.98
N LYS G 210 76.82 -15.64 -25.29
CA LYS G 210 77.24 -14.45 -26.01
C LYS G 210 76.46 -13.23 -25.53
N THR G 211 75.15 -13.40 -25.44
CA THR G 211 74.25 -12.39 -24.96
C THR G 211 73.53 -12.89 -23.71
N GLN G 212 73.65 -12.14 -22.63
CA GLN G 212 73.11 -12.50 -21.32
C GLN G 212 71.62 -12.51 -21.38
N PRO G 213 71.00 -13.47 -20.70
CA PRO G 213 69.54 -13.46 -20.56
C PRO G 213 69.07 -12.28 -19.74
N LYS G 214 67.92 -11.73 -20.09
CA LYS G 214 67.36 -10.57 -19.36
C LYS G 214 66.18 -10.94 -18.51
N THR G 215 65.67 -12.15 -18.70
CA THR G 215 64.49 -12.63 -17.99
C THR G 215 64.68 -14.09 -17.68
N LEU G 216 63.89 -14.66 -16.77
CA LEU G 216 64.01 -16.09 -16.48
C LEU G 216 63.61 -16.97 -17.68
N ASP G 217 62.65 -16.52 -18.49
CA ASP G 217 62.32 -17.24 -19.73
C ASP G 217 63.55 -17.29 -20.64
N GLU G 218 64.31 -16.21 -20.75
CA GLU G 218 65.52 -16.22 -21.53
C GLU G 218 66.59 -17.09 -20.93
N LEU G 219 66.62 -17.18 -19.60
CA LEU G 219 67.58 -18.09 -18.96
C LEU G 219 67.29 -19.52 -19.39
N PHE G 220 66.01 -19.87 -19.46
CA PHE G 220 65.69 -21.23 -19.91
C PHE G 220 66.16 -21.51 -21.34
N LEU G 221 65.92 -20.56 -22.24
CA LEU G 221 66.32 -20.70 -23.63
C LEU G 221 67.83 -20.87 -23.75
N LYS G 222 68.61 -20.20 -22.93
CA LYS G 222 70.08 -20.25 -23.05
C LYS G 222 70.71 -21.40 -22.26
N LEU G 223 70.07 -21.82 -21.19
CA LEU G 223 70.62 -22.84 -20.29
C LEU G 223 70.06 -24.23 -20.60
N PHE G 224 68.76 -24.35 -20.81
CA PHE G 224 68.17 -25.67 -20.96
C PHE G 224 68.02 -26.08 -22.43
N THR G 225 67.49 -25.19 -23.24
CA THR G 225 67.13 -25.57 -24.59
C THR G 225 68.30 -26.20 -25.36
N PRO G 226 69.51 -25.63 -25.27
CA PRO G 226 70.59 -26.26 -26.04
C PRO G 226 70.97 -27.64 -25.56
N ILE G 227 70.73 -27.92 -24.28
CA ILE G 227 71.06 -29.25 -23.74
C ILE G 227 69.97 -30.27 -24.06
N LEU G 228 68.72 -29.85 -23.86
CA LEU G 228 67.59 -30.68 -24.21
C LEU G 228 67.57 -31.02 -25.71
N LYS G 229 67.91 -30.06 -26.57
CA LYS G 229 68.02 -30.32 -28.02
C LYS G 229 68.94 -31.52 -28.37
N THR G 230 69.89 -31.86 -27.49
CA THR G 230 70.80 -32.96 -27.77
C THR G 230 70.22 -34.35 -27.50
N ILE G 231 69.03 -34.43 -26.90
CA ILE G 231 68.39 -35.73 -26.73
C ILE G 231 68.15 -36.26 -28.14
N SER G 232 68.38 -37.55 -28.35
CA SER G 232 68.19 -38.13 -29.68
C SER G 232 66.75 -37.97 -30.17
N PRO G 233 66.59 -37.63 -31.45
CA PRO G 233 65.23 -37.50 -32.00
C PRO G 233 64.47 -38.81 -31.99
N HIS G 234 65.16 -39.94 -31.85
CA HIS G 234 64.48 -41.24 -31.75
C HIS G 234 63.78 -41.45 -30.41
N ILE G 235 64.14 -40.64 -29.40
CA ILE G 235 63.53 -40.72 -28.08
C ILE G 235 62.47 -39.65 -28.00
N GLN G 236 61.20 -40.03 -27.94
CA GLN G 236 60.16 -39.05 -27.73
C GLN G 236 60.24 -38.52 -26.29
N THR G 237 60.22 -37.21 -26.15
CA THR G 237 60.42 -36.61 -24.86
C THR G 237 59.24 -35.74 -24.48
N VAL G 238 58.68 -36.02 -23.30
CA VAL G 238 57.48 -35.37 -22.81
C VAL G 238 57.83 -34.46 -21.65
N LEU G 239 57.39 -33.21 -21.69
CA LEU G 239 57.65 -32.30 -20.57
C LEU G 239 56.35 -31.99 -19.83
N ILE G 240 56.40 -32.17 -18.52
CA ILE G 240 55.27 -31.90 -17.65
C ILE G 240 55.72 -30.86 -16.59
N PRO G 241 55.05 -29.73 -16.52
CA PRO G 241 55.49 -28.68 -15.64
C PRO G 241 55.15 -28.89 -14.15
N SER G 242 55.74 -27.98 -13.35
CA SER G 242 55.44 -27.78 -11.95
C SER G 242 54.87 -26.39 -11.84
N THR G 243 54.05 -26.14 -10.81
CA THR G 243 53.56 -24.80 -10.56
C THR G 243 54.70 -23.91 -10.03
N LYS G 244 55.83 -24.49 -9.72
CA LYS G 244 57.03 -23.75 -9.39
C LYS G 244 57.95 -23.41 -10.60
N ASP G 245 57.57 -23.83 -11.82
CA ASP G 245 58.33 -23.49 -13.03
C ASP G 245 58.20 -22.03 -13.40
N ALA G 246 59.31 -21.31 -13.31
CA ALA G 246 59.33 -19.93 -13.75
C ALA G 246 58.86 -19.79 -15.20
N ILE G 247 59.17 -20.78 -16.05
CA ILE G 247 58.78 -20.71 -17.47
C ILE G 247 57.28 -20.90 -17.68
N SER G 248 56.55 -21.41 -16.72
CA SER G 248 55.08 -21.47 -16.84
C SER G 248 54.47 -20.17 -16.36
N ASN G 249 53.50 -19.64 -17.12
CA ASN G 249 52.74 -18.47 -16.66
C ASN G 249 51.38 -18.84 -16.11
N HIS G 250 51.24 -20.09 -15.68
N HIS G 250 51.20 -20.13 -15.80
CA HIS G 250 49.98 -20.59 -15.17
CA HIS G 250 49.98 -20.67 -15.18
C HIS G 250 50.33 -21.37 -13.91
C HIS G 250 50.48 -21.35 -13.92
N ALA G 251 50.40 -20.67 -12.78
CA ALA G 251 51.00 -21.18 -11.54
C ALA G 251 49.99 -21.79 -10.54
N ALA G 252 48.99 -22.46 -11.07
CA ALA G 252 47.99 -23.15 -10.28
C ALA G 252 47.82 -24.57 -10.79
N TYR G 253 47.61 -25.52 -9.90
CA TYR G 253 47.25 -26.89 -10.26
C TYR G 253 45.72 -27.04 -10.30
N PRO G 254 45.14 -27.56 -11.41
CA PRO G 254 45.78 -28.10 -12.59
C PRO G 254 46.33 -27.02 -13.47
N GLN G 255 47.44 -27.35 -14.14
CA GLN G 255 48.30 -26.41 -14.81
C GLN G 255 48.28 -26.73 -16.33
N ALA G 256 47.98 -25.73 -17.16
CA ALA G 256 48.09 -25.86 -18.64
C ALA G 256 49.49 -26.28 -19.03
N SER G 257 49.62 -26.94 -20.16
CA SER G 257 50.95 -27.36 -20.60
C SER G 257 51.80 -26.18 -21.05
N LEU G 258 53.09 -26.39 -21.07
CA LEU G 258 54.02 -25.41 -21.61
C LEU G 258 53.80 -25.34 -23.10
N ILE G 259 54.26 -24.26 -23.72
CA ILE G 259 54.17 -24.07 -25.16
C ILE G 259 55.54 -24.37 -25.76
N ARG G 260 55.63 -25.51 -26.44
CA ARG G 260 56.89 -26.00 -27.00
C ARG G 260 57.62 -24.97 -27.87
N LYS G 261 56.91 -24.28 -28.75
CA LYS G 261 57.54 -23.30 -29.66
C LYS G 261 58.20 -22.19 -28.85
N ALA G 262 57.57 -21.79 -27.75
CA ALA G 262 58.13 -20.78 -26.84
C ALA G 262 59.40 -21.28 -26.17
N LEU G 263 59.50 -22.59 -25.97
CA LEU G 263 60.75 -23.16 -25.45
C LEU G 263 61.82 -23.38 -26.53
N GLN G 264 61.45 -23.13 -27.78
CA GLN G 264 62.32 -23.39 -28.95
C GLN G 264 62.88 -24.81 -28.97
N LEU G 265 62.04 -25.75 -28.58
CA LEU G 265 62.35 -27.16 -28.65
C LEU G 265 61.75 -27.72 -29.94
N PRO G 266 62.45 -28.68 -30.58
CA PRO G 266 62.06 -29.15 -31.89
C PRO G 266 60.85 -30.08 -31.86
N LYS G 267 59.95 -29.88 -32.81
CA LYS G 267 58.76 -30.70 -32.99
C LYS G 267 59.07 -32.17 -33.26
N ARG G 268 60.28 -32.45 -33.75
CA ARG G 268 60.68 -33.83 -34.08
C ARG G 268 60.49 -34.78 -32.89
N ASN G 269 60.77 -34.35 -31.67
CA ASN G 269 60.65 -35.31 -30.57
C ASN G 269 60.20 -34.75 -29.20
N PHE G 270 59.68 -33.53 -29.14
CA PHE G 270 59.26 -32.95 -27.87
C PHE G 270 57.77 -32.74 -27.83
N LYS G 271 57.13 -33.21 -26.78
CA LYS G 271 55.73 -32.96 -26.57
C LYS G 271 55.58 -32.37 -25.21
N CYS G 272 54.85 -31.26 -25.11
CA CYS G 272 54.56 -30.61 -23.83
C CYS G 272 53.19 -31.02 -23.33
N MET G 273 53.11 -31.57 -22.12
CA MET G 273 51.84 -32.03 -21.57
C MET G 273 51.40 -31.19 -20.36
N ALA G 274 50.10 -31.22 -20.08
CA ALA G 274 49.55 -30.59 -18.89
C ALA G 274 49.97 -31.33 -17.59
N ASN G 275 49.73 -30.65 -16.46
CA ASN G 275 50.01 -31.11 -15.11
C ASN G 275 48.69 -31.04 -14.36
N PRO G 276 47.98 -32.17 -14.24
CA PRO G 276 48.39 -33.51 -14.59
C PRO G 276 48.08 -33.85 -16.04
N SER G 277 48.54 -35.00 -16.49
CA SER G 277 48.09 -35.51 -17.77
C SER G 277 48.13 -37.02 -17.76
N SER G 278 47.33 -37.59 -18.65
CA SER G 278 47.14 -39.02 -18.78
C SER G 278 47.31 -39.39 -20.24
N PHE G 279 48.02 -40.48 -20.52
CA PHE G 279 48.30 -40.81 -21.90
C PHE G 279 48.69 -42.26 -22.02
N GLN G 280 48.58 -42.80 -23.23
CA GLN G 280 49.09 -44.12 -23.50
C GLN G 280 50.46 -44.10 -24.18
N ILE G 281 51.32 -45.03 -23.77
CA ILE G 281 52.48 -45.41 -24.57
C ILE G 281 52.20 -46.86 -24.90
N ASN G 282 52.02 -47.13 -26.19
CA ASN G 282 51.41 -48.39 -26.63
C ASN G 282 50.15 -48.58 -25.83
N GLU G 283 49.99 -49.73 -25.18
CA GLU G 283 48.78 -49.99 -24.45
C GLU G 283 48.83 -49.42 -23.04
N ILE G 284 50.00 -49.03 -22.56
CA ILE G 284 50.13 -48.68 -21.14
C ILE G 284 49.56 -47.28 -20.84
N TYR G 285 48.52 -47.23 -19.98
CA TYR G 285 47.98 -45.93 -19.51
C TYR G 285 48.85 -45.36 -18.38
N PHE G 286 49.38 -44.17 -18.61
CA PHE G 286 50.11 -43.42 -17.60
C PHE G 286 49.25 -42.33 -17.04
N GLY G 287 49.30 -42.16 -15.72
CA GLY G 287 48.69 -41.00 -15.06
C GLY G 287 49.81 -40.26 -14.36
N CYS G 288 50.05 -39.02 -14.78
CA CYS G 288 51.11 -38.23 -14.22
C CYS G 288 50.61 -36.96 -13.58
N SER G 289 51.10 -36.69 -12.38
CA SER G 289 50.68 -35.51 -11.67
C SER G 289 51.88 -34.98 -10.93
N ASN G 290 52.03 -33.68 -10.88
CA ASN G 290 53.26 -33.10 -10.33
C ASN G 290 53.04 -32.15 -9.14
N VAL G 291 52.15 -32.53 -8.24
CA VAL G 291 52.02 -31.95 -6.90
C VAL G 291 52.25 -33.11 -5.91
N ASP G 292 52.93 -32.84 -4.81
CA ASP G 292 53.52 -33.90 -3.97
C ASP G 292 52.50 -34.53 -3.00
N THR G 293 51.57 -35.32 -3.55
CA THR G 293 50.54 -35.96 -2.75
C THR G 293 51.21 -36.81 -1.68
N PHE G 294 52.24 -37.56 -2.04
CA PHE G 294 52.88 -38.47 -1.08
C PHE G 294 53.51 -37.79 0.09
N LYS G 295 53.96 -36.56 -0.07
CA LYS G 295 54.50 -35.81 1.05
C LYS G 295 53.40 -35.10 1.84
N ASP G 296 52.33 -34.70 1.17
CA ASP G 296 51.37 -33.79 1.78
C ASP G 296 50.23 -34.45 2.52
N LEU G 297 49.89 -35.66 2.13
CA LEU G 297 48.74 -36.34 2.70
C LEU G 297 49.02 -36.81 4.13
N LYS G 298 48.40 -36.13 5.10
CA LYS G 298 48.58 -36.42 6.54
C LYS G 298 47.40 -37.19 7.08
N GLU G 299 47.62 -38.48 7.32
CA GLU G 299 46.59 -39.39 7.74
C GLU G 299 46.31 -39.25 9.22
N VAL G 300 45.03 -39.33 9.58
CA VAL G 300 44.65 -39.58 10.95
C VAL G 300 44.33 -41.08 11.00
N ILE G 301 45.04 -41.81 11.87
CA ILE G 301 45.05 -43.28 11.88
C ILE G 301 44.58 -43.87 13.19
N LYS G 302 43.83 -44.96 13.11
CA LYS G 302 43.50 -45.80 14.26
C LYS G 302 43.72 -47.27 13.92
N GLY G 303 44.29 -48.04 14.85
CA GLY G 303 44.37 -49.49 14.71
C GLY G 303 45.74 -50.06 14.40
N GLY G 304 46.03 -51.21 15.00
CA GLY G 304 47.33 -51.86 14.82
C GLY G 304 47.56 -52.31 13.39
N THR G 305 46.51 -52.82 12.76
CA THR G 305 46.60 -53.33 11.42
C THR G 305 46.94 -52.22 10.45
N THR G 306 46.15 -51.15 10.50
CA THR G 306 46.37 -49.97 9.68
C THR G 306 47.79 -49.41 9.90
N SER G 307 48.16 -49.19 11.16
CA SER G 307 49.50 -48.66 11.51
C SER G 307 50.71 -49.51 11.07
N SER G 308 50.56 -50.83 11.03
CA SER G 308 51.67 -51.68 10.67
C SER G 308 51.86 -51.81 9.15
N ARG G 309 50.89 -51.31 8.38
CA ARG G 309 51.08 -51.23 6.92
C ARG G 309 52.04 -50.08 6.55
N TYR G 310 52.58 -50.14 5.32
CA TYR G 310 53.48 -49.10 4.84
C TYR G 310 52.61 -47.90 4.43
N ARG G 311 53.06 -46.71 4.84
CA ARG G 311 52.37 -45.48 4.51
C ARG G 311 52.15 -45.31 3.02
N LEU G 312 53.16 -45.65 2.23
CA LEU G 312 53.11 -45.39 0.78
C LEU G 312 51.99 -46.23 0.12
N ASP G 313 51.76 -47.42 0.69
CA ASP G 313 50.66 -48.29 0.24
C ASP G 313 49.32 -47.68 0.61
N ARG G 314 49.18 -47.22 1.85
CA ARG G 314 47.94 -46.58 2.27
C ARG G 314 47.64 -45.33 1.45
N VAL G 315 48.65 -44.49 1.27
CA VAL G 315 48.44 -43.25 0.53
C VAL G 315 48.06 -43.55 -0.91
N SER G 316 48.70 -44.55 -1.51
CA SER G 316 48.39 -44.93 -2.89
C SER G 316 46.96 -45.38 -3.04
N GLU G 317 46.49 -46.15 -2.08
CA GLU G 317 45.10 -46.60 -2.07
C GLU G 317 44.11 -45.45 -1.87
N HIS G 318 44.48 -44.46 -1.07
CA HIS G 318 43.61 -43.30 -0.92
C HIS G 318 43.44 -42.60 -2.28
N ILE G 319 44.54 -42.39 -3.00
CA ILE G 319 44.52 -41.74 -4.30
C ILE G 319 43.61 -42.53 -5.26
N LEU G 320 43.84 -43.85 -5.35
CA LEU G 320 43.05 -44.69 -6.26
C LEU G 320 41.56 -44.64 -5.91
N GLN G 321 41.26 -44.70 -4.63
CA GLN G 321 39.86 -44.61 -4.18
C GLN G 321 39.22 -43.28 -4.48
N GLN G 322 40.00 -42.23 -4.25
CA GLN G 322 39.50 -40.86 -4.45
C GLN G 322 39.37 -40.48 -5.93
N ARG G 323 40.04 -41.23 -6.81
CA ARG G 323 39.99 -40.99 -8.28
C ARG G 323 40.44 -39.59 -8.69
N ARG G 324 41.38 -39.03 -7.95
CA ARG G 324 41.97 -37.77 -8.32
C ARG G 324 43.39 -37.70 -7.72
N TYR G 325 44.31 -37.10 -8.45
CA TYR G 325 45.74 -37.21 -8.13
C TYR G 325 46.14 -36.46 -6.88
N TYR G 326 45.45 -35.37 -6.53
CA TYR G 326 45.75 -34.64 -5.28
C TYR G 326 44.45 -34.42 -4.50
N PRO G 327 44.06 -35.41 -3.72
CA PRO G 327 42.73 -35.40 -3.08
C PRO G 327 42.59 -34.57 -1.82
N ILE G 328 43.72 -34.05 -1.35
CA ILE G 328 43.80 -33.28 -0.10
C ILE G 328 43.15 -31.94 -0.35
N PHE G 329 42.27 -31.52 0.55
CA PHE G 329 41.69 -30.19 0.49
C PHE G 329 41.28 -29.73 1.87
N PRO G 330 41.62 -28.47 2.23
CA PRO G 330 42.48 -27.52 1.51
C PRO G 330 43.85 -28.11 1.17
N GLY G 331 44.44 -27.63 0.09
CA GLY G 331 45.76 -28.11 -0.31
C GLY G 331 46.85 -27.60 0.60
N SER G 332 48.00 -28.25 0.63
CA SER G 332 49.01 -27.81 1.62
C SER G 332 49.66 -26.50 1.18
N ILE G 333 50.13 -25.75 2.17
CA ILE G 333 50.81 -24.46 1.96
C ILE G 333 52.20 -24.47 2.62
N ARG G 334 53.16 -23.84 1.93
CA ARG G 334 54.56 -23.69 2.42
C ARG G 334 54.87 -22.24 2.87
N THR G 335 55.09 -22.10 4.18
CA THR G 335 54.90 -20.82 4.89
C THR G 335 56.16 -20.17 5.52
N HIS G 361 54.64 -16.38 3.03
CA HIS G 361 54.27 -17.33 1.95
C HIS G 361 55.37 -17.47 0.86
N ILE G 362 55.56 -18.70 0.39
CA ILE G 362 56.64 -19.04 -0.55
C ILE G 362 56.10 -19.86 -1.73
N SER G 363 55.31 -20.89 -1.41
CA SER G 363 54.78 -21.80 -2.41
C SER G 363 53.65 -22.69 -1.87
N GLY G 364 53.19 -23.63 -2.69
CA GLY G 364 52.14 -24.56 -2.25
C GLY G 364 51.54 -25.43 -3.37
N ALA G 365 50.59 -26.27 -3.03
CA ALA G 365 49.78 -26.97 -4.03
C ALA G 365 49.15 -25.96 -4.98
N ASP G 366 48.78 -24.80 -4.49
CA ASP G 366 48.14 -23.80 -5.33
C ASP G 366 47.04 -24.47 -6.14
N LEU G 367 46.03 -24.97 -5.45
CA LEU G 367 44.91 -25.60 -6.13
C LEU G 367 44.03 -24.51 -6.70
N ASP G 368 43.59 -24.71 -7.93
CA ASP G 368 42.61 -23.85 -8.52
C ASP G 368 41.31 -24.66 -8.46
N VAL G 369 40.56 -24.41 -7.40
CA VAL G 369 39.57 -25.34 -6.94
C VAL G 369 38.54 -25.57 -8.02
N SER G 370 38.16 -24.51 -8.73
CA SER G 370 37.17 -24.61 -9.80
C SER G 370 37.51 -25.57 -10.93
N TYR G 371 38.78 -25.93 -11.06
CA TYR G 371 39.21 -26.85 -12.09
C TYR G 371 39.65 -28.21 -11.58
N LEU G 372 39.33 -28.55 -10.32
CA LEU G 372 39.75 -29.85 -9.80
C LEU G 372 39.12 -31.01 -10.62
N GLY G 373 38.02 -30.76 -11.29
CA GLY G 373 37.48 -31.75 -12.23
C GLY G 373 38.54 -32.31 -13.20
N LEU G 374 39.44 -31.46 -13.69
CA LEU G 374 40.51 -31.88 -14.62
C LEU G 374 41.54 -32.80 -13.98
N THR G 375 41.53 -32.86 -12.64
CA THR G 375 42.52 -33.65 -11.91
C THR G 375 42.00 -35.03 -11.57
N GLU G 376 40.80 -35.35 -12.02
CA GLU G 376 40.21 -36.64 -11.78
C GLU G 376 40.68 -37.64 -12.82
N PHE G 377 40.55 -38.92 -12.51
CA PHE G 377 41.00 -39.95 -13.43
C PHE G 377 40.24 -39.88 -14.73
N VAL G 378 40.96 -39.69 -15.84
CA VAL G 378 40.33 -39.57 -17.15
C VAL G 378 39.56 -40.86 -17.50
N GLY G 379 38.27 -40.68 -17.81
CA GLY G 379 37.41 -41.79 -18.21
C GLY G 379 36.94 -42.64 -17.05
N GLY G 380 37.30 -42.26 -15.82
CA GLY G 380 37.03 -43.09 -14.66
C GLY G 380 37.96 -44.28 -14.54
N PHE G 381 39.00 -44.35 -15.37
CA PHE G 381 39.92 -45.50 -15.40
C PHE G 381 41.04 -45.27 -14.44
N SER G 382 41.48 -46.30 -13.73
CA SER G 382 42.73 -46.14 -12.99
C SER G 382 43.86 -46.32 -13.99
N PRO G 383 44.97 -45.62 -13.77
CA PRO G 383 46.11 -45.82 -14.67
C PRO G 383 46.79 -47.17 -14.45
N ASP G 384 47.42 -47.68 -15.50
CA ASP G 384 48.33 -48.82 -15.40
C ASP G 384 49.57 -48.44 -14.59
N ILE G 385 50.10 -47.24 -14.85
CA ILE G 385 51.27 -46.70 -14.17
C ILE G 385 50.96 -45.27 -13.74
N MET G 386 51.22 -44.99 -12.46
CA MET G 386 50.91 -43.70 -11.87
C MET G 386 52.21 -43.10 -11.35
N ILE G 387 52.49 -41.88 -11.79
CA ILE G 387 53.74 -41.25 -11.47
C ILE G 387 53.43 -39.92 -10.83
N ILE G 388 53.81 -39.79 -9.56
CA ILE G 388 53.57 -38.59 -8.77
C ILE G 388 54.88 -38.31 -8.04
N PRO G 389 55.75 -37.50 -8.64
CA PRO G 389 57.05 -37.22 -8.02
C PRO G 389 56.91 -36.60 -6.64
N SER G 390 57.85 -36.94 -5.77
CA SER G 390 57.84 -36.45 -4.42
C SER G 390 59.23 -36.11 -3.98
N GLU G 391 59.33 -35.20 -3.01
CA GLU G 391 60.60 -34.93 -2.37
C GLU G 391 60.99 -36.04 -1.43
N LEU G 392 60.10 -36.99 -1.17
CA LEU G 392 60.49 -38.20 -0.43
C LEU G 392 61.40 -39.07 -1.27
N GLN G 393 62.02 -40.05 -0.62
CA GLN G 393 62.86 -41.01 -1.30
C GLN G 393 62.17 -41.65 -2.47
N HIS G 394 62.92 -41.90 -3.53
CA HIS G 394 62.39 -42.57 -4.72
C HIS G 394 61.83 -43.92 -4.32
N PHE G 395 60.80 -44.37 -5.03
CA PHE G 395 60.24 -45.71 -4.81
C PHE G 395 59.48 -46.16 -6.04
N ALA G 396 59.30 -47.46 -6.15
CA ALA G 396 58.39 -48.04 -7.14
C ALA G 396 57.65 -49.19 -6.50
N ARG G 397 56.32 -49.15 -6.48
CA ARG G 397 55.51 -50.15 -5.78
C ARG G 397 54.28 -50.49 -6.56
N VAL G 398 53.87 -51.76 -6.44
CA VAL G 398 52.55 -52.16 -6.92
C VAL G 398 51.55 -52.09 -5.78
N VAL G 399 50.44 -51.40 -6.04
CA VAL G 399 49.32 -51.25 -5.11
C VAL G 399 48.04 -51.44 -5.93
N GLN G 400 47.25 -52.43 -5.55
CA GLN G 400 45.99 -52.69 -6.21
C GLN G 400 46.17 -52.78 -7.72
N ASN G 401 47.18 -53.53 -8.12
CA ASN G 401 47.52 -53.73 -9.54
C ASN G 401 47.88 -52.47 -10.33
N VAL G 402 48.31 -51.43 -9.64
CA VAL G 402 48.82 -50.24 -10.31
C VAL G 402 50.27 -50.05 -9.91
N VAL G 403 51.12 -49.77 -10.92
CA VAL G 403 52.53 -49.51 -10.64
C VAL G 403 52.64 -48.05 -10.28
N VAL G 404 53.10 -47.77 -9.05
CA VAL G 404 53.19 -46.39 -8.55
C VAL G 404 54.63 -46.02 -8.43
N ILE G 405 55.03 -44.92 -9.07
CA ILE G 405 56.43 -44.55 -9.17
C ILE G 405 56.74 -43.14 -8.72
N ASN G 406 57.72 -43.02 -7.83
CA ASN G 406 58.38 -41.76 -7.51
C ASN G 406 59.84 -41.87 -7.93
N PRO G 407 60.22 -41.16 -8.99
CA PRO G 407 61.60 -41.23 -9.44
C PRO G 407 62.63 -40.51 -8.55
N GLY G 408 62.17 -39.60 -7.71
CA GLY G 408 63.07 -38.78 -6.92
C GLY G 408 63.56 -37.60 -7.74
N ARG G 409 64.15 -36.64 -7.06
CA ARG G 409 64.72 -35.49 -7.70
C ARG G 409 65.98 -35.85 -8.47
N PHE G 410 66.13 -35.28 -9.65
CA PHE G 410 67.25 -35.62 -10.52
C PHE G 410 68.59 -35.27 -9.90
N ILE G 411 68.69 -34.08 -9.31
CA ILE G 411 69.88 -33.67 -8.56
C ILE G 411 69.46 -33.24 -7.17
N ARG G 412 70.32 -33.48 -6.19
CA ARG G 412 70.07 -33.00 -4.85
C ARG G 412 70.52 -31.57 -4.72
N ALA G 413 69.96 -30.88 -3.74
CA ALA G 413 70.22 -29.45 -3.53
C ALA G 413 71.69 -29.16 -3.32
N THR G 414 72.39 -30.06 -2.65
CA THR G 414 73.84 -29.93 -2.43
C THR G 414 74.68 -30.18 -3.68
N GLY G 415 74.12 -30.75 -4.74
CA GLY G 415 74.88 -31.02 -5.98
C GLY G 415 75.28 -32.48 -6.17
N ASN G 416 75.02 -33.29 -5.15
CA ASN G 416 75.14 -34.74 -5.27
C ASN G 416 74.11 -35.37 -6.21
N ARG G 417 74.50 -36.51 -6.79
CA ARG G 417 73.60 -37.38 -7.53
C ARG G 417 72.25 -37.55 -6.86
N GLY G 418 71.19 -37.31 -7.61
CA GLY G 418 69.86 -37.73 -7.26
C GLY G 418 69.60 -39.05 -7.94
N SER G 419 68.45 -39.16 -8.59
CA SER G 419 67.99 -40.42 -9.18
C SER G 419 66.96 -40.23 -10.29
N TYR G 420 66.66 -41.32 -10.99
CA TYR G 420 65.61 -41.32 -11.99
C TYR G 420 65.09 -42.73 -12.10
N ALA G 421 63.96 -42.89 -12.78
CA ALA G 421 63.32 -44.20 -12.93
C ALA G 421 63.47 -44.72 -14.36
N GLN G 422 63.76 -46.01 -14.47
CA GLN G 422 63.71 -46.70 -15.75
C GLN G 422 62.65 -47.78 -15.69
N ILE G 423 61.69 -47.72 -16.63
CA ILE G 423 60.57 -48.66 -16.70
C ILE G 423 60.77 -49.53 -17.91
N THR G 424 60.88 -50.83 -17.69
CA THR G 424 61.08 -51.77 -18.76
C THR G 424 59.92 -52.75 -18.78
N VAL G 425 59.13 -52.74 -19.85
CA VAL G 425 57.92 -53.56 -19.90
C VAL G 425 57.99 -54.62 -21.00
N GLN G 426 57.76 -55.87 -20.63
CA GLN G 426 57.74 -56.95 -21.62
C GLN G 426 56.70 -56.62 -22.68
N CYS G 427 57.03 -56.96 -23.92
CA CYS G 427 56.16 -56.75 -25.07
C CYS G 427 54.90 -57.61 -24.89
N PRO G 428 53.73 -57.02 -25.18
CA PRO G 428 52.48 -57.72 -24.91
C PRO G 428 52.32 -58.92 -25.82
N ASP G 429 51.87 -60.05 -25.25
CA ASP G 429 51.74 -61.29 -25.96
C ASP G 429 50.42 -61.97 -25.58
N LEU G 430 49.51 -62.06 -26.54
CA LEU G 430 48.21 -62.70 -26.36
C LEU G 430 48.38 -64.19 -26.04
N GLU G 431 49.52 -64.75 -26.48
CA GLU G 431 49.84 -66.17 -26.33
C GLU G 431 50.44 -66.53 -24.95
N ASP G 432 51.18 -65.58 -24.38
CA ASP G 432 51.90 -65.73 -23.09
C ASP G 432 51.04 -65.95 -21.82
N GLY G 433 49.74 -65.71 -21.91
CA GLY G 433 48.86 -65.78 -20.75
C GLY G 433 48.86 -64.51 -19.91
N LYS G 434 49.95 -63.75 -19.94
CA LYS G 434 50.12 -62.65 -19.01
C LYS G 434 49.06 -61.53 -19.14
N LEU G 435 48.34 -61.54 -20.27
CA LEU G 435 47.21 -60.63 -20.48
C LEU G 435 45.94 -61.38 -20.16
N THR G 436 44.96 -60.68 -19.62
CA THR G 436 43.75 -61.30 -19.11
C THR G 436 42.57 -61.04 -20.05
N LEU G 437 41.98 -62.13 -20.51
CA LEU G 437 40.78 -62.02 -21.31
C LEU G 437 39.59 -61.65 -20.42
N VAL G 438 38.98 -60.49 -20.71
CA VAL G 438 37.80 -60.04 -20.01
C VAL G 438 36.59 -60.58 -20.74
N GLU G 439 35.70 -61.26 -20.02
CA GLU G 439 34.57 -61.94 -20.65
C GLU G 439 33.47 -60.95 -21.08
N GLY G 440 32.93 -61.20 -22.28
CA GLY G 440 31.91 -60.35 -22.92
C GLY G 440 31.79 -60.71 -24.39
N GLU G 441 30.72 -60.26 -25.06
CA GLU G 441 30.53 -60.52 -26.51
C GLU G 441 31.70 -59.94 -27.31
N GLU G 442 32.14 -58.75 -26.91
CA GLU G 442 33.29 -58.09 -27.54
C GLU G 442 34.60 -58.30 -26.71
N PRO G 443 35.50 -59.17 -27.21
CA PRO G 443 36.68 -59.63 -26.47
C PRO G 443 37.73 -58.54 -26.25
N VAL G 444 38.03 -58.23 -24.98
CA VAL G 444 39.05 -57.25 -24.63
C VAL G 444 40.00 -57.81 -23.57
N TYR G 445 41.14 -57.15 -23.38
CA TYR G 445 42.21 -57.68 -22.53
C TYR G 445 42.70 -56.66 -21.52
N LEU G 446 42.82 -57.09 -20.26
CA LEU G 446 43.47 -56.27 -19.27
C LEU G 446 44.98 -56.32 -19.53
N HIS G 447 45.57 -55.16 -19.69
CA HIS G 447 47.04 -55.03 -19.66
C HIS G 447 47.31 -55.47 -18.26
N ASN G 448 48.41 -56.14 -18.00
CA ASN G 448 48.69 -56.48 -16.62
C ASN G 448 50.06 -55.96 -16.43
N VAL G 449 50.16 -54.66 -16.46
CA VAL G 449 51.44 -54.03 -16.60
C VAL G 449 52.31 -54.41 -15.41
N TRP G 450 51.69 -54.45 -14.23
CA TRP G 450 52.40 -54.85 -13.02
C TRP G 450 53.06 -56.22 -13.14
N LYS G 451 52.44 -57.13 -13.91
CA LYS G 451 53.02 -58.44 -14.14
C LYS G 451 54.18 -58.38 -15.14
N ARG G 452 54.21 -57.36 -15.98
CA ARG G 452 55.15 -57.33 -17.12
C ARG G 452 56.21 -56.24 -17.00
N ALA G 453 56.08 -55.36 -16.00
CA ALA G 453 56.94 -54.19 -15.93
C ALA G 453 58.00 -54.38 -14.88
N ARG G 454 59.21 -53.92 -15.15
CA ARG G 454 60.26 -53.81 -14.17
C ARG G 454 60.68 -52.36 -14.03
N VAL G 455 60.68 -51.83 -12.80
CA VAL G 455 61.14 -50.45 -12.55
C VAL G 455 62.43 -50.42 -11.75
N ASP G 456 63.47 -49.83 -12.31
CA ASP G 456 64.74 -49.66 -11.61
C ASP G 456 64.91 -48.20 -11.24
N LEU G 457 65.37 -47.95 -10.03
CA LEU G 457 65.63 -46.59 -9.55
C LEU G 457 67.13 -46.40 -9.57
N ILE G 458 67.59 -45.52 -10.45
CA ILE G 458 68.99 -45.47 -10.80
C ILE G 458 69.61 -44.17 -10.33
N ALA G 459 70.80 -44.26 -9.76
CA ALA G 459 71.59 -43.08 -9.39
C ALA G 459 71.91 -42.28 -10.65
N SER G 460 71.57 -40.99 -10.67
CA SER G 460 71.62 -40.25 -11.89
C SER G 460 73.08 -39.87 -12.12
N UNK H 1 29.14 5.03 -18.30
CA UNK H 1 28.82 5.39 -19.73
C UNK H 1 27.82 6.59 -19.79
N UNK H 2 28.35 7.76 -20.11
CA UNK H 2 27.55 8.97 -20.26
C UNK H 2 27.52 9.42 -21.75
N UNK H 3 26.51 10.14 -22.20
CA UNK H 3 26.57 10.74 -23.55
C UNK H 3 26.16 12.22 -23.45
N ASP I 11 42.99 5.22 -11.03
CA ASP I 11 44.41 4.76 -10.94
C ASP I 11 44.96 5.11 -9.55
N VAL I 12 44.62 6.31 -9.09
CA VAL I 12 44.94 6.74 -7.73
C VAL I 12 44.27 5.81 -6.70
N GLU I 13 42.96 5.74 -6.78
CA GLU I 13 42.17 4.91 -5.87
C GLU I 13 42.48 3.45 -6.10
N ARG I 14 42.75 3.12 -7.36
CA ARG I 14 42.94 1.74 -7.80
C ARG I 14 44.08 1.08 -7.02
N PHE I 15 45.16 1.83 -6.78
CA PHE I 15 46.37 1.26 -6.17
C PHE I 15 46.51 1.61 -4.68
N LYS I 16 45.50 2.26 -4.11
CA LYS I 16 45.56 2.66 -2.69
C LYS I 16 45.98 1.52 -1.72
N ASP I 17 45.48 0.29 -1.92
CA ASP I 17 45.79 -0.84 -1.01
C ASP I 17 46.85 -1.82 -1.52
N THR I 18 47.42 -1.58 -2.70
CA THR I 18 48.47 -2.45 -3.25
C THR I 18 49.72 -2.32 -2.40
N VAL I 19 50.63 -3.28 -2.49
CA VAL I 19 51.88 -3.20 -1.74
C VAL I 19 53.09 -2.95 -2.66
N THR I 20 54.14 -2.42 -2.10
CA THR I 20 55.29 -2.02 -2.90
C THR I 20 56.03 -3.22 -3.47
N LEU I 21 56.74 -3.00 -4.58
CA LEU I 21 57.69 -3.97 -5.12
C LEU I 21 58.99 -3.80 -4.37
N GLU I 22 59.42 -4.83 -3.66
CA GLU I 22 60.62 -4.74 -2.87
C GLU I 22 61.73 -5.41 -3.67
N LEU I 23 62.83 -4.71 -3.90
CA LEU I 23 63.99 -5.28 -4.59
C LEU I 23 65.13 -5.38 -3.60
N SER I 24 65.98 -6.36 -3.83
CA SER I 24 67.15 -6.57 -3.01
C SER I 24 68.39 -6.38 -3.91
N CYS I 25 69.41 -5.71 -3.39
CA CYS I 25 70.61 -5.44 -4.19
C CYS I 25 71.46 -6.70 -4.30
N PRO I 26 71.78 -7.12 -5.52
CA PRO I 26 72.61 -8.32 -5.68
C PRO I 26 74.05 -8.26 -5.08
N SER I 27 74.68 -7.09 -5.00
CA SER I 27 76.01 -6.99 -4.36
C SER I 27 75.89 -7.00 -2.85
N CYS I 28 75.15 -6.03 -2.31
CA CYS I 28 75.25 -5.65 -0.92
C CYS I 28 74.05 -6.09 -0.08
N ASP I 29 72.98 -6.53 -0.73
CA ASP I 29 71.80 -7.14 -0.07
C ASP I 29 70.81 -6.16 0.59
N LYS I 30 71.06 -4.85 0.49
CA LYS I 30 70.11 -3.87 1.02
C LYS I 30 68.78 -3.96 0.26
N ARG I 31 67.70 -3.95 1.03
CA ARG I 31 66.36 -4.11 0.49
C ARG I 31 65.67 -2.77 0.42
N PHE I 32 64.91 -2.52 -0.65
CA PHE I 32 64.23 -1.23 -0.81
C PHE I 32 63.06 -1.32 -1.79
N PRO I 33 62.04 -0.46 -1.60
CA PRO I 33 60.91 -0.47 -2.52
C PRO I 33 61.27 0.23 -3.82
N PHE I 34 60.81 -0.27 -4.95
CA PHE I 34 61.11 0.39 -6.21
C PHE I 34 59.86 1.09 -6.72
N GLY I 35 59.93 2.41 -6.84
CA GLY I 35 58.79 3.23 -7.22
C GLY I 35 58.88 3.85 -8.60
N GLY I 36 59.63 3.22 -9.50
CA GLY I 36 59.82 3.77 -10.84
C GLY I 36 60.91 4.84 -10.87
N ILE I 37 60.93 5.62 -11.95
CA ILE I 37 61.95 6.67 -12.11
C ILE I 37 61.53 7.89 -11.27
N VAL I 38 61.68 7.72 -9.96
CA VAL I 38 61.38 8.76 -9.02
C VAL I 38 62.49 8.78 -8.00
N SER I 39 62.54 9.83 -7.21
CA SER I 39 63.59 9.97 -6.21
C SER I 39 63.46 8.95 -5.08
N SER I 40 64.60 8.59 -4.52
CA SER I 40 64.69 7.68 -3.40
C SER I 40 66.06 7.78 -2.79
N ASN I 41 66.11 7.61 -1.48
CA ASN I 41 67.38 7.58 -0.78
C ASN I 41 68.13 6.26 -0.98
N TYR I 42 67.47 5.29 -1.61
CA TYR I 42 68.04 3.93 -1.71
C TYR I 42 68.47 3.50 -3.11
N TYR I 43 67.91 4.11 -4.13
CA TYR I 43 68.26 3.75 -5.49
C TYR I 43 68.20 4.98 -6.39
N ARG I 44 68.74 4.79 -7.58
CA ARG I 44 68.77 5.82 -8.58
C ARG I 44 68.58 5.08 -9.89
N VAL I 45 67.83 5.67 -10.81
CA VAL I 45 67.88 5.21 -12.19
C VAL I 45 68.76 6.23 -12.92
N SER I 46 69.96 5.78 -13.25
CA SER I 46 70.94 6.64 -13.89
C SER I 46 70.86 6.37 -15.39
N TYR I 47 71.77 7.02 -16.13
CA TYR I 47 71.82 6.91 -17.58
C TYR I 47 72.21 5.52 -18.07
N ASN I 48 72.80 4.70 -17.21
CA ASN I 48 73.18 3.32 -17.57
C ASN I 48 72.43 2.24 -16.80
N GLY I 49 71.34 2.61 -16.12
CA GLY I 49 70.47 1.65 -15.45
C GLY I 49 70.13 1.96 -14.01
N LEU I 50 69.47 0.98 -13.38
CA LEU I 50 69.08 1.01 -11.99
C LEU I 50 70.29 0.83 -11.10
N GLN I 51 70.54 1.81 -10.25
CA GLN I 51 71.73 1.81 -9.42
C GLN I 51 71.37 1.82 -7.94
N CYS I 52 72.06 0.98 -7.18
CA CYS I 52 71.89 0.95 -5.74
C CYS I 52 72.78 2.02 -5.08
N LYS I 53 72.19 2.85 -4.22
CA LYS I 53 72.90 3.99 -3.63
C LYS I 53 73.83 3.61 -2.48
N HIS I 54 73.58 2.46 -1.83
CA HIS I 54 74.43 2.00 -0.72
C HIS I 54 75.83 1.64 -1.20
N CYS I 55 75.89 0.87 -2.30
CA CYS I 55 77.18 0.35 -2.82
C CYS I 55 77.52 0.74 -4.28
N GLU I 56 76.64 1.54 -4.90
CA GLU I 56 76.82 2.06 -6.25
C GLU I 56 76.82 1.01 -7.37
N GLN I 57 76.51 -0.25 -7.06
CA GLN I 57 76.46 -1.28 -8.09
C GLN I 57 75.18 -1.21 -8.94
N LEU I 58 75.34 -1.46 -10.23
CA LEU I 58 74.23 -1.42 -11.19
C LEU I 58 73.58 -2.77 -11.23
N PHE I 59 72.25 -2.80 -11.28
CA PHE I 59 71.49 -4.03 -11.52
C PHE I 59 71.67 -4.40 -12.96
N THR I 60 71.77 -5.69 -13.27
CA THR I 60 71.61 -6.15 -14.64
C THR I 60 70.11 -6.34 -14.85
N PRO I 61 69.66 -6.37 -16.12
CA PRO I 61 68.25 -6.63 -16.38
C PRO I 61 67.71 -7.91 -15.74
N LEU I 62 68.49 -9.00 -15.81
CA LEU I 62 68.08 -10.27 -15.20
C LEU I 62 67.97 -10.17 -13.70
N GLN I 63 68.88 -9.41 -13.08
CA GLN I 63 68.80 -9.18 -11.65
C GLN I 63 67.52 -8.43 -11.23
N LEU I 64 67.01 -7.58 -12.11
CA LEU I 64 65.78 -6.86 -11.81
C LEU I 64 64.58 -7.74 -12.06
N THR I 65 64.56 -8.40 -13.23
CA THR I 65 63.37 -9.06 -13.69
C THR I 65 63.08 -10.33 -12.94
N SER I 66 64.12 -11.00 -12.47
CA SER I 66 63.91 -12.23 -11.71
C SER I 66 63.22 -11.88 -10.42
N GLN I 67 63.49 -10.69 -9.90
CA GLN I 67 62.85 -10.25 -8.66
C GLN I 67 61.43 -9.78 -8.91
N ILE I 68 61.17 -9.10 -10.02
CA ILE I 68 59.80 -8.75 -10.39
C ILE I 68 58.98 -10.02 -10.45
N GLU I 69 59.48 -10.99 -11.19
CA GLU I 69 58.77 -12.26 -11.41
C GLU I 69 58.58 -13.04 -10.09
N HIS I 70 59.61 -13.06 -9.23
CA HIS I 70 59.48 -13.71 -7.92
C HIS I 70 58.40 -13.05 -7.05
N SER I 71 58.31 -11.73 -7.05
CA SER I 71 57.27 -11.07 -6.28
C SER I 71 55.90 -11.42 -6.81
N ILE I 72 55.75 -11.34 -8.14
CA ILE I 72 54.47 -11.62 -8.76
C ILE I 72 54.04 -13.02 -8.35
N ARG I 73 54.95 -13.97 -8.43
CA ARG I 73 54.62 -15.36 -8.13
C ARG I 73 54.31 -15.58 -6.67
N ALA I 74 54.91 -14.80 -5.79
CA ALA I 74 54.59 -14.89 -4.37
C ALA I 74 53.16 -14.42 -4.16
N HIS I 75 52.81 -13.29 -4.79
CA HIS I 75 51.46 -12.80 -4.73
C HIS I 75 50.48 -13.83 -5.30
N ILE I 76 50.81 -14.44 -6.44
CA ILE I 76 49.89 -15.37 -7.09
C ILE I 76 49.72 -16.60 -6.21
N SER I 77 50.77 -16.98 -5.52
CA SER I 77 50.72 -18.13 -4.63
C SER I 77 49.87 -17.86 -3.40
N LEU I 78 50.03 -16.67 -2.83
CA LEU I 78 49.21 -16.30 -1.68
C LEU I 78 47.72 -16.33 -2.09
N TYR I 79 47.44 -15.79 -3.28
CA TYR I 79 46.09 -15.75 -3.84
C TYR I 79 45.48 -17.13 -3.95
N TYR I 80 46.22 -18.11 -4.46
CA TYR I 80 45.71 -19.49 -4.51
C TYR I 80 45.72 -20.27 -3.15
N ALA I 81 46.24 -19.67 -2.09
CA ALA I 81 46.12 -20.28 -0.78
C ALA I 81 44.63 -20.32 -0.44
N GLY I 82 43.89 -19.36 -0.94
CA GLY I 82 42.45 -19.39 -0.87
C GLY I 82 41.90 -19.07 0.49
N TRP I 83 42.57 -18.17 1.21
CA TRP I 83 42.08 -17.73 2.50
C TRP I 83 40.75 -17.01 2.28
N LEU I 84 39.81 -17.23 3.20
CA LEU I 84 38.48 -16.62 3.16
C LEU I 84 38.28 -15.82 4.43
N GLN I 85 37.48 -14.77 4.33
CA GLN I 85 37.14 -13.96 5.50
C GLN I 85 35.64 -13.68 5.60
N CYS I 86 35.13 -13.59 6.82
CA CYS I 86 33.72 -13.31 7.07
C CYS I 86 33.43 -11.80 7.22
N ASP I 87 32.51 -11.32 6.38
CA ASP I 87 31.80 -10.04 6.50
C ASP I 87 31.49 -9.49 7.89
N ASP I 88 30.95 -10.33 8.74
CA ASP I 88 30.33 -9.88 9.97
C ASP I 88 31.42 -9.37 10.91
N SER I 89 31.32 -8.09 11.25
CA SER I 89 32.32 -7.41 12.07
C SER I 89 32.45 -8.04 13.47
N THR I 90 31.36 -8.59 14.01
CA THR I 90 31.40 -9.32 15.26
C THR I 90 31.75 -10.82 15.09
N CYS I 91 32.43 -11.19 14.00
CA CYS I 91 32.85 -12.58 13.77
C CYS I 91 34.22 -12.59 13.11
N GLY I 92 34.28 -12.24 11.82
CA GLY I 92 35.54 -11.92 11.14
C GLY I 92 36.52 -13.05 10.87
N ILE I 93 36.12 -14.29 11.15
CA ILE I 93 37.04 -15.42 11.08
C ILE I 93 37.69 -15.55 9.71
N VAL I 94 38.95 -15.95 9.72
CA VAL I 94 39.68 -16.25 8.51
C VAL I 94 40.00 -17.74 8.52
N THR I 95 39.77 -18.39 7.38
CA THR I 95 39.91 -19.83 7.29
C THR I 95 40.14 -20.18 5.84
N ARG I 96 40.67 -21.37 5.59
CA ARG I 96 40.74 -21.88 4.22
C ARG I 96 39.66 -22.91 3.94
N GLN I 97 38.88 -23.27 4.95
CA GLN I 97 37.81 -24.23 4.77
C GLN I 97 36.72 -23.55 3.97
N VAL I 98 36.09 -24.29 3.06
CA VAL I 98 35.05 -23.74 2.18
C VAL I 98 33.85 -24.64 2.28
N SER I 99 32.73 -24.09 2.72
CA SER I 99 31.51 -24.85 2.78
C SER I 99 31.00 -25.17 1.38
N VAL I 100 30.40 -26.35 1.22
CA VAL I 100 29.74 -26.64 -0.04
C VAL I 100 28.70 -25.56 -0.37
N PHE I 101 28.18 -24.81 0.61
CA PHE I 101 27.55 -23.49 0.32
C PHE I 101 28.58 -22.40 0.56
N GLY I 102 29.32 -22.06 -0.48
CA GLY I 102 30.55 -21.26 -0.38
C GLY I 102 30.50 -19.97 0.44
N LYS I 103 29.41 -19.23 0.29
CA LYS I 103 29.30 -17.93 0.95
C LYS I 103 28.92 -18.06 2.41
N ARG I 104 28.57 -19.26 2.84
CA ARG I 104 28.11 -19.46 4.20
C ARG I 104 29.26 -19.60 5.19
N CYS I 105 29.14 -18.86 6.28
CA CYS I 105 30.13 -18.87 7.32
C CYS I 105 30.05 -20.16 8.15
N LEU I 106 31.21 -20.69 8.50
CA LEU I 106 31.26 -21.96 9.22
C LEU I 106 31.08 -21.83 10.73
N ASN I 107 31.00 -20.60 11.26
CA ASN I 107 30.66 -20.34 12.70
C ASN I 107 29.19 -20.59 13.03
N ASP I 108 28.90 -21.54 13.92
CA ASP I 108 27.51 -21.88 14.23
C ASP I 108 26.58 -20.64 14.22
N GLY I 109 25.70 -20.59 13.22
CA GLY I 109 24.61 -19.59 13.18
C GLY I 109 25.01 -18.18 12.78
N CYS I 110 26.24 -17.99 12.34
CA CYS I 110 26.69 -16.69 11.89
C CYS I 110 26.07 -16.41 10.52
N THR I 111 25.53 -15.20 10.34
CA THR I 111 24.82 -14.87 9.11
C THR I 111 25.69 -14.04 8.15
N GLY I 112 26.98 -13.93 8.43
CA GLY I 112 27.89 -13.17 7.59
C GLY I 112 28.18 -13.89 6.28
N VAL I 113 28.72 -13.14 5.32
CA VAL I 113 29.06 -13.64 4.01
C VAL I 113 30.56 -13.87 3.89
N MET I 114 30.96 -15.00 3.35
CA MET I 114 32.38 -15.27 3.18
C MET I 114 32.89 -14.74 1.82
N ARG I 115 34.08 -14.17 1.84
CA ARG I 115 34.73 -13.65 0.62
C ARG I 115 36.19 -14.06 0.65
N TYR I 116 36.72 -14.45 -0.52
CA TYR I 116 38.16 -14.59 -0.66
C TYR I 116 38.85 -13.34 -0.12
N LYS I 117 39.78 -13.56 0.78
CA LYS I 117 40.55 -12.50 1.40
C LYS I 117 41.51 -11.78 0.44
N TYR I 118 42.07 -12.51 -0.52
CA TYR I 118 42.81 -11.89 -1.62
C TYR I 118 41.92 -12.00 -2.86
N SER I 119 41.06 -11.01 -3.07
CA SER I 119 40.12 -11.04 -4.20
C SER I 119 40.86 -10.97 -5.50
N ASP I 120 40.22 -11.43 -6.57
CA ASP I 120 40.90 -11.33 -7.86
C ASP I 120 41.01 -9.86 -8.32
N LYS I 121 40.10 -9.02 -7.85
CA LYS I 121 40.20 -7.59 -8.08
C LYS I 121 41.46 -7.02 -7.43
N GLN I 122 41.80 -7.52 -6.25
CA GLN I 122 43.00 -7.07 -5.55
C GLN I 122 44.28 -7.50 -6.27
N LEU I 123 44.33 -8.76 -6.70
CA LEU I 123 45.50 -9.28 -7.41
C LEU I 123 45.72 -8.58 -8.74
N TYR I 124 44.65 -8.34 -9.48
CA TYR I 124 44.72 -7.65 -10.75
C TYR I 124 45.21 -6.20 -10.55
N ASN I 125 44.68 -5.52 -9.53
CA ASN I 125 45.19 -4.20 -9.13
C ASN I 125 46.68 -4.22 -8.77
N GLN I 126 47.10 -5.26 -8.07
CA GLN I 126 48.45 -5.35 -7.61
C GLN I 126 49.40 -5.54 -8.85
N LEU I 127 48.97 -6.32 -9.82
CA LEU I 127 49.77 -6.50 -11.03
C LEU I 127 49.73 -5.25 -11.91
N LEU I 128 48.59 -4.53 -11.94
CA LEU I 128 48.49 -3.29 -12.71
C LEU I 128 49.42 -2.25 -12.14
N TYR I 129 49.63 -2.34 -10.83
CA TYR I 129 50.48 -1.40 -10.12
C TYR I 129 51.94 -1.65 -10.49
N PHE I 130 52.34 -2.90 -10.41
CA PHE I 130 53.66 -3.31 -10.89
C PHE I 130 53.89 -2.91 -12.33
N ASP I 131 52.90 -3.11 -13.19
CA ASP I 131 52.95 -2.69 -14.58
C ASP I 131 53.20 -1.19 -14.73
N SER I 132 52.51 -0.39 -13.92
CA SER I 132 52.67 1.06 -13.99
C SER I 132 54.12 1.50 -13.70
N LEU I 133 54.80 0.78 -12.81
CA LEU I 133 56.17 1.14 -12.43
C LEU I 133 57.13 1.09 -13.63
N PHE I 134 56.85 0.25 -14.63
CA PHE I 134 57.76 0.12 -15.77
C PHE I 134 57.09 0.66 -17.04
N ASP I 135 56.05 1.48 -16.86
CA ASP I 135 55.31 2.13 -17.96
C ASP I 135 55.97 3.47 -18.23
N CYS I 136 56.60 3.64 -19.39
CA CYS I 136 57.32 4.89 -19.68
C CYS I 136 56.44 6.11 -19.66
N GLU I 137 55.35 6.06 -20.42
CA GLU I 137 54.47 7.20 -20.49
C GLU I 137 54.02 7.66 -19.09
N LYS I 138 53.70 6.70 -18.21
CA LYS I 138 53.27 7.01 -16.85
C LYS I 138 54.40 7.57 -15.99
N ASN I 139 55.60 7.02 -16.14
CA ASN I 139 56.77 7.59 -15.45
C ASN I 139 56.99 9.06 -15.85
N LYS I 140 56.91 9.33 -17.16
CA LYS I 140 57.18 10.67 -17.72
C LYS I 140 56.14 11.68 -17.28
N LYS I 141 54.89 11.29 -17.31
CA LYS I 141 53.80 12.11 -16.79
C LYS I 141 53.79 12.20 -15.25
N GLN I 142 54.69 11.48 -14.57
CA GLN I 142 54.76 11.47 -13.10
C GLN I 142 53.45 11.08 -12.43
N GLU I 143 52.82 10.05 -12.97
CA GLU I 143 51.54 9.61 -12.47
C GLU I 143 51.66 8.37 -11.58
N LEU I 144 52.86 7.99 -11.17
CA LEU I 144 53.01 6.82 -10.33
C LEU I 144 52.66 7.14 -8.88
N LYS I 145 52.22 6.13 -8.16
CA LYS I 145 51.90 6.24 -6.75
C LYS I 145 53.18 6.39 -5.94
N PRO I 146 53.33 7.50 -5.21
CA PRO I 146 54.52 7.73 -4.42
C PRO I 146 54.70 6.73 -3.27
N ILE I 147 55.94 6.28 -3.08
CA ILE I 147 56.33 5.45 -1.96
C ILE I 147 56.58 6.30 -0.72
N TYR I 148 56.92 7.57 -0.92
CA TYR I 148 57.40 8.44 0.13
C TYR I 148 56.65 9.77 0.15
N LEU I 149 56.01 10.09 1.27
CA LEU I 149 55.27 11.35 1.43
C LEU I 149 56.11 12.35 2.23
N PRO I 150 55.84 13.66 2.08
CA PRO I 150 56.70 14.70 2.68
C PRO I 150 57.07 14.50 4.17
N ASP I 151 56.10 14.09 4.97
CA ASP I 151 56.31 13.82 6.40
C ASP I 151 56.80 12.38 6.68
N ASP I 152 57.20 11.65 5.64
CA ASP I 152 57.86 10.37 5.87
C ASP I 152 59.22 10.69 6.43
N LEU I 153 59.61 10.01 7.51
CA LEU I 153 60.88 10.29 8.18
C LEU I 153 62.06 9.92 7.27
N ASP I 154 61.74 9.35 6.10
CA ASP I 154 62.71 8.92 5.10
C ASP I 154 62.63 9.73 3.77
N TYR I 155 61.90 10.85 3.79
CA TYR I 155 61.55 11.55 2.54
C TYR I 155 62.77 12.12 1.79
N PRO I 156 62.83 11.92 0.46
CA PRO I 156 63.93 12.49 -0.31
C PRO I 156 63.91 14.02 -0.38
N LYS I 157 65.03 14.62 0.03
CA LYS I 157 65.27 16.07 -0.10
C LYS I 157 64.95 16.58 -1.50
N GLU I 158 65.53 15.89 -2.47
CA GLU I 158 65.50 16.29 -3.87
C GLU I 158 64.48 15.47 -4.65
N GLN I 159 63.88 16.09 -5.67
CA GLN I 159 62.95 15.43 -6.59
C GLN I 159 63.47 15.60 -8.03
N LEU I 160 63.36 14.57 -8.85
CA LEU I 160 63.62 14.72 -10.28
C LEU I 160 62.72 15.82 -10.86
N THR I 161 63.23 16.59 -11.81
CA THR I 161 62.35 17.47 -12.59
C THR I 161 61.69 16.62 -13.65
N GLU I 162 60.71 17.21 -14.33
CA GLU I 162 60.10 16.62 -15.52
C GLU I 162 61.09 16.38 -16.68
N SER I 163 61.95 17.36 -16.98
CA SER I 163 62.97 17.19 -18.02
C SER I 163 63.83 15.96 -17.75
N SER I 164 64.16 15.77 -16.47
CA SER I 164 65.05 14.69 -16.04
C SER I 164 64.43 13.32 -16.32
N ILE I 165 63.15 13.17 -15.97
CA ILE I 165 62.42 11.91 -16.12
C ILE I 165 62.21 11.54 -17.60
N LYS I 166 62.04 12.53 -18.47
CA LYS I 166 62.01 12.29 -19.94
C LYS I 166 63.29 11.63 -20.39
N ALA I 167 64.41 12.27 -20.08
CA ALA I 167 65.72 11.80 -20.54
C ALA I 167 66.04 10.44 -19.91
N LEU I 168 65.80 10.30 -18.60
CA LEU I 168 66.09 9.04 -17.91
C LEU I 168 65.18 7.88 -18.42
N THR I 169 63.99 8.24 -18.88
CA THR I 169 63.04 7.23 -19.38
C THR I 169 63.29 6.85 -20.83
N GLU I 170 63.73 7.78 -21.67
CA GLU I 170 64.04 7.43 -23.03
C GLU I 170 65.32 6.62 -23.10
N GLN I 171 66.20 6.84 -22.13
CA GLN I 171 67.50 6.18 -22.08
C GLN I 171 67.48 4.83 -21.42
N ASN I 172 66.57 4.62 -20.46
CA ASN I 172 66.40 3.29 -19.84
C ASN I 172 65.21 2.56 -20.39
N ARG I 173 64.69 3.03 -21.52
CA ARG I 173 63.51 2.45 -22.18
C ARG I 173 63.54 0.91 -22.33
N GLU I 174 64.68 0.36 -22.76
CA GLU I 174 64.79 -1.09 -22.98
C GLU I 174 64.57 -1.83 -21.68
N LEU I 175 65.34 -1.44 -20.65
CA LEU I 175 65.19 -1.97 -19.30
C LEU I 175 63.74 -1.84 -18.83
N MET I 176 63.15 -0.66 -19.04
CA MET I 176 61.77 -0.47 -18.64
C MET I 176 60.85 -1.44 -19.36
N GLU I 177 61.07 -1.62 -20.67
CA GLU I 177 60.13 -2.45 -21.46
C GLU I 177 60.22 -3.91 -21.12
N THR I 178 61.44 -4.33 -20.76
CA THR I 178 61.67 -5.72 -20.40
C THR I 178 61.13 -5.94 -18.96
N GLY I 179 61.34 -5.00 -18.06
CA GLY I 179 60.67 -5.04 -16.74
C GLY I 179 59.16 -5.24 -16.88
N ARG I 180 58.55 -4.44 -17.73
CA ARG I 180 57.14 -4.51 -18.02
C ARG I 180 56.70 -5.82 -18.68
N SER I 181 57.48 -6.32 -19.63
CA SER I 181 57.16 -7.63 -20.26
C SER I 181 56.89 -8.73 -19.23
N VAL I 182 57.68 -8.76 -18.17
CA VAL I 182 57.54 -9.78 -17.15
C VAL I 182 56.22 -9.63 -16.38
N VAL I 183 55.76 -8.40 -16.15
CA VAL I 183 54.48 -8.22 -15.46
C VAL I 183 53.39 -8.59 -16.43
N GLN I 184 53.59 -8.22 -17.69
CA GLN I 184 52.59 -8.54 -18.72
C GLN I 184 52.41 -10.05 -18.94
N LYS I 185 53.47 -10.82 -18.75
CA LYS I 185 53.38 -12.28 -18.81
C LYS I 185 52.19 -12.76 -18.00
N TYR I 186 51.94 -12.12 -16.88
CA TYR I 186 50.94 -12.53 -15.91
C TYR I 186 49.64 -11.71 -15.96
N LEU I 187 49.67 -10.53 -16.59
CA LEU I 187 48.45 -9.74 -16.79
C LEU I 187 47.65 -10.21 -17.98
N ASN I 188 48.30 -10.70 -19.04
CA ASN I 188 47.54 -11.31 -20.14
C ASN I 188 46.76 -12.54 -19.64
N ASP I 189 47.46 -13.44 -18.93
CA ASP I 189 46.79 -14.62 -18.31
C ASP I 189 45.61 -14.25 -17.37
N CYS I 190 45.72 -13.12 -16.67
CA CYS I 190 44.67 -12.65 -15.73
C CYS I 190 43.69 -11.67 -16.41
N ARG J 3 -31.14 16.57 25.39
CA ARG J 3 -31.47 15.82 24.18
C ARG J 3 -32.08 14.47 24.53
N THR J 4 -33.05 14.04 23.72
CA THR J 4 -33.72 12.77 23.92
C THR J 4 -33.08 11.66 23.08
N MET J 5 -33.76 10.52 22.99
CA MET J 5 -33.27 9.39 22.23
C MET J 5 -33.89 9.35 20.83
N ARG J 6 -33.52 10.36 19.98
CA ARG J 6 -34.14 10.45 18.65
C ARG J 6 -33.03 10.42 17.65
N GLN J 7 -32.98 9.45 16.75
CA GLN J 7 -31.94 9.33 15.70
C GLN J 7 -32.66 9.74 14.42
N ASN J 8 -32.08 10.73 13.73
CA ASN J 8 -32.61 11.41 12.53
C ASN J 8 -31.52 11.35 11.46
N LEU J 9 -31.85 10.68 10.38
CA LEU J 9 -30.91 10.35 9.33
C LEU J 9 -30.36 11.57 8.60
N GLN J 10 -31.23 12.57 8.39
CA GLN J 10 -30.81 13.81 7.75
C GLN J 10 -29.72 14.48 8.57
N GLU J 11 -29.97 14.55 9.86
CA GLU J 11 -29.12 15.21 10.79
C GLU J 11 -27.80 14.49 10.96
N ALA J 12 -27.87 13.17 11.01
CA ALA J 12 -26.64 12.40 11.06
C ALA J 12 -25.84 12.63 9.77
N SER J 13 -26.50 12.61 8.62
CA SER J 13 -25.77 12.84 7.37
C SER J 13 -25.19 14.27 7.32
N ASP J 14 -25.93 15.24 7.87
CA ASP J 14 -25.40 16.61 7.99
C ASP J 14 -24.03 16.64 8.69
N VAL J 15 -23.95 15.90 9.78
CA VAL J 15 -22.74 15.85 10.59
C VAL J 15 -21.61 15.18 9.86
N LEU J 16 -21.89 14.10 9.13
CA LEU J 16 -20.85 13.44 8.35
C LEU J 16 -20.41 14.33 7.13
N ASP J 17 -21.35 15.07 6.55
CA ASP J 17 -20.96 16.01 5.52
C ASP J 17 -20.01 17.03 6.08
N ASP J 18 -20.39 17.62 7.21
N ASP J 18 -20.39 17.62 7.21
CA ASP J 18 -19.64 18.71 7.81
CA ASP J 18 -19.63 18.73 7.77
C ASP J 18 -18.21 18.37 8.18
C ASP J 18 -18.20 18.37 8.17
N GLN J 19 -17.97 17.12 8.56
CA GLN J 19 -16.61 16.72 8.84
C GLN J 19 -15.72 16.87 7.57
N ILE J 20 -16.25 16.52 6.40
CA ILE J 20 -15.47 16.62 5.17
C ILE J 20 -15.25 18.10 4.88
N GLU J 21 -16.32 18.88 4.97
CA GLU J 21 -16.20 20.30 4.64
C GLU J 21 -15.20 21.03 5.54
N SER J 22 -15.17 20.70 6.81
CA SER J 22 -14.38 21.48 7.69
C SER J 22 -12.92 21.09 7.51
N PHE J 23 -12.62 19.82 7.25
CA PHE J 23 -11.25 19.46 6.88
C PHE J 23 -10.83 20.03 5.54
N THR J 24 -11.77 20.21 4.62
CA THR J 24 -11.46 20.81 3.33
C THR J 24 -10.87 22.20 3.59
N LYS J 25 -11.50 22.97 4.45
CA LYS J 25 -11.01 24.30 4.80
C LYS J 25 -9.70 24.26 5.60
N ILE J 26 -9.55 23.32 6.54
CA ILE J 26 -8.25 23.17 7.24
C ILE J 26 -7.09 22.87 6.23
N ILE J 27 -7.34 22.00 5.25
CA ILE J 27 -6.34 21.66 4.24
C ILE J 27 -6.02 22.87 3.38
N GLN J 28 -7.04 23.59 2.97
CA GLN J 28 -6.81 24.79 2.15
C GLN J 28 -5.99 25.88 2.81
N ASN J 29 -6.30 26.17 4.08
CA ASN J 29 -5.53 27.14 4.85
C ASN J 29 -4.10 26.67 5.05
N HIS J 30 -3.91 25.43 5.49
CA HIS J 30 -2.59 24.98 5.89
C HIS J 30 -1.63 24.93 4.71
N TYR J 31 -2.10 24.38 3.59
CA TYR J 31 -1.30 24.22 2.37
C TYR J 31 -1.45 25.38 1.41
N LYS J 32 -2.23 26.39 1.79
CA LYS J 32 -2.38 27.62 1.00
C LYS J 32 -2.84 27.29 -0.40
N LEU J 33 -3.86 26.46 -0.49
CA LEU J 33 -4.44 26.04 -1.77
C LEU J 33 -5.70 26.83 -2.04
N SER J 34 -6.01 27.07 -3.31
CA SER J 34 -7.26 27.74 -3.65
C SER J 34 -8.31 26.67 -3.94
N PRO J 35 -9.58 27.01 -3.71
CA PRO J 35 -10.68 26.03 -3.85
C PRO J 35 -10.85 25.53 -5.28
N ASN J 36 -10.38 26.32 -6.26
CA ASN J 36 -10.30 25.87 -7.64
C ASN J 36 -9.37 24.72 -7.86
N ASP J 37 -8.43 24.51 -6.93
CA ASP J 37 -7.52 23.35 -7.01
C ASP J 37 -8.28 22.03 -6.65
N PHE J 38 -9.42 22.14 -5.99
CA PHE J 38 -10.22 21.00 -5.55
C PHE J 38 -11.29 20.68 -6.56
N ALA J 39 -11.41 19.42 -6.95
CA ALA J 39 -12.41 19.01 -7.91
C ALA J 39 -13.00 17.70 -7.50
N ASP J 40 -13.96 17.25 -8.29
CA ASP J 40 -14.73 16.04 -7.99
C ASP J 40 -13.94 14.79 -8.44
N PRO J 41 -13.46 13.97 -7.52
CA PRO J 41 -12.63 12.80 -7.88
C PRO J 41 -13.44 11.64 -8.38
N THR J 42 -14.75 11.76 -8.38
CA THR J 42 -15.61 10.66 -8.80
C THR J 42 -15.83 10.66 -10.31
N ILE J 43 -15.45 11.75 -11.00
CA ILE J 43 -15.55 11.77 -12.45
C ILE J 43 -14.15 11.90 -13.08
N GLN J 44 -14.13 11.54 -14.37
CA GLN J 44 -12.89 11.57 -15.15
C GLN J 44 -12.39 12.99 -15.31
N SER J 45 -11.08 13.15 -15.20
CA SER J 45 -10.44 14.37 -15.67
C SER J 45 -9.10 14.05 -16.35
N GLN J 46 -8.57 15.00 -17.10
CA GLN J 46 -7.26 14.83 -17.71
C GLN J 46 -6.16 15.25 -16.76
N SER J 47 -6.54 16.12 -15.86
CA SER J 47 -5.62 16.82 -14.97
C SER J 47 -5.67 16.25 -13.58
N GLU J 48 -4.53 16.32 -12.90
CA GLU J 48 -4.42 15.97 -11.50
C GLU J 48 -5.20 17.00 -10.69
N ILE J 49 -5.84 16.53 -9.62
CA ILE J 49 -6.64 17.42 -8.74
C ILE J 49 -6.36 17.17 -7.27
N TYR J 50 -6.76 18.09 -6.43
CA TYR J 50 -6.85 17.81 -4.96
C TYR J 50 -8.22 17.34 -4.60
N ALA J 51 -8.29 16.34 -3.74
CA ALA J 51 -9.60 15.88 -3.22
C ALA J 51 -9.55 15.60 -1.74
N VAL J 52 -10.65 15.85 -1.04
CA VAL J 52 -10.81 15.56 0.40
C VAL J 52 -12.06 14.69 0.59
N GLY J 53 -11.99 13.66 1.42
CA GLY J 53 -13.15 12.82 1.63
C GLY J 53 -12.99 11.89 2.82
N ARG J 54 -13.93 10.96 2.93
CA ARG J 54 -13.94 9.98 4.00
C ARG J 54 -13.62 8.60 3.45
N ILE J 55 -12.74 7.91 4.15
CA ILE J 55 -12.43 6.54 3.83
C ILE J 55 -13.61 5.62 4.17
N VAL J 56 -14.15 4.96 3.14
CA VAL J 56 -15.24 4.02 3.26
C VAL J 56 -14.89 2.70 2.54
N PRO J 57 -15.62 1.62 2.82
CA PRO J 57 -15.37 0.39 2.08
C PRO J 57 -15.92 0.51 0.71
N ASP J 58 -15.40 -0.28 -0.22
CA ASP J 58 -15.88 -0.15 -1.60
C ASP J 58 -17.24 -0.80 -1.87
N SER J 59 -17.72 -1.63 -0.96
CA SER J 59 -19.11 -2.06 -0.97
C SER J 59 -19.76 -1.82 0.41
N PRO J 60 -21.05 -1.44 0.42
CA PRO J 60 -21.78 -1.21 1.69
C PRO J 60 -22.04 -2.45 2.55
N THR J 61 -21.99 -3.62 1.96
CA THR J 61 -22.07 -4.87 2.71
C THR J 61 -20.72 -5.55 2.51
N TYR J 62 -19.77 -5.24 3.38
CA TYR J 62 -18.36 -5.59 3.21
C TYR J 62 -17.87 -6.60 4.20
N ASP J 63 -16.99 -7.45 3.67
CA ASP J 63 -16.10 -8.33 4.43
C ASP J 63 -15.50 -7.65 5.70
N LYS J 64 -15.37 -8.41 6.81
CA LYS J 64 -14.76 -7.88 8.05
C LYS J 64 -13.32 -7.34 7.83
N PHE J 65 -12.58 -7.97 6.88
CA PHE J 65 -11.14 -7.66 6.64
C PHE J 65 -10.87 -6.93 5.30
N LEU J 66 -10.49 -5.66 5.45
CA LEU J 66 -10.27 -4.76 4.35
C LEU J 66 -8.78 -4.72 3.99
N ASN J 67 -8.48 -4.35 2.76
CA ASN J 67 -7.10 -4.16 2.37
C ASN J 67 -6.98 -2.92 1.54
N PRO J 68 -5.77 -2.55 1.11
CA PRO J 68 -5.65 -1.40 0.22
C PRO J 68 -6.35 -1.47 -1.17
N GLU J 69 -6.88 -2.62 -1.57
CA GLU J 69 -7.54 -2.78 -2.87
C GLU J 69 -9.06 -2.69 -2.74
N SER J 70 -9.56 -2.50 -1.53
CA SER J 70 -11.00 -2.57 -1.32
C SER J 70 -11.54 -1.37 -0.56
N LEU J 71 -10.98 -0.19 -0.83
CA LEU J 71 -11.36 1.04 -0.21
C LEU J 71 -11.88 2.03 -1.21
N SER J 72 -12.79 2.92 -0.77
CA SER J 72 -13.27 4.02 -1.59
C SER J 72 -13.19 5.34 -0.82
N LEU J 73 -13.33 6.45 -1.55
CA LEU J 73 -13.37 7.80 -0.97
C LEU J 73 -14.77 8.36 -1.18
N GLU J 74 -15.38 8.77 -0.08
CA GLU J 74 -16.68 9.46 -0.09
C GLU J 74 -16.48 10.96 -0.08
N THR J 75 -17.15 11.64 -1.00
CA THR J 75 -17.08 13.06 -1.16
C THR J 75 -18.23 13.78 -0.39
N SER J 76 -18.00 15.07 -0.12
CA SER J 76 -19.02 15.89 0.43
C SER J 76 -20.10 16.10 -0.60
N ARG J 77 -21.23 16.67 -0.13
CA ARG J 77 -22.34 16.98 -1.00
C ARG J 77 -21.94 18.01 -2.04
N MET J 78 -21.15 19.01 -1.68
CA MET J 78 -20.75 20.03 -2.67
C MET J 78 -19.58 19.55 -3.54
N GLY J 79 -18.74 18.72 -2.97
CA GLY J 79 -17.56 18.22 -3.64
C GLY J 79 -17.81 17.26 -4.78
N GLY J 80 -18.69 16.29 -4.59
CA GLY J 80 -18.96 15.29 -5.61
C GLY J 80 -20.32 14.71 -5.50
N VAL J 81 -21.27 15.56 -5.09
CA VAL J 81 -22.68 15.17 -4.91
C VAL J 81 -22.78 13.91 -4.04
N GLY J 82 -21.91 13.80 -3.08
CA GLY J 82 -21.95 12.68 -2.17
C GLY J 82 -21.44 11.35 -2.71
N ARG J 83 -21.02 11.32 -3.99
CA ARG J 83 -20.61 10.06 -4.61
C ARG J 83 -19.36 9.48 -3.98
N ARG J 84 -19.27 8.16 -4.05
CA ARG J 84 -18.09 7.42 -3.58
C ARG J 84 -17.31 6.87 -4.79
N VAL J 85 -15.99 6.91 -4.75
CA VAL J 85 -15.17 6.41 -5.83
C VAL J 85 -14.12 5.48 -5.27
N ARG J 86 -13.95 4.35 -5.93
CA ARG J 86 -12.89 3.42 -5.63
C ARG J 86 -11.51 4.07 -5.71
N LEU J 87 -10.65 3.71 -4.78
CA LEU J 87 -9.30 4.23 -4.71
C LEU J 87 -8.32 3.23 -5.31
N ASP J 88 -7.46 3.75 -6.17
CA ASP J 88 -6.31 3.00 -6.68
C ASP J 88 -5.12 3.54 -5.93
N LEU J 89 -4.62 2.74 -5.00
CA LEU J 89 -3.51 3.13 -4.13
C LEU J 89 -2.16 2.52 -4.57
N SER J 90 -2.09 2.05 -5.81
CA SER J 90 -0.90 1.35 -6.33
C SER J 90 0.34 2.23 -6.40
N GLN J 91 0.16 3.53 -6.60
CA GLN J 91 1.25 4.47 -6.73
C GLN J 91 1.69 5.07 -5.37
N VAL J 92 1.16 4.56 -4.25
CA VAL J 92 1.49 5.07 -2.92
C VAL J 92 2.00 3.92 -2.12
N ASN J 93 3.25 3.93 -1.70
CA ASN J 93 3.84 2.77 -1.08
C ASN J 93 3.82 2.76 0.45
N GLU J 94 3.49 3.90 1.06
CA GLU J 94 3.38 4.01 2.55
C GLU J 94 2.10 4.66 2.97
N LEU J 95 1.26 3.94 3.68
CA LEU J 95 -0.02 4.49 4.13
C LEU J 95 -0.64 3.70 5.28
N SER J 96 -1.44 4.41 6.06
CA SER J 96 -2.28 3.81 7.06
C SER J 96 -3.64 4.46 6.99
N PHE J 97 -4.67 3.69 6.64
CA PHE J 97 -6.03 4.23 6.55
C PHE J 97 -6.97 3.43 7.46
N PHE J 98 -8.11 4.02 7.80
CA PHE J 98 -9.13 3.34 8.60
C PHE J 98 -10.49 3.92 8.26
N LEU J 99 -11.53 3.11 8.49
CA LEU J 99 -12.88 3.46 8.15
C LEU J 99 -13.37 4.66 8.96
N GLY J 100 -13.78 5.73 8.28
CA GLY J 100 -14.23 6.98 8.90
C GLY J 100 -13.18 8.08 8.88
N GLN J 101 -11.95 7.72 8.54
CA GLN J 101 -10.87 8.68 8.43
C GLN J 101 -11.17 9.69 7.34
N ILE J 102 -10.96 10.97 7.63
CA ILE J 102 -11.04 12.04 6.66
C ILE J 102 -9.63 12.22 6.13
N VAL J 103 -9.48 12.24 4.78
CA VAL J 103 -8.16 12.29 4.13
C VAL J 103 -8.16 13.31 3.01
N ALA J 104 -6.95 13.70 2.63
CA ALA J 104 -6.76 14.61 1.52
C ALA J 104 -5.69 14.02 0.55
N PHE J 105 -6.04 14.03 -0.72
CA PHE J 105 -5.19 13.46 -1.74
C PHE J 105 -4.92 14.41 -2.87
N LYS J 106 -3.80 14.21 -3.53
CA LYS J 106 -3.59 14.70 -4.85
C LYS J 106 -3.56 13.50 -5.80
N GLY J 107 -4.32 13.57 -6.87
CA GLY J 107 -4.47 12.43 -7.75
C GLY J 107 -5.38 12.68 -8.94
N LYS J 108 -5.71 11.61 -9.63
CA LYS J 108 -6.42 11.76 -10.91
C LYS J 108 -7.29 10.56 -11.17
N ASN J 109 -8.51 10.81 -11.60
CA ASN J 109 -9.41 9.78 -12.11
C ASN J 109 -9.23 9.71 -13.67
N ALA J 110 -8.40 8.79 -14.14
CA ALA J 110 -7.98 8.76 -15.57
C ALA J 110 -9.12 8.39 -16.48
N ASN J 111 -9.86 7.34 -16.12
CA ASN J 111 -10.84 6.75 -17.02
C ASN J 111 -12.27 6.69 -16.49
N GLY J 112 -12.51 7.18 -15.25
CA GLY J 112 -13.85 7.36 -14.76
C GLY J 112 -14.18 6.41 -13.63
N ASP J 113 -13.50 5.27 -13.56
CA ASP J 113 -13.87 4.22 -12.58
C ASP J 113 -13.07 4.14 -11.28
N TYR J 114 -11.94 4.84 -11.20
CA TYR J 114 -11.05 4.68 -10.07
C TYR J 114 -10.35 6.00 -9.92
N PHE J 115 -10.03 6.37 -8.68
CA PHE J 115 -9.23 7.56 -8.44
C PHE J 115 -7.85 7.12 -8.01
N THR J 116 -6.84 7.48 -8.81
CA THR J 116 -5.47 7.10 -8.53
C THR J 116 -4.87 8.14 -7.60
N VAL J 117 -4.38 7.71 -6.46
CA VAL J 117 -3.73 8.63 -5.55
C VAL J 117 -2.24 8.74 -5.86
N ASN J 118 -1.82 9.96 -6.15
CA ASN J 118 -0.39 10.24 -6.39
C ASN J 118 0.35 10.72 -5.16
N SER J 119 -0.32 11.47 -4.28
CA SER J 119 0.24 11.72 -2.97
C SER J 119 -0.84 11.98 -1.94
N ILE J 120 -0.48 11.73 -0.70
CA ILE J 120 -1.39 11.93 0.43
C ILE J 120 -0.98 13.23 1.07
N LEU J 121 -1.86 14.20 1.18
CA LEU J 121 -1.53 15.41 1.97
C LEU J 121 -1.78 15.12 3.44
N PRO J 122 -0.74 15.08 4.24
CA PRO J 122 -1.04 14.83 5.66
C PRO J 122 -1.92 15.94 6.29
N LEU J 123 -2.93 15.53 7.06
CA LEU J 123 -3.65 16.50 7.88
C LEU J 123 -2.69 17.10 8.93
N PRO J 124 -2.70 18.42 9.09
CA PRO J 124 -1.78 19.04 10.05
C PRO J 124 -2.23 18.81 11.51
N TYR J 125 -1.29 18.68 12.41
CA TYR J 125 -1.58 18.51 13.84
C TYR J 125 -2.16 19.82 14.39
N PRO J 126 -3.15 19.72 15.26
CA PRO J 126 -3.73 20.89 15.88
C PRO J 126 -2.77 21.62 16.74
N ASN J 127 -2.99 22.93 16.86
CA ASN J 127 -2.23 23.77 17.74
C ASN J 127 -2.30 23.34 19.21
N SER J 128 -1.29 23.71 19.97
CA SER J 128 -1.26 23.45 21.38
C SER J 128 -1.72 24.68 22.16
N PRO J 129 -2.33 24.48 23.30
CA PRO J 129 -2.75 25.59 24.14
C PRO J 129 -1.56 26.35 24.74
N VAL J 130 -1.77 27.64 24.97
CA VAL J 130 -0.73 28.50 25.53
C VAL J 130 -1.26 29.23 26.77
N SER J 131 -0.37 29.79 27.58
CA SER J 131 -0.78 30.52 28.78
C SER J 131 0.05 31.78 28.90
N THR J 132 -0.49 32.80 29.56
CA THR J 132 0.29 34.03 29.78
C THR J 132 1.15 33.84 30.99
N SER J 133 2.14 34.70 31.15
CA SER J 133 3.08 34.64 32.28
C SER J 133 2.41 34.81 33.64
N GLN J 134 1.46 35.74 33.75
CA GLN J 134 0.62 35.89 34.95
C GLN J 134 -0.11 34.59 35.32
N GLU J 135 -0.70 33.94 34.33
CA GLU J 135 -1.43 32.70 34.58
C GLU J 135 -0.50 31.64 35.15
N LEU J 136 0.69 31.54 34.56
CA LEU J 136 1.65 30.53 34.95
C LEU J 136 2.22 30.80 36.36
N GLN J 137 2.36 32.08 36.70
CA GLN J 137 2.82 32.45 38.03
C GLN J 137 1.81 32.07 39.12
N GLU J 138 0.53 32.28 38.86
CA GLU J 138 -0.52 31.85 39.80
C GLU J 138 -0.46 30.37 40.02
N PHE J 139 -0.43 29.62 38.92
CA PHE J 139 -0.29 28.18 38.99
C PHE J 139 0.92 27.78 39.80
N GLN J 140 2.02 28.49 39.61
CA GLN J 140 3.22 28.24 40.38
C GLN J 140 2.96 28.48 41.89
N ALA J 141 2.27 29.58 42.24
CA ALA J 141 1.86 29.84 43.64
C ALA J 141 0.92 28.76 44.22
N ASN J 142 -0.07 28.30 43.45
CA ASN J 142 -0.98 27.26 43.94
C ASN J 142 -0.22 26.10 44.54
N LEU J 143 0.82 25.66 43.85
CA LEU J 143 1.50 24.41 44.21
C LEU J 143 2.54 24.61 45.31
N GLU J 144 2.87 25.85 45.62
CA GLU J 144 3.80 26.14 46.72
C GLU J 144 5.15 25.39 46.52
N GLY J 145 5.74 25.60 45.35
CA GLY J 145 6.96 24.90 44.93
C GLY J 145 6.68 23.51 44.33
N SER J 146 6.22 22.60 45.20
CA SER J 146 5.94 21.18 44.86
C SER J 146 5.26 20.89 43.51
N SER J 147 5.30 19.63 43.11
CA SER J 147 4.85 19.26 41.79
C SER J 147 3.40 18.78 41.81
N LEU J 148 2.78 18.75 40.63
CA LEU J 148 1.35 18.44 40.50
C LEU J 148 1.17 16.95 40.36
N LYS J 149 0.22 16.38 41.08
CA LYS J 149 0.00 14.94 41.07
C LYS J 149 -1.42 14.67 40.72
N VAL J 150 -1.61 13.87 39.68
CA VAL J 150 -2.93 13.48 39.24
C VAL J 150 -2.91 11.97 39.15
N ILE J 151 -3.91 11.35 39.73
CA ILE J 151 -4.07 9.90 39.62
C ILE J 151 -5.23 9.59 38.71
N VAL J 152 -5.12 8.54 37.92
CA VAL J 152 -6.19 8.17 36.98
C VAL J 152 -6.47 6.68 37.09
N THR J 153 -7.74 6.34 37.21
CA THR J 153 -8.17 4.95 37.26
C THR J 153 -9.30 4.71 36.32
N CYS J 154 -9.52 3.46 35.98
N CYS J 154 -9.50 3.45 35.98
CA CYS J 154 -10.57 3.11 35.02
CA CYS J 154 -10.53 3.07 35.01
C CYS J 154 -11.21 1.83 35.41
C CYS J 154 -11.21 1.81 35.46
N GLY J 155 -12.53 1.77 35.32
CA GLY J 155 -13.27 0.58 35.68
C GLY J 155 -13.02 -0.54 34.70
N PRO J 156 -13.49 -1.75 34.99
CA PRO J 156 -14.21 -2.20 36.18
C PRO J 156 -13.42 -2.09 37.45
N TYR J 157 -14.14 -1.93 38.56
CA TYR J 157 -13.52 -1.83 39.88
C TYR J 157 -13.75 -3.08 40.72
N PHE J 158 -14.70 -3.92 40.33
CA PHE J 158 -14.79 -5.25 40.91
C PHE J 158 -14.80 -6.36 39.87
N ALA J 159 -14.36 -7.53 40.30
CA ALA J 159 -14.21 -8.72 39.52
C ALA J 159 -15.53 -9.27 38.98
N ASN J 160 -15.41 -10.25 38.08
CA ASN J 160 -16.59 -10.85 37.47
C ASN J 160 -17.35 -11.75 38.41
N ASP J 161 -16.67 -12.35 39.38
CA ASP J 161 -17.31 -13.36 40.19
C ASP J 161 -17.62 -12.95 41.64
N ASN J 162 -17.49 -11.66 41.98
CA ASN J 162 -17.86 -11.15 43.29
C ASN J 162 -18.14 -9.67 43.29
N PHE J 163 -18.36 -9.10 44.48
CA PHE J 163 -18.65 -7.66 44.61
C PHE J 163 -17.69 -6.97 45.57
N SER J 164 -16.46 -7.49 45.60
CA SER J 164 -15.43 -6.95 46.46
C SER J 164 -14.85 -5.70 45.90
N LEU J 165 -14.84 -4.67 46.75
CA LEU J 165 -14.17 -3.40 46.51
C LEU J 165 -12.98 -3.27 47.48
N GLU J 166 -12.50 -4.38 48.00
CA GLU J 166 -11.35 -4.37 48.90
C GLU J 166 -10.12 -3.73 48.25
N LEU J 167 -9.86 -4.06 46.98
CA LEU J 167 -8.69 -3.48 46.28
C LEU J 167 -8.82 -1.95 46.17
N LEU J 168 -10.01 -1.48 45.84
CA LEU J 168 -10.28 -0.06 45.81
C LEU J 168 -10.13 0.59 47.18
N GLN J 169 -10.50 -0.12 48.25
CA GLN J 169 -10.29 0.38 49.62
C GLN J 169 -8.83 0.55 49.95
N GLU J 170 -8.05 -0.48 49.68
CA GLU J 170 -6.56 -0.40 49.82
C GLU J 170 -6.03 0.83 49.05
N PHE J 171 -6.46 0.97 47.79
CA PHE J 171 -6.04 2.06 46.93
C PHE J 171 -6.36 3.41 47.54
N ILE J 172 -7.63 3.61 47.92
CA ILE J 172 -8.06 4.85 48.58
C ILE J 172 -7.26 5.15 49.85
N ASP J 173 -6.88 4.13 50.60
CA ASP J 173 -6.07 4.38 51.77
C ASP J 173 -4.67 4.89 51.39
N SER J 174 -4.15 4.35 50.31
CA SER J 174 -2.85 4.73 49.80
C SER J 174 -2.81 6.16 49.31
N ILE J 175 -3.81 6.55 48.54
CA ILE J 175 -3.82 7.92 48.04
C ILE J 175 -4.12 8.94 49.17
N ASN J 176 -5.01 8.62 50.09
CA ASN J 176 -5.29 9.51 51.23
C ASN J 176 -4.07 9.71 52.14
N ASN J 177 -3.32 8.65 52.43
CA ASN J 177 -2.26 8.76 53.45
C ASN J 177 -0.81 8.68 52.96
N GLU J 178 -0.57 8.39 51.68
CA GLU J 178 0.80 8.32 51.15
C GLU J 178 0.99 9.18 49.92
N VAL J 179 0.24 8.88 48.85
CA VAL J 179 0.47 9.53 47.56
C VAL J 179 0.00 10.99 47.59
N LYS J 180 -1.19 11.22 48.14
CA LYS J 180 -1.71 12.59 48.35
C LYS J 180 -1.67 13.43 47.07
N PRO J 181 -2.41 13.01 46.05
CA PRO J 181 -2.46 13.71 44.80
C PRO J 181 -3.38 14.89 44.89
N HIS J 182 -3.31 15.81 43.96
CA HIS J 182 -4.23 16.92 43.93
C HIS J 182 -5.59 16.58 43.30
N VAL J 183 -5.59 15.71 42.29
CA VAL J 183 -6.80 15.37 41.58
C VAL J 183 -6.78 13.88 41.32
N LEU J 184 -7.95 13.26 41.42
CA LEU J 184 -8.14 11.87 41.03
C LEU J 184 -9.20 11.81 39.94
N ILE J 185 -8.87 11.16 38.82
CA ILE J 185 -9.83 11.03 37.69
C ILE J 185 -10.22 9.58 37.61
N MET J 186 -11.51 9.29 37.74
CA MET J 186 -12.01 7.91 37.72
C MET J 186 -12.96 7.76 36.58
N PHE J 187 -12.65 6.83 35.69
CA PHE J 187 -13.50 6.52 34.55
C PHE J 187 -14.31 5.33 34.92
N GLY J 188 -15.57 5.34 34.53
CA GLY J 188 -16.41 4.15 34.56
C GLY J 188 -15.89 3.09 33.60
N PRO J 189 -16.55 1.91 33.56
CA PRO J 189 -17.82 1.62 34.27
C PRO J 189 -17.63 1.39 35.78
N PHE J 190 -18.61 1.81 36.57
CA PHE J 190 -18.66 1.52 38.01
C PHE J 190 -19.51 0.26 38.24
N ILE J 191 -20.81 0.33 37.96
CA ILE J 191 -21.64 -0.90 37.81
C ILE J 191 -21.82 -1.14 36.30
N ASP J 192 -21.01 -2.06 35.80
CA ASP J 192 -20.99 -2.44 34.40
C ASP J 192 -22.20 -3.28 34.10
N ILE J 193 -23.07 -2.78 33.23
CA ILE J 193 -24.28 -3.50 32.85
C ILE J 193 -23.97 -4.83 32.16
N THR J 194 -22.72 -5.00 31.70
CA THR J 194 -22.31 -6.26 31.04
C THR J 194 -21.56 -7.20 31.96
N HIS J 195 -21.41 -6.82 33.22
CA HIS J 195 -20.86 -7.74 34.22
C HIS J 195 -21.71 -8.97 34.19
N PRO J 196 -21.10 -10.15 34.17
CA PRO J 196 -21.91 -11.37 33.99
C PRO J 196 -22.94 -11.66 35.06
N LEU J 197 -22.67 -11.31 36.30
CA LEU J 197 -23.70 -11.56 37.33
C LEU J 197 -24.83 -10.54 37.20
N ILE J 198 -24.47 -9.29 36.88
CA ILE J 198 -25.47 -8.25 36.62
C ILE J 198 -26.29 -8.65 35.43
N ALA J 199 -25.64 -9.07 34.35
CA ALA J 199 -26.35 -9.43 33.10
C ALA J 199 -27.29 -10.53 33.33
N SER J 200 -26.88 -11.58 34.02
CA SER J 200 -27.78 -12.74 34.21
C SER J 200 -28.82 -12.54 35.31
N GLY J 201 -28.68 -11.49 36.11
CA GLY J 201 -29.53 -11.35 37.29
C GLY J 201 -29.22 -12.27 38.48
N LYS J 202 -28.04 -12.88 38.48
CA LYS J 202 -27.62 -13.73 39.62
C LYS J 202 -27.00 -12.80 40.62
N LEU J 203 -27.83 -12.02 41.29
CA LEU J 203 -27.35 -11.05 42.25
C LEU J 203 -27.75 -11.55 43.66
N PRO J 204 -26.79 -11.54 44.60
CA PRO J 204 -27.04 -12.14 45.89
C PRO J 204 -27.60 -11.19 46.92
N ASN J 205 -28.03 -11.78 48.01
CA ASN J 205 -28.28 -11.01 49.23
C ASN J 205 -26.97 -10.49 49.78
N PHE J 206 -26.96 -9.20 50.13
CA PHE J 206 -25.82 -8.60 50.77
C PHE J 206 -26.01 -8.46 52.30
N PRO J 207 -25.38 -9.35 53.08
CA PRO J 207 -25.60 -9.25 54.50
C PRO J 207 -25.04 -8.01 55.16
N GLN J 208 -24.17 -7.26 54.49
CA GLN J 208 -23.60 -6.03 55.04
C GLN J 208 -24.46 -4.79 54.78
N PHE J 209 -25.62 -4.99 54.15
CA PHE J 209 -26.57 -3.90 53.90
C PHE J 209 -27.83 -4.13 54.71
N LYS J 210 -28.27 -3.13 55.46
CA LYS J 210 -29.46 -3.33 56.26
C LYS J 210 -30.66 -3.57 55.32
N THR J 211 -30.82 -2.70 54.36
CA THR J 211 -31.87 -2.83 53.39
C THR J 211 -31.28 -3.09 52.00
N GLN J 212 -31.70 -4.19 51.39
CA GLN J 212 -31.21 -4.65 50.09
C GLN J 212 -31.58 -3.66 49.03
N PRO J 213 -30.68 -3.45 48.08
CA PRO J 213 -30.99 -2.61 46.96
C PRO J 213 -32.01 -3.29 46.09
N LYS J 214 -32.91 -2.52 45.49
CA LYS J 214 -33.94 -3.11 44.64
C LYS J 214 -33.66 -2.89 43.15
N THR J 215 -32.68 -2.04 42.85
CA THR J 215 -32.37 -1.68 41.49
C THR J 215 -30.87 -1.49 41.39
N LEU J 216 -30.33 -1.44 40.19
CA LEU J 216 -28.89 -1.25 40.04
C LEU J 216 -28.44 0.13 40.49
N ASP J 217 -29.28 1.15 40.34
CA ASP J 217 -28.97 2.48 40.87
C ASP J 217 -28.85 2.41 42.41
N GLU J 218 -29.74 1.68 43.09
CA GLU J 218 -29.60 1.47 44.54
C GLU J 218 -28.38 0.63 44.88
N LEU J 219 -27.99 -0.30 43.99
CA LEU J 219 -26.77 -1.06 44.24
C LEU J 219 -25.56 -0.13 44.26
N PHE J 220 -25.54 0.87 43.35
CA PHE J 220 -24.44 1.84 43.37
C PHE J 220 -24.42 2.60 44.73
N LEU J 221 -25.57 3.10 45.16
CA LEU J 221 -25.64 3.89 46.40
C LEU J 221 -25.16 3.10 47.63
N LYS J 222 -25.41 1.81 47.68
CA LYS J 222 -25.00 1.00 48.80
C LYS J 222 -23.59 0.44 48.72
N LEU J 223 -23.10 0.22 47.51
CA LEU J 223 -21.80 -0.41 47.32
C LEU J 223 -20.68 0.60 47.08
N PHE J 224 -20.91 1.60 46.25
CA PHE J 224 -19.82 2.50 45.87
C PHE J 224 -19.78 3.77 46.67
N THR J 225 -20.93 4.38 46.84
CA THR J 225 -21.01 5.68 47.50
C THR J 225 -20.31 5.68 48.87
N PRO J 226 -20.56 4.69 49.72
CA PRO J 226 -19.85 4.74 51.00
C PRO J 226 -18.34 4.59 50.94
N ILE J 227 -17.83 3.94 49.91
CA ILE J 227 -16.39 3.80 49.75
C ILE J 227 -15.82 5.04 49.09
N LEU J 228 -16.47 5.52 48.05
CA LEU J 228 -16.04 6.76 47.39
C LEU J 228 -16.06 7.98 48.33
N LYS J 229 -17.04 8.08 49.23
CA LYS J 229 -17.08 9.13 50.27
C LYS J 229 -15.83 9.19 51.16
N THR J 230 -15.04 8.12 51.21
CA THR J 230 -13.86 8.09 52.08
C THR J 230 -12.66 8.70 51.40
N ILE J 231 -12.77 9.07 50.12
CA ILE J 231 -11.65 9.77 49.48
C ILE J 231 -11.42 11.09 50.22
N SER J 232 -10.17 11.44 50.50
CA SER J 232 -9.94 12.71 51.19
C SER J 232 -10.62 13.88 50.51
N PRO J 233 -11.20 14.81 51.29
CA PRO J 233 -11.76 16.01 50.68
C PRO J 233 -10.71 16.93 50.07
N HIS J 234 -9.45 16.73 50.42
CA HIS J 234 -8.37 17.48 49.80
C HIS J 234 -8.05 17.03 48.38
N ILE J 235 -8.50 15.82 48.02
CA ILE J 235 -8.32 15.31 46.67
C ILE J 235 -9.56 15.59 45.83
N GLN J 236 -9.46 16.48 44.84
CA GLN J 236 -10.61 16.64 43.97
C GLN J 236 -10.75 15.42 43.04
N THR J 237 -11.97 14.90 42.97
CA THR J 237 -12.21 13.63 42.32
C THR J 237 -13.23 13.84 41.21
N VAL J 238 -12.83 13.48 40.00
CA VAL J 238 -13.64 13.66 38.81
C VAL J 238 -14.09 12.30 38.30
N LEU J 239 -15.40 12.17 38.04
CA LEU J 239 -16.01 10.96 37.52
C LEU J 239 -16.44 11.16 36.08
N ILE J 240 -15.98 10.25 35.23
CA ILE J 240 -16.35 10.23 33.81
C ILE J 240 -16.98 8.87 33.51
N PRO J 241 -18.20 8.88 32.95
CA PRO J 241 -18.88 7.64 32.74
C PRO J 241 -18.41 6.83 31.54
N SER J 242 -18.94 5.62 31.46
CA SER J 242 -18.89 4.78 30.29
C SER J 242 -20.33 4.53 29.81
N THR J 243 -20.49 4.28 28.53
CA THR J 243 -21.83 3.95 28.00
C THR J 243 -22.32 2.60 28.55
N LYS J 244 -21.42 1.82 29.12
CA LYS J 244 -21.78 0.63 29.86
C LYS J 244 -22.19 0.84 31.37
N ASP J 245 -22.10 2.07 31.88
CA ASP J 245 -22.53 2.36 33.28
C ASP J 245 -24.04 2.21 33.45
N ALA J 246 -24.43 1.21 34.23
CA ALA J 246 -25.79 1.06 34.59
C ALA J 246 -26.34 2.35 35.24
N ILE J 247 -25.54 3.07 36.02
CA ILE J 247 -26.00 4.32 36.65
C ILE J 247 -26.28 5.47 35.67
N SER J 248 -25.69 5.46 34.49
CA SER J 248 -26.04 6.46 33.49
C SER J 248 -27.33 6.06 32.78
N ASN J 249 -28.24 7.01 32.56
CA ASN J 249 -29.38 6.76 31.69
C ASN J 249 -29.22 7.32 30.29
N HIS J 250 -27.99 7.53 29.85
N HIS J 250 -27.97 7.64 29.90
CA HIS J 250 -27.69 8.13 28.55
CA HIS J 250 -27.63 8.14 28.56
C HIS J 250 -26.62 7.25 27.95
C HIS J 250 -26.59 7.18 28.05
N ALA J 251 -27.03 6.18 27.29
CA ALA J 251 -26.15 5.09 26.87
C ALA J 251 -25.58 5.24 25.44
N ALA J 252 -25.33 6.49 25.02
CA ALA J 252 -24.68 6.76 23.74
C ALA J 252 -23.48 7.68 23.96
N TYR J 253 -22.43 7.48 23.17
CA TYR J 253 -21.30 8.41 23.08
C TYR J 253 -21.55 9.43 21.97
N PRO J 254 -21.46 10.74 22.27
CA PRO J 254 -21.01 11.34 23.54
C PRO J 254 -22.12 11.27 24.59
N GLN J 255 -21.71 11.17 25.85
CA GLN J 255 -22.58 10.79 26.96
C GLN J 255 -22.57 11.95 27.95
N ALA J 256 -23.76 12.43 28.33
CA ALA J 256 -23.92 13.48 29.35
C ALA J 256 -23.29 13.06 30.68
N SER J 257 -22.89 14.02 31.48
CA SER J 257 -22.31 13.69 32.78
C SER J 257 -23.30 13.02 33.74
N LEU J 258 -22.77 12.26 34.67
CA LEU J 258 -23.58 11.73 35.76
C LEU J 258 -24.04 12.91 36.63
N ILE J 259 -25.10 12.71 37.41
CA ILE J 259 -25.62 13.74 38.30
C ILE J 259 -25.16 13.43 39.71
N ARG J 260 -24.23 14.23 40.20
CA ARG J 260 -23.58 13.97 41.48
C ARG J 260 -24.56 13.77 42.64
N LYS J 261 -25.57 14.62 42.72
CA LYS J 261 -26.55 14.55 43.82
C LYS J 261 -27.23 13.22 43.85
N ALA J 262 -27.53 12.69 42.68
CA ALA J 262 -28.20 11.42 42.56
C ALA J 262 -27.26 10.28 43.00
N LEU J 263 -25.94 10.46 42.89
CA LEU J 263 -24.99 9.47 43.40
C LEU J 263 -24.75 9.61 44.92
N GLN J 264 -25.35 10.67 45.49
CA GLN J 264 -25.19 11.02 46.89
C GLN J 264 -23.74 11.14 47.29
N LEU J 265 -22.95 11.72 46.38
CA LEU J 265 -21.54 12.02 46.60
C LEU J 265 -21.42 13.50 47.02
N PRO J 266 -20.52 13.82 47.96
CA PRO J 266 -20.41 15.17 48.49
C PRO J 266 -19.84 16.21 47.53
N LYS J 267 -20.44 17.40 47.55
CA LYS J 267 -19.98 18.49 46.69
C LYS J 267 -18.60 19.04 47.10
N ARG J 268 -18.15 18.75 48.32
CA ARG J 268 -16.81 19.19 48.77
C ARG J 268 -15.70 18.75 47.81
N ASN J 269 -15.78 17.57 47.20
CA ASN J 269 -14.68 17.14 46.33
C ASN J 269 -14.99 16.29 45.11
N PHE J 270 -16.26 16.15 44.75
CA PHE J 270 -16.63 15.34 43.60
C PHE J 270 -17.18 16.20 42.47
N LYS J 271 -16.64 16.04 41.28
CA LYS J 271 -17.19 16.66 40.07
C LYS J 271 -17.49 15.59 39.07
N CYS J 272 -18.69 15.63 38.52
CA CYS J 272 -19.09 14.70 37.49
C CYS J 272 -18.91 15.35 36.13
N MET J 273 -18.17 14.69 35.23
CA MET J 273 -17.91 15.24 33.89
C MET J 273 -18.53 14.37 32.79
N ALA J 274 -18.71 14.99 31.61
CA ALA J 274 -19.21 14.28 30.43
C ALA J 274 -18.10 13.37 29.85
N ASN J 275 -18.57 12.47 29.00
CA ASN J 275 -17.73 11.56 28.26
C ASN J 275 -17.97 11.85 26.75
N PRO J 276 -17.04 12.52 26.10
CA PRO J 276 -15.76 12.95 26.62
C PRO J 276 -15.83 14.28 27.35
N SER J 277 -14.73 14.68 27.93
CA SER J 277 -14.61 16.03 28.46
C SER J 277 -13.16 16.48 28.41
N SER J 278 -13.00 17.80 28.38
CA SER J 278 -11.70 18.43 28.36
C SER J 278 -11.68 19.46 29.48
N PHE J 279 -10.55 19.60 30.15
CA PHE J 279 -10.48 20.57 31.23
C PHE J 279 -9.03 20.88 31.53
N GLN J 280 -8.78 21.97 32.25
CA GLN J 280 -7.43 22.18 32.73
C GLN J 280 -7.27 21.96 34.22
N ILE J 281 -6.16 21.34 34.58
CA ILE J 281 -5.70 21.28 35.94
C ILE J 281 -4.46 22.15 35.95
N ASN J 282 -4.55 23.30 36.63
CA ASN J 282 -3.61 24.37 36.39
C ASN J 282 -3.52 24.63 34.89
N GLU J 283 -2.31 24.63 34.32
CA GLU J 283 -2.17 24.98 32.93
C GLU J 283 -2.43 23.78 32.03
N ILE J 284 -2.40 22.59 32.61
CA ILE J 284 -2.41 21.37 31.82
C ILE J 284 -3.78 21.07 31.24
N TYR J 285 -3.87 21.08 29.91
CA TYR J 285 -5.12 20.66 29.24
C TYR J 285 -5.22 19.16 29.15
N PHE J 286 -6.31 18.61 29.72
CA PHE J 286 -6.63 17.19 29.62
C PHE J 286 -7.75 16.95 28.59
N GLY J 287 -7.60 15.93 27.75
CA GLY J 287 -8.70 15.49 26.91
C GLY J 287 -9.00 14.05 27.29
N CYS J 288 -10.21 13.80 27.79
CA CYS J 288 -10.60 12.49 28.28
C CYS J 288 -11.79 11.92 27.55
N SER J 289 -11.66 10.68 27.10
CA SER J 289 -12.70 10.05 26.33
C SER J 289 -12.71 8.59 26.68
N ASN J 290 -13.89 8.01 26.82
CA ASN J 290 -14.03 6.66 27.39
C ASN J 290 -14.70 5.67 26.45
N VAL J 291 -14.34 5.74 25.18
CA VAL J 291 -14.64 4.71 24.22
C VAL J 291 -13.27 4.26 23.72
N ASP J 292 -13.09 2.96 23.56
CA ASP J 292 -11.78 2.35 23.36
C ASP J 292 -11.26 2.47 21.88
N THR J 293 -10.83 3.67 21.50
CA THR J 293 -10.31 3.94 20.20
C THR J 293 -9.11 3.02 19.93
N PHE J 294 -8.24 2.90 20.90
CA PHE J 294 -7.02 2.12 20.76
C PHE J 294 -7.24 0.65 20.52
N LYS J 295 -8.35 0.10 20.98
CA LYS J 295 -8.68 -1.27 20.59
C LYS J 295 -9.39 -1.35 19.25
N ASP J 296 -10.24 -0.36 18.97
CA ASP J 296 -11.18 -0.47 17.86
C ASP J 296 -10.62 -0.07 16.50
N LEU J 297 -9.66 0.84 16.46
CA LEU J 297 -9.13 1.35 15.20
C LEU J 297 -8.33 0.30 14.38
N LYS J 298 -8.91 -0.20 13.29
CA LYS J 298 -8.26 -1.22 12.46
C LYS J 298 -7.69 -0.57 11.22
N GLU J 299 -6.37 -0.45 11.22
CA GLU J 299 -5.71 0.23 10.11
C GLU J 299 -5.54 -0.71 8.96
N VAL J 300 -5.71 -0.18 7.78
CA VAL J 300 -5.26 -0.82 6.55
C VAL J 300 -3.89 -0.21 6.22
N ILE J 301 -2.87 -1.05 6.16
CA ILE J 301 -1.50 -0.56 6.08
C ILE J 301 -0.76 -1.03 4.86
N LYS J 302 0.02 -0.14 4.26
CA LYS J 302 1.01 -0.48 3.23
C LYS J 302 2.37 0.11 3.64
N GLY J 303 3.44 -0.64 3.47
CA GLY J 303 4.81 -0.13 3.55
C GLY J 303 5.65 -0.66 4.68
N GLY J 304 6.94 -0.87 4.41
CA GLY J 304 7.88 -1.35 5.44
C GLY J 304 8.04 -0.36 6.58
N THR J 305 8.08 0.93 6.24
CA THR J 305 8.28 1.97 7.23
C THR J 305 7.07 2.08 8.14
N THR J 306 5.89 2.20 7.56
CA THR J 306 4.67 2.27 8.33
C THR J 306 4.52 1.03 9.22
N SER J 307 4.69 -0.15 8.64
CA SER J 307 4.60 -1.41 9.42
C SER J 307 5.54 -1.52 10.60
N SER J 308 6.76 -1.01 10.48
CA SER J 308 7.74 -1.22 11.53
C SER J 308 7.60 -0.23 12.66
N ARG J 309 6.74 0.77 12.51
CA ARG J 309 6.40 1.64 13.60
C ARG J 309 5.52 0.94 14.63
N TYR J 310 5.38 1.56 15.80
CA TYR J 310 4.50 1.02 16.83
C TYR J 310 3.06 1.44 16.57
N ARG J 311 2.16 0.47 16.65
CA ARG J 311 0.75 0.69 16.41
C ARG J 311 0.20 1.82 17.29
N LEU J 312 0.65 1.91 18.54
CA LEU J 312 0.12 2.91 19.45
C LEU J 312 0.47 4.33 19.05
N ASP J 313 1.64 4.49 18.47
CA ASP J 313 2.03 5.79 17.92
C ASP J 313 1.21 6.12 16.70
N ARG J 314 1.03 5.17 15.81
CA ARG J 314 0.23 5.45 14.60
C ARG J 314 -1.19 5.80 14.91
N VAL J 315 -1.80 5.03 15.82
CA VAL J 315 -3.18 5.29 16.24
C VAL J 315 -3.31 6.65 16.93
N SER J 316 -2.33 7.04 17.73
CA SER J 316 -2.38 8.32 18.44
C SER J 316 -2.30 9.49 17.46
N GLU J 317 -1.46 9.33 16.46
CA GLU J 317 -1.33 10.30 15.37
C GLU J 317 -2.62 10.40 14.55
N HIS J 318 -3.29 9.27 14.29
CA HIS J 318 -4.59 9.36 13.63
C HIS J 318 -5.57 10.24 14.42
N ILE J 319 -5.66 10.00 15.74
CA ILE J 319 -6.61 10.73 16.61
C ILE J 319 -6.31 12.23 16.58
N LEU J 320 -5.04 12.58 16.76
CA LEU J 320 -4.64 13.98 16.73
C LEU J 320 -5.00 14.64 15.39
N GLN J 321 -4.71 13.94 14.28
CA GLN J 321 -5.01 14.47 12.96
C GLN J 321 -6.49 14.60 12.73
N GLN J 322 -7.26 13.64 13.22
CA GLN J 322 -8.70 13.69 13.00
C GLN J 322 -9.43 14.67 13.96
N ARG J 323 -8.73 15.14 14.99
CA ARG J 323 -9.27 16.09 15.97
C ARG J 323 -10.56 15.65 16.64
N ARG J 324 -10.70 14.36 16.82
CA ARG J 324 -11.84 13.85 17.52
C ARG J 324 -11.44 12.52 18.20
N TYR J 325 -11.97 12.27 19.39
CA TYR J 325 -11.43 11.22 20.23
C TYR J 325 -11.78 9.82 19.74
N TYR J 326 -12.87 9.66 19.01
CA TYR J 326 -13.24 8.33 18.45
C TYR J 326 -13.65 8.53 16.99
N PRO J 327 -12.66 8.54 16.10
CA PRO J 327 -12.84 8.93 14.70
C PRO J 327 -13.32 7.85 13.76
N ILE J 328 -13.43 6.62 14.29
CA ILE J 328 -13.87 5.45 13.53
C ILE J 328 -15.35 5.58 13.24
N PHE J 329 -15.76 5.38 11.98
CA PHE J 329 -17.16 5.36 11.63
C PHE J 329 -17.39 4.44 10.44
N PRO J 330 -18.42 3.58 10.49
CA PRO J 330 -19.34 3.29 11.61
C PRO J 330 -18.57 2.83 12.84
N GLY J 331 -19.08 3.10 14.03
CA GLY J 331 -18.35 2.73 15.24
C GLY J 331 -18.38 1.23 15.43
N SER J 332 -17.49 0.68 16.25
CA SER J 332 -17.45 -0.81 16.37
C SER J 332 -18.59 -1.34 17.26
N ILE J 333 -18.91 -2.60 17.00
CA ILE J 333 -20.05 -3.35 17.54
C ILE J 333 -19.54 -4.59 18.24
N ARG J 334 -20.11 -4.90 19.43
CA ARG J 334 -19.86 -6.20 20.18
C ARG J 334 -21.05 -7.22 20.15
N THR J 335 -20.84 -8.30 19.40
CA THR J 335 -21.93 -9.07 18.78
C THR J 335 -22.06 -10.54 19.22
N HIS J 361 -26.60 -9.02 20.04
CA HIS J 361 -26.01 -7.73 20.44
C HIS J 361 -25.83 -7.61 22.00
N ILE J 362 -24.73 -6.99 22.40
CA ILE J 362 -24.37 -6.87 23.83
C ILE J 362 -23.97 -5.44 24.20
N SER J 363 -23.10 -4.86 23.38
CA SER J 363 -22.62 -3.50 23.54
C SER J 363 -21.93 -2.88 22.31
N GLY J 364 -21.35 -1.71 22.50
CA GLY J 364 -20.68 -1.00 21.36
C GLY J 364 -20.23 0.43 21.70
N ALA J 365 -19.53 1.06 20.75
CA ALA J 365 -19.26 2.47 20.82
C ALA J 365 -20.60 3.23 20.98
N ASP J 366 -21.67 2.71 20.42
CA ASP J 366 -22.92 3.36 20.58
C ASP J 366 -22.75 4.86 20.28
N LEU J 367 -22.38 5.16 19.04
CA LEU J 367 -22.16 6.54 18.65
C LEU J 367 -23.51 7.15 18.45
N ASP J 368 -23.69 8.37 18.91
CA ASP J 368 -24.89 9.12 18.63
C ASP J 368 -24.51 10.15 17.59
N VAL J 369 -24.68 9.76 16.33
CA VAL J 369 -23.93 10.37 15.22
C VAL J 369 -24.20 11.86 15.16
N SER J 370 -25.43 12.25 15.44
CA SER J 370 -25.82 13.65 15.45
C SER J 370 -25.07 14.54 16.39
N TYR J 371 -24.44 13.96 17.39
CA TYR J 371 -23.67 14.75 18.35
C TYR J 371 -22.18 14.46 18.34
N LEU J 372 -21.66 13.95 17.23
CA LEU J 372 -20.21 13.74 17.15
C LEU J 372 -19.43 15.05 17.21
N GLY J 373 -20.10 16.15 16.88
CA GLY J 373 -19.54 17.46 17.05
C GLY J 373 -18.96 17.73 18.42
N LEU J 374 -19.61 17.20 19.47
CA LEU J 374 -19.16 17.36 20.87
C LEU J 374 -17.94 16.50 21.16
N THR J 375 -17.61 15.56 20.28
CA THR J 375 -16.45 14.67 20.48
C THR J 375 -15.16 15.21 19.82
N GLU J 376 -15.27 16.41 19.23
CA GLU J 376 -14.17 17.08 18.57
C GLU J 376 -13.34 17.83 19.58
N PHE J 377 -12.07 18.06 19.28
CA PHE J 377 -11.20 18.78 20.19
C PHE J 377 -11.73 20.16 20.49
N VAL J 378 -11.95 20.44 21.76
CA VAL J 378 -12.51 21.72 22.18
C VAL J 378 -11.56 22.85 21.78
N GLY J 379 -12.08 23.83 21.04
CA GLY J 379 -11.30 25.01 20.63
C GLY J 379 -10.36 24.78 19.48
N GLY J 380 -10.38 23.58 18.91
CA GLY J 380 -9.41 23.18 17.94
C GLY J 380 -8.04 22.92 18.52
N PHE J 381 -7.90 22.87 19.85
CA PHE J 381 -6.60 22.65 20.48
C PHE J 381 -6.34 21.17 20.68
N SER J 382 -5.10 20.78 20.51
CA SER J 382 -4.72 19.47 20.92
C SER J 382 -4.52 19.47 22.47
N PRO J 383 -4.93 18.41 23.17
CA PRO J 383 -4.67 18.42 24.60
C PRO J 383 -3.21 18.26 24.91
N ASP J 384 -2.79 18.72 26.09
CA ASP J 384 -1.45 18.44 26.63
C ASP J 384 -1.33 16.94 27.05
N ILE J 385 -2.42 16.41 27.60
CA ILE J 385 -2.47 15.03 28.02
C ILE J 385 -3.78 14.47 27.53
N MET J 386 -3.71 13.31 26.89
CA MET J 386 -4.90 12.66 26.33
C MET J 386 -5.06 11.31 26.99
N ILE J 387 -6.25 11.05 27.49
CA ILE J 387 -6.48 9.83 28.21
C ILE J 387 -7.66 9.15 27.60
N ILE J 388 -7.41 7.96 27.08
CA ILE J 388 -8.44 7.19 26.43
C ILE J 388 -8.25 5.75 26.89
N PRO J 389 -8.90 5.37 28.02
CA PRO J 389 -8.74 4.02 28.52
C PRO J 389 -9.06 2.95 27.52
N SER J 390 -8.34 1.84 27.62
CA SER J 390 -8.49 0.73 26.73
C SER J 390 -8.38 -0.59 27.45
N GLU J 391 -8.98 -1.61 26.89
CA GLU J 391 -8.78 -2.94 27.40
C GLU J 391 -7.46 -3.50 27.02
N LEU J 392 -6.71 -2.81 26.16
CA LEU J 392 -5.33 -3.18 25.93
C LEU J 392 -4.48 -2.89 27.16
N GLN J 393 -3.28 -3.46 27.19
CA GLN J 393 -2.34 -3.21 28.24
C GLN J 393 -2.10 -1.72 28.49
N HIS J 394 -1.92 -1.36 29.74
CA HIS J 394 -1.66 0.03 30.12
C HIS J 394 -0.41 0.56 29.43
N PHE J 395 -0.39 1.85 29.12
CA PHE J 395 0.74 2.48 28.47
C PHE J 395 0.71 3.99 28.69
N ALA J 396 1.88 4.61 28.62
CA ALA J 396 2.01 6.07 28.56
C ALA J 396 3.09 6.41 27.54
N ARG J 397 2.76 7.26 26.58
CA ARG J 397 3.66 7.56 25.48
C ARG J 397 3.50 9.01 25.03
N VAL J 398 4.61 9.59 24.60
CA VAL J 398 4.61 10.90 23.96
C VAL J 398 4.59 10.73 22.47
N VAL J 399 3.61 11.37 21.84
CA VAL J 399 3.38 11.32 20.40
C VAL J 399 3.05 12.74 20.00
N GLN J 400 3.87 13.31 19.11
CA GLN J 400 3.68 14.68 18.62
C GLN J 400 3.45 15.65 19.75
N ASN J 401 4.32 15.55 20.74
CA ASN J 401 4.30 16.40 21.93
C ASN J 401 3.01 16.35 22.75
N VAL J 402 2.31 15.23 22.71
CA VAL J 402 1.15 14.99 23.55
C VAL J 402 1.39 13.73 24.38
N VAL J 403 1.10 13.81 25.67
CA VAL J 403 1.24 12.65 26.54
C VAL J 403 -0.04 11.84 26.39
N VAL J 404 0.08 10.61 25.92
CA VAL J 404 -1.07 9.78 25.70
C VAL J 404 -1.03 8.67 26.74
N ILE J 405 -2.14 8.49 27.47
CA ILE J 405 -2.18 7.58 28.63
C ILE J 405 -3.33 6.60 28.58
N ASN J 406 -3.02 5.31 28.72
CA ASN J 406 -4.00 4.30 29.03
C ASN J 406 -3.68 3.70 30.40
N PRO J 407 -4.52 3.99 31.42
CA PRO J 407 -4.18 3.49 32.75
C PRO J 407 -4.46 2.00 32.98
N GLY J 408 -5.23 1.40 32.08
CA GLY J 408 -5.61 0.01 32.22
C GLY J 408 -6.77 -0.14 33.18
N ARG J 409 -7.35 -1.32 33.20
CA ARG J 409 -8.43 -1.64 34.11
C ARG J 409 -7.97 -1.74 35.57
N PHE J 410 -8.73 -1.13 36.47
CA PHE J 410 -8.36 -1.09 37.89
C PHE J 410 -8.23 -2.49 38.48
N ILE J 411 -9.19 -3.37 38.19
CA ILE J 411 -9.10 -4.78 38.59
C ILE J 411 -9.33 -5.64 37.38
N ARG J 412 -8.68 -6.79 37.34
CA ARG J 412 -8.91 -7.76 36.29
C ARG J 412 -10.14 -8.58 36.58
N ALA J 413 -10.69 -9.16 35.51
CA ALA J 413 -11.90 -9.97 35.56
C ALA J 413 -11.78 -11.09 36.56
N THR J 414 -10.61 -11.70 36.61
CA THR J 414 -10.36 -12.81 37.55
C THR J 414 -10.23 -12.37 38.99
N GLY J 415 -10.06 -11.08 39.22
CA GLY J 415 -9.90 -10.55 40.57
C GLY J 415 -8.45 -10.22 40.95
N ASN J 416 -7.50 -10.53 40.07
CA ASN J 416 -6.13 -10.09 40.25
C ASN J 416 -5.99 -8.58 40.07
N ARG J 417 -4.97 -8.02 40.72
CA ARG J 417 -4.51 -6.64 40.54
C ARG J 417 -4.48 -6.19 39.06
N GLY J 418 -5.15 -5.08 38.79
CA GLY J 418 -4.99 -4.36 37.54
C GLY J 418 -3.97 -3.27 37.74
N SER J 419 -4.32 -2.06 37.34
CA SER J 419 -3.33 -0.97 37.36
C SER J 419 -4.03 0.37 37.40
N TYR J 420 -3.22 1.41 37.58
CA TYR J 420 -3.72 2.79 37.45
C TYR J 420 -2.54 3.68 37.06
N ALA J 421 -2.82 4.91 36.68
CA ALA J 421 -1.75 5.83 36.26
C ALA J 421 -1.51 6.89 37.32
N GLN J 422 -0.25 7.22 37.50
CA GLN J 422 0.12 8.36 38.27
C GLN J 422 0.89 9.37 37.41
N ILE J 423 0.41 10.62 37.42
CA ILE J 423 1.00 11.68 36.61
C ILE J 423 1.61 12.69 37.57
N THR J 424 2.90 12.91 37.44
CA THR J 424 3.60 13.87 38.25
C THR J 424 4.26 14.89 37.35
N VAL J 425 3.87 16.15 37.49
CA VAL J 425 4.35 17.20 36.59
C VAL J 425 5.11 18.27 37.36
N GLN J 426 6.33 18.55 36.92
CA GLN J 426 7.13 19.61 37.53
C GLN J 426 6.36 20.91 37.43
N CYS J 427 6.47 21.67 38.49
CA CYS J 427 5.85 22.96 38.62
C CYS J 427 6.36 23.93 37.55
N PRO J 428 5.45 24.68 36.92
CA PRO J 428 5.89 25.49 35.78
C PRO J 428 6.78 26.61 36.26
N ASP J 429 7.83 26.89 35.49
CA ASP J 429 8.85 27.88 35.87
C ASP J 429 9.33 28.66 34.64
N LEU J 430 8.99 29.95 34.60
CA LEU J 430 9.34 30.81 33.47
C LEU J 430 10.86 30.98 33.35
N GLU J 431 11.56 30.72 34.44
CA GLU J 431 13.04 30.88 34.47
C GLU J 431 13.78 29.64 33.98
N ASP J 432 13.17 28.48 34.21
CA ASP J 432 13.70 27.15 33.91
C ASP J 432 14.07 26.86 32.45
N GLY J 433 13.49 27.63 31.53
CA GLY J 433 13.63 27.36 30.11
C GLY J 433 12.63 26.37 29.55
N LYS J 434 12.10 25.47 30.40
CA LYS J 434 11.29 24.32 29.88
C LYS J 434 9.94 24.71 29.28
N LEU J 435 9.52 25.96 29.47
CA LEU J 435 8.37 26.52 28.78
C LEU J 435 8.90 27.32 27.59
N THR J 436 8.32 27.17 26.41
CA THR J 436 8.75 27.93 25.23
C THR J 436 7.90 29.19 25.01
N LEU J 437 8.58 30.32 24.91
CA LEU J 437 7.97 31.61 24.57
C LEU J 437 7.52 31.62 23.10
N VAL J 438 6.22 31.81 22.86
CA VAL J 438 5.71 31.95 21.50
C VAL J 438 5.74 33.43 21.11
N GLU J 439 6.31 33.70 19.94
CA GLU J 439 6.60 35.07 19.48
C GLU J 439 5.35 35.82 18.96
N GLY J 440 5.20 37.07 19.40
CA GLY J 440 4.05 37.90 19.05
C GLY J 440 4.01 39.11 19.95
N GLU J 441 3.13 40.07 19.65
CA GLU J 441 2.98 41.26 20.49
C GLU J 441 2.52 40.93 21.91
N GLU J 442 1.58 39.98 22.00
CA GLU J 442 1.08 39.44 23.25
C GLU J 442 1.88 38.18 23.59
N PRO J 443 2.86 38.27 24.52
CA PRO J 443 3.66 37.11 24.91
C PRO J 443 2.90 35.98 25.66
N VAL J 444 2.96 34.78 25.09
CA VAL J 444 2.33 33.58 25.64
C VAL J 444 3.31 32.42 25.62
N TYR J 445 3.01 31.34 26.35
CA TYR J 445 3.94 30.22 26.51
C TYR J 445 3.30 28.86 26.24
N LEU J 446 4.02 28.04 25.50
CA LEU J 446 3.65 26.64 25.36
C LEU J 446 4.00 25.93 26.66
N HIS J 447 3.00 25.28 27.24
CA HIS J 447 3.22 24.30 28.31
C HIS J 447 4.03 23.26 27.59
N ASN J 448 5.00 22.62 28.21
CA ASN J 448 5.63 21.55 27.43
C ASN J 448 5.47 20.37 28.31
N VAL J 449 4.23 19.92 28.42
CA VAL J 449 3.90 19.03 29.51
C VAL J 449 4.75 17.75 29.36
N TRP J 450 4.94 17.33 28.12
CA TRP J 450 5.75 16.16 27.85
C TRP J 450 7.15 16.29 28.38
N LYS J 451 7.69 17.50 28.45
CA LYS J 451 9.06 17.70 28.95
C LYS J 451 9.09 17.68 30.47
N ARG J 452 7.95 17.90 31.11
CA ARG J 452 7.87 18.13 32.55
C ARG J 452 7.12 17.04 33.30
N ALA J 453 6.46 16.14 32.57
CA ALA J 453 5.55 15.17 33.20
C ALA J 453 6.24 13.83 33.30
N ARG J 454 6.03 13.12 34.39
CA ARG J 454 6.37 11.71 34.47
C ARG J 454 5.12 10.89 34.71
N VAL J 455 4.93 9.81 33.95
CA VAL J 455 3.75 8.95 34.13
C VAL J 455 4.18 7.57 34.55
N ASP J 456 3.76 7.13 35.73
CA ASP J 456 4.05 5.78 36.21
C ASP J 456 2.82 4.94 36.08
N LEU J 457 3.00 3.69 35.70
CA LEU J 457 1.88 2.76 35.63
C LEU J 457 2.08 1.78 36.75
N ILE J 458 1.16 1.85 37.71
CA ILE J 458 1.33 1.20 38.99
C ILE J 458 0.32 0.09 39.21
N ALA J 459 0.79 -1.07 39.65
CA ALA J 459 -0.08 -2.20 40.00
C ALA J 459 -1.00 -1.74 41.16
N SER J 460 -2.29 -2.00 41.02
CA SER J 460 -3.28 -1.28 41.83
C SER J 460 -3.59 -1.77 43.23
N UNK K 1 -65.28 18.14 17.32
CA UNK K 1 -64.09 18.24 16.41
C UNK K 1 -63.22 17.01 16.63
N UNK K 2 -62.68 16.40 15.58
CA UNK K 2 -61.70 15.32 15.75
C UNK K 2 -60.34 15.77 15.22
N UNK K 3 -59.26 15.29 15.83
CA UNK K 3 -57.89 15.59 15.33
C UNK K 3 -57.21 14.29 14.80
N ASP L 11 -52.79 0.39 21.44
CA ASP L 11 -51.95 -0.42 22.40
C ASP L 11 -51.81 -1.84 21.87
N VAL L 12 -52.92 -2.35 21.33
CA VAL L 12 -52.94 -3.62 20.62
C VAL L 12 -51.96 -3.63 19.44
N GLU L 13 -52.22 -2.73 18.49
CA GLU L 13 -51.40 -2.58 17.30
C GLU L 13 -50.04 -2.10 17.66
N ARG L 14 -49.98 -1.28 18.69
CA ARG L 14 -48.75 -0.60 19.05
C ARG L 14 -47.65 -1.61 19.43
N PHE L 15 -48.04 -2.73 20.04
CA PHE L 15 -47.07 -3.72 20.49
C PHE L 15 -46.97 -4.97 19.63
N LYS L 16 -47.70 -4.98 18.53
CA LYS L 16 -47.73 -6.14 17.63
C LYS L 16 -46.33 -6.68 17.26
N ASP L 17 -45.36 -5.80 17.02
CA ASP L 17 -44.02 -6.22 16.60
C ASP L 17 -42.90 -6.11 17.66
N THR L 18 -43.27 -5.78 18.89
CA THR L 18 -42.35 -5.74 20.02
C THR L 18 -41.92 -7.17 20.35
N VAL L 19 -40.81 -7.35 21.05
CA VAL L 19 -40.38 -8.68 21.47
C VAL L 19 -40.55 -8.85 22.97
N THR L 20 -40.64 -10.10 23.41
CA THR L 20 -40.89 -10.40 24.82
C THR L 20 -39.72 -10.02 25.73
N LEU L 21 -40.03 -9.77 27.01
CA LEU L 21 -39.01 -9.62 28.07
C LEU L 21 -38.67 -11.02 28.56
N GLU L 22 -37.44 -11.44 28.34
CA GLU L 22 -36.99 -12.77 28.70
C GLU L 22 -36.28 -12.66 30.06
N LEU L 23 -36.69 -13.46 31.04
CA LEU L 23 -36.03 -13.48 32.32
C LEU L 23 -35.40 -14.83 32.48
N SER L 24 -34.34 -14.86 33.26
CA SER L 24 -33.64 -16.07 33.58
C SER L 24 -33.69 -16.29 35.11
N CYS L 25 -33.96 -17.52 35.55
CA CYS L 25 -34.13 -17.77 36.99
C CYS L 25 -32.79 -17.82 37.68
N PRO L 26 -32.58 -16.99 38.72
CA PRO L 26 -31.30 -16.99 39.44
C PRO L 26 -30.85 -18.31 40.02
N SER L 27 -31.78 -19.17 40.49
CA SER L 27 -31.39 -20.46 41.06
C SER L 27 -31.03 -21.46 39.98
N CYS L 28 -31.98 -21.76 39.09
CA CYS L 28 -31.85 -22.92 38.21
C CYS L 28 -31.57 -22.58 36.73
N ASP L 29 -31.64 -21.29 36.38
CA ASP L 29 -31.22 -20.76 35.07
C ASP L 29 -32.22 -21.00 33.96
N LYS L 30 -33.41 -21.55 34.24
CA LYS L 30 -34.39 -21.71 33.15
C LYS L 30 -34.90 -20.35 32.70
N ARG L 31 -35.01 -20.19 31.38
CA ARG L 31 -35.37 -18.92 30.77
C ARG L 31 -36.83 -18.91 30.34
N PHE L 32 -37.49 -17.77 30.48
CA PHE L 32 -38.87 -17.70 30.08
C PHE L 32 -39.32 -16.25 29.84
N PRO L 33 -40.35 -16.05 29.01
CA PRO L 33 -40.88 -14.72 28.80
C PRO L 33 -41.76 -14.30 29.95
N PHE L 34 -41.68 -13.03 30.36
CA PHE L 34 -42.52 -12.52 31.44
C PHE L 34 -43.61 -11.65 30.88
N GLY L 35 -44.86 -12.06 31.08
CA GLY L 35 -46.00 -11.36 30.53
C GLY L 35 -46.89 -10.68 31.54
N GLY L 36 -46.34 -10.31 32.68
CA GLY L 36 -47.13 -9.67 33.71
C GLY L 36 -47.85 -10.70 34.54
N ILE L 37 -48.83 -10.23 35.31
CA ILE L 37 -49.61 -11.10 36.17
C ILE L 37 -50.65 -11.84 35.31
N VAL L 38 -50.16 -12.82 34.56
CA VAL L 38 -50.99 -13.67 33.74
C VAL L 38 -50.48 -15.09 33.91
N SER L 39 -51.23 -16.04 33.39
CA SER L 39 -50.84 -17.43 33.54
C SER L 39 -49.64 -17.78 32.65
N SER L 40 -48.87 -18.74 33.12
CA SER L 40 -47.68 -19.23 32.46
C SER L 40 -47.30 -20.57 33.04
N ASN L 41 -46.82 -21.48 32.20
CA ASN L 41 -46.32 -22.78 32.68
C ASN L 41 -44.93 -22.61 33.32
N TYR L 42 -44.32 -21.42 33.21
CA TYR L 42 -42.94 -21.20 33.67
C TYR L 42 -42.77 -20.37 34.92
N TYR L 43 -43.75 -19.51 35.22
CA TYR L 43 -43.66 -18.68 36.40
C TYR L 43 -45.04 -18.41 36.97
N ARG L 44 -45.03 -17.85 38.17
CA ARG L 44 -46.23 -17.55 38.91
C ARG L 44 -45.91 -16.28 39.65
N VAL L 45 -46.87 -15.35 39.69
CA VAL L 45 -46.77 -14.22 40.60
C VAL L 45 -47.67 -14.60 41.77
N SER L 46 -47.03 -14.95 42.87
CA SER L 46 -47.71 -15.41 44.06
C SER L 46 -47.83 -14.22 44.99
N TYR L 47 -48.39 -14.49 46.17
CA TYR L 47 -48.64 -13.47 47.17
C TYR L 47 -47.35 -12.90 47.76
N ASN L 48 -46.21 -13.59 47.63
CA ASN L 48 -44.94 -13.01 48.08
C ASN L 48 -43.92 -12.75 46.96
N GLY L 49 -44.39 -12.68 45.71
CA GLY L 49 -43.54 -12.26 44.60
C GLY L 49 -43.53 -13.17 43.39
N LEU L 50 -42.64 -12.85 42.47
CA LEU L 50 -42.43 -13.62 41.25
C LEU L 50 -41.72 -14.95 41.51
N GLN L 51 -42.36 -16.04 41.13
CA GLN L 51 -41.84 -17.37 41.47
C GLN L 51 -41.61 -18.19 40.22
N CYS L 52 -40.47 -18.87 40.20
CA CYS L 52 -40.11 -19.80 39.14
C CYS L 52 -40.77 -21.14 39.37
N LYS L 53 -41.47 -21.65 38.36
CA LYS L 53 -42.22 -22.91 38.53
C LYS L 53 -41.37 -24.17 38.44
N HIS L 54 -40.20 -24.10 37.81
CA HIS L 54 -39.32 -25.26 37.69
C HIS L 54 -38.69 -25.65 39.04
N CYS L 55 -38.24 -24.65 39.81
CA CYS L 55 -37.56 -24.87 41.09
C CYS L 55 -38.21 -24.20 42.32
N GLU L 56 -39.29 -23.45 42.09
CA GLU L 56 -40.05 -22.81 43.16
C GLU L 56 -39.34 -21.66 43.91
N GLN L 57 -38.16 -21.25 43.44
CA GLN L 57 -37.45 -20.16 44.09
C GLN L 57 -38.03 -18.81 43.66
N LEU L 58 -38.08 -17.91 44.63
CA LEU L 58 -38.66 -16.57 44.44
C LEU L 58 -37.59 -15.62 43.95
N PHE L 59 -37.94 -14.76 42.99
CA PHE L 59 -37.03 -13.71 42.58
C PHE L 59 -37.01 -12.66 43.67
N THR L 60 -35.86 -12.06 43.92
CA THR L 60 -35.80 -10.84 44.66
C THR L 60 -36.03 -9.69 43.68
N PRO L 61 -36.41 -8.52 44.22
CA PRO L 61 -36.57 -7.36 43.35
C PRO L 61 -35.36 -7.05 42.47
N LEU L 62 -34.16 -7.04 43.06
CA LEU L 62 -32.96 -6.76 42.31
C LEU L 62 -32.73 -7.81 41.21
N GLN L 63 -33.03 -9.06 41.49
CA GLN L 63 -32.90 -10.11 40.49
C GLN L 63 -33.84 -9.91 39.29
N LEU L 64 -34.98 -9.26 39.52
CA LEU L 64 -35.91 -8.95 38.44
C LEU L 64 -35.45 -7.72 37.70
N THR L 65 -35.14 -6.66 38.46
CA THR L 65 -34.91 -5.34 37.87
C THR L 65 -33.60 -5.23 37.14
N SER L 66 -32.59 -6.00 37.57
CA SER L 66 -31.32 -5.98 36.85
C SER L 66 -31.52 -6.58 35.44
N GLN L 67 -32.39 -7.56 35.33
CA GLN L 67 -32.69 -8.17 34.05
C GLN L 67 -33.53 -7.25 33.21
N ILE L 68 -34.52 -6.57 33.79
CA ILE L 68 -35.30 -5.57 33.03
C ILE L 68 -34.30 -4.58 32.42
N GLU L 69 -33.44 -4.05 33.27
CA GLU L 69 -32.52 -3.00 32.86
C GLU L 69 -31.52 -3.53 31.79
N HIS L 70 -31.03 -4.75 31.98
CA HIS L 70 -30.11 -5.35 31.02
C HIS L 70 -30.76 -5.49 29.64
N SER L 71 -32.01 -5.96 29.62
CA SER L 71 -32.72 -6.16 28.40
C SER L 71 -32.95 -4.80 27.73
N ILE L 72 -33.38 -3.78 28.47
CA ILE L 72 -33.59 -2.46 27.91
C ILE L 72 -32.29 -2.01 27.25
N ARG L 73 -31.18 -2.13 27.98
CA ARG L 73 -29.92 -1.63 27.48
C ARG L 73 -29.41 -2.37 26.26
N ALA L 74 -29.76 -3.65 26.14
CA ALA L 74 -29.39 -4.43 24.96
C ALA L 74 -30.21 -3.88 23.76
N HIS L 75 -31.47 -3.55 23.98
CA HIS L 75 -32.25 -2.90 22.94
C HIS L 75 -31.66 -1.53 22.60
N ILE L 76 -31.32 -0.73 23.60
CA ILE L 76 -30.82 0.62 23.30
C ILE L 76 -29.50 0.51 22.52
N SER L 77 -28.70 -0.50 22.83
CA SER L 77 -27.43 -0.69 22.14
C SER L 77 -27.63 -1.08 20.69
N LEU L 78 -28.54 -2.01 20.45
CA LEU L 78 -28.82 -2.49 19.10
C LEU L 78 -29.28 -1.27 18.26
N TYR L 79 -30.13 -0.47 18.87
CA TYR L 79 -30.64 0.75 18.28
C TYR L 79 -29.50 1.66 17.83
N TYR L 80 -28.55 1.91 18.71
CA TYR L 80 -27.40 2.76 18.38
C TYR L 80 -26.35 2.08 17.46
N ALA L 81 -26.52 0.79 17.14
CA ALA L 81 -25.66 0.18 16.15
C ALA L 81 -25.93 0.87 14.77
N GLY L 82 -27.14 1.35 14.58
CA GLY L 82 -27.47 2.23 13.49
C GLY L 82 -27.62 1.53 12.15
N TRP L 83 -28.08 0.28 12.17
CA TRP L 83 -28.28 -0.45 10.95
C TRP L 83 -29.32 0.29 10.13
N LEU L 84 -29.11 0.30 8.82
CA LEU L 84 -30.05 0.93 7.89
C LEU L 84 -30.52 -0.12 6.90
N GLN L 85 -31.76 0.04 6.44
CA GLN L 85 -32.30 -0.83 5.41
C GLN L 85 -32.92 -0.03 4.26
N CYS L 86 -32.86 -0.61 3.08
CA CYS L 86 -33.41 -0.03 1.85
C CYS L 86 -34.85 -0.47 1.58
N ASP L 87 -35.74 0.50 1.43
CA ASP L 87 -37.09 0.36 0.86
C ASP L 87 -37.33 -0.61 -0.28
N ASP L 88 -36.46 -0.52 -1.28
CA ASP L 88 -36.76 -1.12 -2.56
C ASP L 88 -36.73 -2.63 -2.30
N SER L 89 -37.85 -3.28 -2.61
CA SER L 89 -38.02 -4.71 -2.35
C SER L 89 -37.07 -5.56 -3.20
N THR L 90 -36.69 -5.08 -4.39
CA THR L 90 -35.68 -5.73 -5.22
C THR L 90 -34.24 -5.31 -4.88
N CYS L 91 -33.99 -4.87 -3.66
CA CYS L 91 -32.63 -4.47 -3.22
C CYS L 91 -32.44 -4.86 -1.77
N GLY L 92 -33.09 -4.11 -0.86
CA GLY L 92 -33.25 -4.53 0.52
C GLY L 92 -32.01 -4.59 1.41
N ILE L 93 -30.87 -4.08 0.93
CA ILE L 93 -29.61 -4.23 1.65
C ILE L 93 -29.67 -3.61 3.01
N VAL L 94 -28.97 -4.25 3.94
CA VAL L 94 -28.82 -3.71 5.28
C VAL L 94 -27.32 -3.41 5.49
N THR L 95 -27.05 -2.22 6.00
CA THR L 95 -25.70 -1.72 6.11
C THR L 95 -25.64 -0.75 7.27
N ARG L 96 -24.44 -0.51 7.77
CA ARG L 96 -24.28 0.58 8.75
C ARG L 96 -23.63 1.81 8.12
N GLN L 97 -23.28 1.71 6.84
CA GLN L 97 -22.72 2.84 6.10
C GLN L 97 -23.84 3.85 5.89
N VAL L 98 -23.52 5.13 6.06
CA VAL L 98 -24.53 6.22 5.88
C VAL L 98 -23.93 7.19 4.87
N SER L 99 -24.60 7.38 3.76
CA SER L 99 -24.13 8.37 2.80
C SER L 99 -24.29 9.80 3.33
N VAL L 100 -23.37 10.66 2.95
CA VAL L 100 -23.58 12.05 3.27
C VAL L 100 -24.94 12.56 2.76
N PHE L 101 -25.56 11.90 1.78
CA PHE L 101 -27.04 12.09 1.52
C PHE L 101 -27.79 10.91 2.10
N GLY L 102 -28.20 11.06 3.37
CA GLY L 102 -28.54 9.94 4.24
C GLY L 102 -29.60 8.97 3.74
N LYS L 103 -30.61 9.49 3.05
CA LYS L 103 -31.68 8.63 2.56
C LYS L 103 -31.30 7.86 1.32
N ARG L 104 -30.17 8.20 0.72
CA ARG L 104 -29.79 7.63 -0.55
C ARG L 104 -29.14 6.29 -0.35
N CYS L 105 -29.56 5.33 -1.17
CA CYS L 105 -29.04 3.97 -1.09
C CYS L 105 -27.67 3.86 -1.76
N LEU L 106 -26.78 3.09 -1.17
CA LEU L 106 -25.42 2.97 -1.65
C LEU L 106 -25.22 1.94 -2.80
N ASN L 107 -26.26 1.20 -3.20
CA ASN L 107 -26.18 0.40 -4.46
C ASN L 107 -26.24 1.21 -5.73
N ASP L 108 -25.21 1.07 -6.55
CA ASP L 108 -25.18 1.83 -7.80
C ASP L 108 -26.57 1.94 -8.38
N GLY L 109 -27.11 3.15 -8.41
CA GLY L 109 -28.31 3.45 -9.21
C GLY L 109 -29.63 3.00 -8.60
N CYS L 110 -29.60 2.54 -7.35
CA CYS L 110 -30.83 2.12 -6.71
C CYS L 110 -31.57 3.35 -6.21
N THR L 111 -32.88 3.41 -6.43
CA THR L 111 -33.68 4.59 -6.12
C THR L 111 -34.44 4.47 -4.81
N GLY L 112 -34.18 3.43 -4.04
CA GLY L 112 -34.88 3.20 -2.81
C GLY L 112 -34.45 4.18 -1.74
N VAL L 113 -35.27 4.28 -0.69
CA VAL L 113 -35.02 5.17 0.44
C VAL L 113 -34.49 4.38 1.61
N MET L 114 -33.44 4.88 2.25
CA MET L 114 -32.86 4.23 3.39
C MET L 114 -33.54 4.67 4.67
N ARG L 115 -33.77 3.73 5.58
CA ARG L 115 -34.40 4.02 6.89
C ARG L 115 -33.70 3.22 7.96
N TYR L 116 -33.46 3.85 9.10
CA TYR L 116 -32.96 3.12 10.26
C TYR L 116 -33.79 1.86 10.48
N LYS L 117 -33.14 0.71 10.52
CA LYS L 117 -33.83 -0.57 10.70
C LYS L 117 -34.48 -0.75 12.12
N TYR L 118 -33.91 -0.18 13.17
CA TYR L 118 -34.59 -0.05 14.46
C TYR L 118 -34.99 1.40 14.61
N SER L 119 -36.18 1.74 14.15
CA SER L 119 -36.65 3.13 14.23
C SER L 119 -36.89 3.56 15.66
N ASP L 120 -36.85 4.86 15.90
CA ASP L 120 -37.06 5.30 17.26
C ASP L 120 -38.52 5.10 17.69
N LYS L 121 -39.42 4.98 16.73
CA LYS L 121 -40.79 4.55 16.99
C LYS L 121 -40.80 3.12 17.56
N GLN L 122 -39.98 2.24 16.99
CA GLN L 122 -39.98 0.86 17.41
C GLN L 122 -39.40 0.72 18.80
N LEU L 123 -38.34 1.46 19.08
CA LEU L 123 -37.71 1.45 20.39
C LEU L 123 -38.66 1.96 21.48
N TYR L 124 -39.32 3.08 21.18
CA TYR L 124 -40.25 3.68 22.08
C TYR L 124 -41.43 2.74 22.36
N ASN L 125 -41.95 2.09 21.33
CA ASN L 125 -42.97 1.05 21.52
C ASN L 125 -42.51 -0.16 22.33
N GLN L 126 -41.25 -0.56 22.15
CA GLN L 126 -40.72 -1.68 22.88
C GLN L 126 -40.63 -1.30 24.38
N LEU L 127 -40.21 -0.07 24.68
CA LEU L 127 -40.12 0.39 26.07
C LEU L 127 -41.51 0.58 26.67
N LEU L 128 -42.47 1.04 25.89
CA LEU L 128 -43.84 1.23 26.39
C LEU L 128 -44.47 -0.14 26.66
N TYR L 129 -44.02 -1.15 25.93
CA TYR L 129 -44.53 -2.51 26.13
C TYR L 129 -43.98 -3.03 27.45
N PHE L 130 -42.68 -2.89 27.65
CA PHE L 130 -42.05 -3.23 28.92
C PHE L 130 -42.74 -2.54 30.09
N ASP L 131 -43.04 -1.26 29.92
CA ASP L 131 -43.71 -0.50 30.94
C ASP L 131 -45.10 -1.07 31.27
N SER L 132 -45.82 -1.49 30.24
CA SER L 132 -47.14 -2.06 30.42
C SER L 132 -47.12 -3.30 31.30
N LEU L 133 -46.06 -4.09 31.20
CA LEU L 133 -45.96 -5.34 31.96
C LEU L 133 -45.97 -5.09 33.48
N PHE L 134 -45.50 -3.92 33.91
CA PHE L 134 -45.41 -3.59 35.33
C PHE L 134 -46.41 -2.50 35.73
N ASP L 135 -47.42 -2.29 34.87
CA ASP L 135 -48.47 -1.30 35.08
C ASP L 135 -49.65 -2.00 35.77
N CYS L 136 -49.90 -1.62 37.02
CA CYS L 136 -50.94 -2.28 37.80
C CYS L 136 -52.34 -2.19 37.19
N GLU L 137 -52.74 -0.97 36.84
CA GLU L 137 -54.06 -0.77 36.25
C GLU L 137 -54.25 -1.67 35.03
N LYS L 138 -53.24 -1.74 34.16
CA LYS L 138 -53.32 -2.55 32.94
C LYS L 138 -53.35 -4.06 33.23
N ASN L 139 -52.54 -4.47 34.20
CA ASN L 139 -52.57 -5.85 34.66
C ASN L 139 -53.97 -6.26 35.15
N LYS L 140 -54.60 -5.40 35.94
CA LYS L 140 -55.90 -5.67 36.55
C LYS L 140 -57.01 -5.67 35.52
N LYS L 141 -56.99 -4.73 34.59
CA LYS L 141 -57.92 -4.71 33.47
C LYS L 141 -57.64 -5.81 32.43
N GLN L 142 -56.55 -6.56 32.62
CA GLN L 142 -56.18 -7.65 31.70
C GLN L 142 -55.99 -7.16 30.25
N GLU L 143 -55.29 -6.04 30.14
CA GLU L 143 -55.06 -5.41 28.85
C GLU L 143 -53.66 -5.69 28.29
N LEU L 144 -52.89 -6.59 28.89
CA LEU L 144 -51.57 -6.88 28.37
C LEU L 144 -51.61 -7.80 27.16
N LYS L 145 -50.63 -7.66 26.29
CA LYS L 145 -50.49 -8.51 25.12
C LYS L 145 -50.12 -9.89 25.58
N PRO L 146 -50.91 -10.90 25.23
CA PRO L 146 -50.62 -12.21 25.77
C PRO L 146 -49.42 -12.80 25.06
N ILE L 147 -48.57 -13.49 25.81
CA ILE L 147 -47.46 -14.22 25.24
C ILE L 147 -47.94 -15.47 24.52
N TYR L 148 -48.94 -16.15 25.09
CA TYR L 148 -49.34 -17.46 24.60
C TYR L 148 -50.76 -17.39 24.09
N LEU L 149 -50.97 -17.68 22.81
CA LEU L 149 -52.32 -17.78 22.30
C LEU L 149 -52.78 -19.23 22.38
N PRO L 150 -54.11 -19.48 22.38
CA PRO L 150 -54.67 -20.80 22.71
C PRO L 150 -54.25 -22.00 21.84
N ASP L 151 -53.58 -21.80 20.71
CA ASP L 151 -53.10 -22.91 19.88
C ASP L 151 -51.56 -23.05 19.85
N ASP L 152 -50.87 -22.29 20.71
CA ASP L 152 -49.46 -22.56 21.01
C ASP L 152 -49.45 -23.82 21.87
N LEU L 153 -48.42 -24.63 21.74
CA LEU L 153 -48.34 -25.91 22.49
C LEU L 153 -48.04 -25.63 23.96
N ASP L 154 -47.84 -24.34 24.26
CA ASP L 154 -47.37 -23.88 25.54
C ASP L 154 -48.45 -23.17 26.35
N TYR L 155 -49.65 -23.07 25.79
CA TYR L 155 -50.73 -22.28 26.37
C TYR L 155 -51.16 -22.88 27.71
N PRO L 156 -51.23 -22.04 28.76
CA PRO L 156 -51.68 -22.56 30.07
C PRO L 156 -53.13 -23.01 30.09
N LYS L 157 -53.34 -24.26 30.51
CA LYS L 157 -54.66 -24.86 30.57
C LYS L 157 -55.62 -24.12 31.51
N GLU L 158 -55.08 -23.39 32.47
CA GLU L 158 -55.88 -22.58 33.40
C GLU L 158 -55.45 -21.13 33.33
N GLN L 159 -56.43 -20.22 33.22
CA GLN L 159 -56.16 -18.78 33.23
C GLN L 159 -56.46 -18.27 34.64
N LEU L 160 -55.96 -17.09 34.98
CA LEU L 160 -56.21 -16.49 36.29
C LEU L 160 -57.54 -15.74 36.25
N THR L 161 -58.32 -15.81 37.33
CA THR L 161 -59.58 -15.06 37.45
C THR L 161 -59.31 -13.58 37.67
N GLU L 162 -60.26 -12.74 37.26
CA GLU L 162 -60.16 -11.31 37.49
C GLU L 162 -59.83 -11.03 38.97
N SER L 163 -60.64 -11.57 39.87
CA SER L 163 -60.51 -11.22 41.27
C SER L 163 -59.16 -11.63 41.87
N SER L 164 -58.57 -12.74 41.41
CA SER L 164 -57.24 -13.10 41.90
C SER L 164 -56.16 -12.15 41.37
N ILE L 165 -56.32 -11.65 40.13
CA ILE L 165 -55.40 -10.64 39.60
C ILE L 165 -55.45 -9.37 40.45
N LYS L 166 -56.66 -8.95 40.83
CA LYS L 166 -56.86 -7.82 41.74
C LYS L 166 -56.06 -8.03 43.01
N ALA L 167 -56.25 -9.20 43.63
CA ALA L 167 -55.55 -9.50 44.87
C ALA L 167 -54.06 -9.45 44.58
N LEU L 168 -53.63 -10.30 43.64
CA LEU L 168 -52.22 -10.46 43.36
C LEU L 168 -51.53 -9.17 42.97
N THR L 169 -52.20 -8.32 42.19
CA THR L 169 -51.60 -7.04 41.81
C THR L 169 -51.28 -6.21 43.05
N GLU L 170 -52.28 -6.03 43.91
CA GLU L 170 -52.16 -5.15 45.08
C GLU L 170 -51.18 -5.69 46.10
N GLN L 171 -51.10 -7.01 46.22
CA GLN L 171 -50.08 -7.69 47.05
C GLN L 171 -48.66 -7.45 46.53
N ASN L 172 -48.49 -7.34 45.21
CA ASN L 172 -47.17 -7.15 44.60
C ASN L 172 -46.98 -5.74 44.05
N ARG L 173 -47.83 -4.82 44.46
CA ARG L 173 -47.74 -3.44 44.02
C ARG L 173 -46.32 -2.86 44.11
N GLU L 174 -45.65 -3.12 45.22
CA GLU L 174 -44.31 -2.57 45.43
C GLU L 174 -43.31 -3.07 44.39
N LEU L 175 -43.42 -4.35 44.05
CA LEU L 175 -42.53 -5.02 43.13
C LEU L 175 -42.78 -4.46 41.71
N MET L 176 -44.06 -4.29 41.38
CA MET L 176 -44.44 -3.78 40.08
C MET L 176 -43.93 -2.37 39.91
N GLU L 177 -44.22 -1.54 40.91
CA GLU L 177 -43.80 -0.14 40.83
C GLU L 177 -42.31 0.05 40.71
N THR L 178 -41.52 -0.84 41.30
CA THR L 178 -40.08 -0.68 41.18
C THR L 178 -39.61 -1.18 39.79
N GLY L 179 -40.18 -2.30 39.32
CA GLY L 179 -39.87 -2.77 37.96
C GLY L 179 -40.21 -1.70 36.96
N ARG L 180 -41.33 -1.06 37.23
CA ARG L 180 -41.81 -0.02 36.37
C ARG L 180 -40.95 1.20 36.47
N SER L 181 -40.41 1.49 37.64
CA SER L 181 -39.46 2.61 37.75
C SER L 181 -38.20 2.43 36.86
N VAL L 182 -37.75 1.20 36.68
CA VAL L 182 -36.59 0.95 35.83
C VAL L 182 -36.89 1.17 34.33
N VAL L 183 -38.10 0.82 33.88
CA VAL L 183 -38.53 1.20 32.54
C VAL L 183 -38.65 2.73 32.41
N GLN L 184 -39.21 3.41 33.41
CA GLN L 184 -39.43 4.85 33.30
C GLN L 184 -38.11 5.63 33.23
N LYS L 185 -37.04 5.10 33.83
CA LYS L 185 -35.72 5.71 33.74
C LYS L 185 -35.34 6.00 32.28
N TYR L 186 -35.66 5.08 31.38
CA TYR L 186 -35.30 5.22 29.98
C TYR L 186 -36.38 5.84 29.11
N LEU L 187 -37.61 5.95 29.63
CA LEU L 187 -38.74 6.51 28.87
C LEU L 187 -38.83 8.04 28.95
N ASN L 188 -38.54 8.61 30.12
CA ASN L 188 -38.37 10.07 30.27
C ASN L 188 -37.20 10.65 29.44
N ASP L 189 -36.11 9.88 29.34
CA ASP L 189 -34.97 10.18 28.44
C ASP L 189 -35.36 10.02 26.96
N CYS L 190 -36.42 9.25 26.71
CA CYS L 190 -36.90 8.98 25.35
C CYS L 190 -38.28 9.64 25.11
#